data_3U4E
#
_entry.id   3U4E
#
_cell.length_a   73.026
_cell.length_b   103.545
_cell.length_c   186.373
_cell.angle_alpha   90.00
_cell.angle_beta   90.00
_cell.angle_gamma   90.00
#
_symmetry.space_group_name_H-M   'P 21 21 21'
#
loop_
_entity.id
_entity.type
_entity.pdbx_description
1 polymer 'V1V2 region of HIV-1 on 1FD6 scaffold'
2 polymer 'PG9 Heavy Chain'
3 polymer 'PG9 Light Chain'
4 branched alpha-D-mannopyranose-(1-3)-[alpha-D-mannopyranose-(1-6)]alpha-D-mannopyranose-(1-6)-[alpha-D-mannopyranose-(1-3)]beta-D-mannopyranose-(1-4)-2-acetamido-2-deoxy-beta-D-glucopyranose-(1-4)-2-acetamido-2-deoxy-beta-D-glucopyranose
5 branched alpha-D-mannopyranose-(1-3)-alpha-D-mannopyranose-(1-6)-[alpha-D-mannopyranose-(1-3)]beta-D-mannopyranose-(1-4)-2-acetamido-2-deoxy-beta-D-glucopyranose-(1-4)-2-acetamido-2-deoxy-beta-D-glucopyranose
6 branched 2-acetamido-2-deoxy-beta-D-glucopyranose-(1-4)-2-acetamido-2-deoxy-beta-D-glucopyranose
7 branched alpha-D-mannopyranose-(1-3)-beta-D-mannopyranose
8 non-polymer 'SULFATE ION'
9 water water
#
loop_
_entity_poly.entity_id
_entity_poly.type
_entity_poly.pdbx_seq_one_letter_code
_entity_poly.pdbx_strand_id
1 'polypeptide(L)'
;MTTFKLAACVTLRCTNATINGSLTEEVKNCSFNITTELRDKKQKAYALFYRPDVVPLNKNSPSGNSSEYILINCQTTTTE
AVDAATAAKVFKQYANDNGIDGEWTYDDATKTFTVTEGLEVLFQ
;
G,J
2 'polypeptide(L)'
;(PCA)RLVESGGGVVQPGSSLRLSCAASGFDFSRQGMHWVRQAPGQGLEWVAFIKYDGSEKYHADSVWGRLSISRDNSKD
TLYLQMNSLRVEDTATYFCVREAGGPDYRNGYN(TYS)(TYS)DFYDGYYNYHYMDVWGKGTTVTVSSASTKGPSVFPLA
PSSKSTSGGTAALGCLVKDYFPEPVTVSWNSGALTSGVHTFPAVLQSSGLYSLSSVVTVPSSSLGTQTYICNVNHKPSNT
KVDKKVEPKSCDKGLEVLFQ
;
H,A
3 'polypeptide(L)'
;QSALTQPASVSGSPGQSITISCQGTSNDVGGYESVSWYQQHPGKAPKVVIYDVSKRPSGVSNRFSGSKSGNTASLTISGL
QAEDEGDYYCKSLTSTRRRVFGTGTKLTVLGQPKAAPSVTLFPPSSEELQANKATLVCLISDFYPGAVTVAWKADSSPVK
AGVETTTPSKQSNNKYAASSYLSLTPEQWKSHKSYSCQVTHEGSTVEKTVAPTECS
;
L,B
#
loop_
_chem_comp.id
_chem_comp.type
_chem_comp.name
_chem_comp.formula
BMA D-saccharide, beta linking beta-D-mannopyranose 'C6 H12 O6'
MAN D-saccharide, alpha linking alpha-D-mannopyranose 'C6 H12 O6'
NAG D-saccharide, beta linking 2-acetamido-2-deoxy-beta-D-glucopyranose 'C8 H15 N O6'
SO4 non-polymer 'SULFATE ION' 'O4 S -2'
#
# COMPACT_ATOMS: atom_id res chain seq x y z
N MET A 1 -35.60 -61.19 5.11
CA MET A 1 -34.47 -60.34 4.80
C MET A 1 -33.25 -60.69 5.65
N THR A 2 -32.15 -59.98 5.42
CA THR A 2 -30.90 -60.23 6.13
C THR A 2 -30.47 -59.02 6.97
N THR A 3 -29.86 -59.29 8.12
CA THR A 3 -29.33 -58.25 8.99
C THR A 3 -27.92 -57.85 8.58
N PHE A 4 -27.76 -56.57 8.28
CA PHE A 4 -26.48 -55.97 7.92
C PHE A 4 -26.11 -54.97 9.00
N LYS A 5 -24.82 -54.75 9.18
CA LYS A 5 -24.35 -53.89 10.26
C LYS A 5 -23.37 -52.85 9.72
N LEU A 6 -23.30 -51.72 10.42
CA LEU A 6 -22.47 -50.62 10.01
C LEU A 6 -21.71 -50.15 11.22
N ALA A 7 -20.39 -50.08 11.10
CA ALA A 7 -19.55 -49.46 12.11
C ALA A 7 -18.92 -48.20 11.54
N ALA A 8 -19.32 -47.05 12.09
CA ALA A 8 -18.77 -45.76 11.70
C ALA A 8 -17.76 -45.30 12.74
N CYS A 9 -16.50 -45.18 12.30
CA CYS A 9 -15.40 -44.96 13.22
C CYS A 9 -14.65 -43.66 12.91
N VAL A 10 -14.25 -42.97 13.98
CA VAL A 10 -13.40 -41.79 13.85
C VAL A 10 -12.16 -41.99 14.72
N THR A 11 -11.03 -41.52 14.22
CA THR A 11 -9.77 -41.70 14.94
C THR A 11 -9.44 -40.44 15.74
N LEU A 12 -8.94 -40.65 16.95
CA LEU A 12 -8.57 -39.57 17.86
C LEU A 12 -7.13 -39.78 18.29
N ARG A 13 -6.36 -38.70 18.39
CA ARG A 13 -5.00 -38.75 18.94
C ARG A 13 -4.98 -38.13 20.33
N CYS A 14 -4.42 -38.87 21.28
CA CYS A 14 -4.48 -38.48 22.69
C CYS A 14 -3.12 -38.03 23.21
N THR A 15 -3.15 -37.14 24.20
CA THR A 15 -1.95 -36.73 24.93
C THR A 15 -2.36 -36.53 26.38
N ASN A 16 -1.40 -36.16 27.24
CA ASN A 16 -1.70 -35.90 28.65
C ASN A 16 -2.68 -34.74 28.78
N ALA A 17 -3.67 -34.90 29.64
CA ALA A 17 -4.63 -33.84 29.86
C ALA A 17 -4.13 -32.84 30.90
N THR A 18 -4.90 -31.77 31.10
CA THR A 18 -4.61 -30.76 32.11
C THR A 18 -5.85 -30.63 32.98
N ILE A 19 -5.74 -31.04 34.24
CA ILE A 19 -6.93 -31.26 35.06
C ILE A 19 -7.25 -30.11 36.03
N ASN A 20 -6.40 -29.90 37.03
CA ASN A 20 -6.57 -28.75 37.91
C ASN A 20 -5.35 -27.84 37.82
N GLY A 21 -4.27 -28.25 38.48
CA GLY A 21 -3.02 -27.50 38.40
C GLY A 21 -2.21 -27.79 37.15
N SER A 22 -2.11 -29.06 36.77
CA SER A 22 -1.08 -29.48 35.83
C SER A 22 -1.43 -30.69 34.97
N LEU A 23 -0.43 -31.19 34.24
CA LEU A 23 -0.58 -32.33 33.36
C LEU A 23 -0.73 -33.64 34.12
N THR A 24 -1.35 -34.62 33.48
CA THR A 24 -1.62 -35.92 34.09
C THR A 24 -1.56 -37.00 33.02
N GLU A 25 -0.96 -38.15 33.34
CA GLU A 25 -1.04 -39.31 32.46
C GLU A 25 -2.31 -40.12 32.73
N GLU A 26 -2.89 -39.95 33.91
CA GLU A 26 -4.18 -40.54 34.26
C GLU A 26 -5.18 -40.29 33.15
N VAL A 27 -5.48 -39.01 32.95
CA VAL A 27 -6.49 -38.58 32.00
C VAL A 27 -5.85 -38.14 30.69
N LYS A 28 -6.49 -38.48 29.58
CA LYS A 28 -5.99 -38.17 28.26
C LYS A 28 -6.92 -37.18 27.58
N ASN A 29 -6.34 -36.19 26.91
CA ASN A 29 -7.07 -35.28 26.05
C ASN A 29 -6.89 -35.71 24.60
N CYS A 30 -8.01 -35.93 23.90
CA CYS A 30 -7.98 -36.61 22.61
C CYS A 30 -8.66 -35.75 21.57
N SER A 31 -7.94 -35.40 20.51
CA SER A 31 -8.50 -34.55 19.46
C SER A 31 -8.76 -35.35 18.19
N PHE A 32 -9.77 -34.92 17.43
CA PHE A 32 -10.13 -35.54 16.18
C PHE A 32 -10.80 -34.48 15.33
N ASN A 33 -11.18 -34.83 14.12
CA ASN A 33 -11.77 -33.88 13.20
C ASN A 33 -13.19 -34.30 12.83
N ILE A 34 -14.15 -33.42 13.07
CA ILE A 34 -15.54 -33.70 12.75
C ILE A 34 -15.97 -32.94 11.50
N THR A 35 -16.68 -33.61 10.60
CA THR A 35 -17.16 -32.99 9.38
C THR A 35 -18.27 -32.00 9.70
N THR A 36 -18.06 -30.74 9.37
CA THR A 36 -19.12 -29.75 9.53
C THR A 36 -19.89 -29.45 8.24
N GLU A 37 -19.30 -29.82 7.10
CA GLU A 37 -19.97 -29.68 5.81
C GLU A 37 -19.54 -30.83 4.93
N LEU A 38 -20.49 -31.57 4.38
CA LEU A 38 -20.16 -32.79 3.67
C LEU A 38 -19.32 -32.49 2.42
N ARG A 39 -18.17 -33.15 2.32
CA ARG A 39 -17.27 -33.04 1.17
C ARG A 39 -16.41 -31.76 1.17
N ASP A 40 -16.70 -30.82 2.07
CA ASP A 40 -16.01 -29.53 2.06
C ASP A 40 -15.08 -29.32 3.25
N LYS A 41 -15.63 -29.27 4.46
CA LYS A 41 -14.81 -28.91 5.61
C LYS A 41 -15.04 -29.71 6.88
N LYS A 42 -13.97 -29.79 7.67
CA LYS A 42 -13.99 -30.41 8.98
C LYS A 42 -13.38 -29.43 9.97
N GLN A 43 -13.60 -29.63 11.26
CA GLN A 43 -12.97 -28.81 12.28
C GLN A 43 -12.57 -29.64 13.49
N LYS A 44 -11.59 -29.16 14.23
CA LYS A 44 -11.03 -29.90 15.35
C LYS A 44 -12.04 -29.98 16.49
N ALA A 45 -12.01 -31.09 17.22
CA ALA A 45 -12.89 -31.32 18.36
C ALA A 45 -12.11 -32.20 19.34
N TYR A 46 -12.57 -32.31 20.58
CA TYR A 46 -11.86 -33.14 21.54
C TYR A 46 -12.79 -33.95 22.46
N ALA A 47 -12.19 -34.89 23.17
CA ALA A 47 -12.88 -35.74 24.13
C ALA A 47 -11.88 -36.11 25.21
N LEU A 48 -12.37 -36.53 26.38
CA LEU A 48 -11.48 -36.95 27.46
C LEU A 48 -11.62 -38.47 27.68
N PHE A 49 -10.50 -39.13 27.96
CA PHE A 49 -10.48 -40.57 28.19
C PHE A 49 -9.78 -40.89 29.50
N TYR A 50 -10.49 -41.52 30.44
CA TYR A 50 -9.92 -41.82 31.74
C TYR A 50 -9.90 -43.32 32.01
N ARG A 51 -8.70 -43.88 32.15
CA ARG A 51 -8.55 -45.28 32.52
C ARG A 51 -7.83 -45.40 33.87
N PRO A 52 -8.55 -45.84 34.91
CA PRO A 52 -7.94 -46.04 36.23
C PRO A 52 -6.83 -47.08 36.24
N SER A 67 5.97 -43.91 22.02
CA SER A 67 4.78 -44.68 21.64
C SER A 67 3.53 -43.80 21.57
N GLU A 68 2.84 -43.83 20.44
CA GLU A 68 1.62 -43.04 20.28
C GLU A 68 0.42 -43.65 21.00
N TYR A 69 -0.57 -42.81 21.26
CA TYR A 69 -1.77 -43.20 21.99
C TYR A 69 -2.98 -42.79 21.16
N ILE A 70 -3.76 -43.78 20.72
CA ILE A 70 -4.85 -43.52 19.78
C ILE A 70 -6.14 -44.22 20.16
N LEU A 71 -7.26 -43.51 20.05
CA LEU A 71 -8.57 -44.08 20.30
C LEU A 71 -9.37 -44.13 19.01
N ILE A 72 -10.18 -45.16 18.83
CA ILE A 72 -11.10 -45.17 17.71
C ILE A 72 -12.51 -45.25 18.28
N ASN A 73 -13.28 -44.19 18.04
CA ASN A 73 -14.63 -44.09 18.55
C ASN A 73 -15.59 -44.58 17.49
N CYS A 74 -16.26 -45.70 17.77
CA CYS A 74 -17.14 -46.34 16.80
C CYS A 74 -18.58 -46.37 17.28
N GLN A 75 -19.50 -46.06 16.38
CA GLN A 75 -20.91 -46.24 16.66
C GLN A 75 -21.43 -47.22 15.63
N THR A 76 -22.21 -48.20 16.08
CA THR A 76 -22.71 -49.20 15.14
C THR A 76 -24.23 -49.16 15.08
N THR A 77 -24.76 -49.52 13.92
CA THR A 77 -26.21 -49.64 13.73
C THR A 77 -26.46 -50.78 12.77
N THR A 78 -27.69 -51.29 12.77
CA THR A 78 -28.04 -52.37 11.85
C THR A 78 -29.24 -51.99 11.01
N THR A 79 -29.46 -52.72 9.92
CA THR A 79 -30.66 -52.58 9.11
C THR A 79 -30.99 -53.93 8.46
N GLU A 80 -32.26 -54.15 8.18
CA GLU A 80 -32.64 -55.33 7.42
C GLU A 80 -32.65 -54.97 5.95
N ALA A 81 -32.09 -55.84 5.11
CA ALA A 81 -32.17 -55.65 3.67
C ALA A 81 -32.08 -56.99 2.96
N VAL A 82 -32.50 -57.01 1.71
CA VAL A 82 -32.50 -58.24 0.94
C VAL A 82 -31.09 -58.66 0.59
N ASP A 83 -30.28 -57.69 0.17
CA ASP A 83 -28.93 -57.95 -0.30
C ASP A 83 -27.96 -56.85 0.12
N ALA A 84 -26.67 -57.15 -0.01
CA ALA A 84 -25.62 -56.22 0.39
C ALA A 84 -25.69 -54.90 -0.36
N ALA A 85 -26.07 -54.94 -1.63
CA ALA A 85 -26.10 -53.71 -2.43
C ALA A 85 -27.12 -52.73 -1.89
N THR A 86 -28.28 -53.27 -1.47
CA THR A 86 -29.33 -52.44 -0.91
C THR A 86 -28.85 -51.80 0.40
N ALA A 87 -28.24 -52.63 1.26
CA ALA A 87 -27.73 -52.15 2.54
C ALA A 87 -26.63 -51.12 2.32
N ALA A 88 -25.88 -51.25 1.24
CA ALA A 88 -24.78 -50.33 0.98
C ALA A 88 -25.37 -48.97 0.67
N LYS A 89 -26.38 -48.94 -0.21
CA LYS A 89 -27.05 -47.67 -0.51
C LYS A 89 -27.55 -47.03 0.79
N VAL A 90 -28.25 -47.81 1.60
CA VAL A 90 -28.84 -47.30 2.83
C VAL A 90 -27.80 -46.73 3.79
N PHE A 91 -26.68 -47.43 3.94
CA PHE A 91 -25.63 -47.01 4.88
C PHE A 91 -24.86 -45.83 4.33
N LYS A 92 -24.76 -45.74 3.01
CA LYS A 92 -24.04 -44.65 2.37
C LYS A 92 -24.80 -43.37 2.67
N GLN A 93 -26.11 -43.40 2.42
CA GLN A 93 -26.96 -42.26 2.67
C GLN A 93 -27.00 -41.91 4.15
N TYR A 94 -27.03 -42.91 5.02
CA TYR A 94 -27.03 -42.67 6.46
C TYR A 94 -25.78 -41.92 6.86
N ALA A 95 -24.65 -42.33 6.28
CA ALA A 95 -23.37 -41.74 6.62
C ALA A 95 -23.33 -40.28 6.20
N ASN A 96 -23.65 -40.02 4.93
CA ASN A 96 -23.69 -38.65 4.41
C ASN A 96 -24.56 -37.75 5.29
N ASP A 97 -25.80 -38.17 5.50
CA ASP A 97 -26.76 -37.44 6.32
C ASP A 97 -26.18 -37.08 7.68
N ASN A 98 -25.41 -37.99 8.27
CA ASN A 98 -24.83 -37.78 9.59
C ASN A 98 -23.41 -37.23 9.58
N GLY A 99 -22.90 -36.88 8.40
CA GLY A 99 -21.59 -36.26 8.29
C GLY A 99 -20.47 -37.23 8.60
N ILE A 100 -20.63 -38.45 8.10
CA ILE A 100 -19.64 -39.50 8.27
C ILE A 100 -19.00 -39.80 6.92
N ASP A 101 -17.69 -39.61 6.83
CA ASP A 101 -16.98 -39.82 5.58
C ASP A 101 -15.61 -40.42 5.86
N GLY A 102 -15.22 -41.40 5.06
CA GLY A 102 -13.92 -42.03 5.22
C GLY A 102 -13.78 -43.20 4.30
N GLU A 103 -12.81 -44.07 4.56
CA GLU A 103 -12.63 -45.28 3.77
C GLU A 103 -13.69 -46.32 4.16
N TRP A 104 -14.26 -46.96 3.15
CA TRP A 104 -15.29 -47.98 3.34
C TRP A 104 -14.73 -49.38 3.12
N THR A 105 -15.27 -50.35 3.84
CA THR A 105 -15.00 -51.75 3.56
C THR A 105 -16.26 -52.54 3.79
N TYR A 106 -16.28 -53.76 3.27
CA TYR A 106 -17.38 -54.68 3.47
C TYR A 106 -16.88 -56.10 3.67
N ASP A 107 -17.33 -56.73 4.74
CA ASP A 107 -17.04 -58.14 4.99
C ASP A 107 -18.32 -58.93 4.79
N ASP A 108 -18.35 -59.73 3.72
CA ASP A 108 -19.53 -60.47 3.33
C ASP A 108 -19.84 -61.57 4.32
N ALA A 109 -18.80 -62.13 4.92
CA ALA A 109 -18.98 -63.23 5.86
C ALA A 109 -19.81 -62.79 7.06
N THR A 110 -19.52 -61.60 7.58
CA THR A 110 -20.25 -61.06 8.73
C THR A 110 -21.34 -60.07 8.33
N LYS A 111 -21.48 -59.79 7.03
CA LYS A 111 -22.47 -58.83 6.57
C LYS A 111 -22.28 -57.49 7.28
N THR A 112 -21.04 -57.04 7.36
CA THR A 112 -20.72 -55.83 8.10
C THR A 112 -19.98 -54.84 7.24
N PHE A 113 -20.50 -53.62 7.15
CA PHE A 113 -19.82 -52.51 6.52
C PHE A 113 -19.10 -51.70 7.59
N THR A 114 -17.94 -51.16 7.25
CA THR A 114 -17.29 -50.19 8.12
C THR A 114 -16.92 -48.96 7.31
N VAL A 115 -17.04 -47.80 7.95
CA VAL A 115 -16.56 -46.57 7.36
C VAL A 115 -15.68 -45.93 8.42
N THR A 116 -14.42 -45.65 8.06
CA THR A 116 -13.48 -45.11 9.03
C THR A 116 -12.85 -43.79 8.59
N GLU A 117 -12.77 -42.86 9.53
CA GLU A 117 -12.32 -41.53 9.27
C GLU A 117 -11.00 -41.28 9.99
N GLY A 118 -9.98 -40.88 9.23
CA GLY A 118 -8.71 -40.46 9.78
C GLY A 118 -7.79 -41.57 10.27
N LEU A 119 -7.81 -42.72 9.62
CA LEU A 119 -6.96 -43.85 10.02
C LEU A 119 -5.47 -43.59 9.74
N GLU A 120 -5.17 -42.66 8.86
CA GLU A 120 -3.79 -42.36 8.51
C GLU A 120 -2.99 -42.02 9.76
N VAL A 121 -3.69 -41.62 10.82
CA VAL A 121 -3.04 -41.30 12.09
C VAL A 121 -2.39 -42.54 12.69
N LEU A 122 -3.09 -43.68 12.60
CA LEU A 122 -2.59 -44.92 13.17
C LEU A 122 -1.54 -45.56 12.27
N THR B 2 8.57 73.38 -15.06
CA THR B 2 9.45 72.31 -14.60
C THR B 2 9.26 71.04 -15.44
N THR B 3 10.34 70.29 -15.59
CA THR B 3 10.32 69.05 -16.36
C THR B 3 10.17 67.86 -15.42
N PHE B 4 9.06 67.14 -15.54
CA PHE B 4 8.83 65.94 -14.76
C PHE B 4 8.98 64.71 -15.64
N LYS B 5 9.48 63.63 -15.07
CA LYS B 5 9.65 62.39 -15.82
C LYS B 5 8.75 61.30 -15.25
N LEU B 6 8.32 60.39 -16.11
CA LEU B 6 7.52 59.25 -15.69
C LEU B 6 8.21 57.98 -16.13
N ALA B 7 8.25 56.99 -15.24
CA ALA B 7 8.77 55.67 -15.59
C ALA B 7 7.69 54.64 -15.39
N ALA B 8 7.21 54.08 -16.50
CA ALA B 8 6.16 53.06 -16.46
C ALA B 8 6.81 51.70 -16.61
N CYS B 9 6.59 50.82 -15.64
CA CYS B 9 7.31 49.57 -15.58
C CYS B 9 6.40 48.35 -15.41
N VAL B 10 6.81 47.23 -15.99
CA VAL B 10 6.15 45.95 -15.78
C VAL B 10 7.20 44.91 -15.39
N THR B 11 6.79 43.97 -14.54
CA THR B 11 7.71 42.98 -14.00
C THR B 11 7.58 41.65 -14.74
N LEU B 12 8.72 41.04 -15.08
CA LEU B 12 8.74 39.75 -15.78
C LEU B 12 9.48 38.71 -14.94
N ARG B 13 8.97 37.47 -14.94
CA ARG B 13 9.67 36.38 -14.27
C ARG B 13 10.33 35.50 -15.32
N CYS B 14 11.64 35.33 -15.19
CA CYS B 14 12.45 34.66 -16.21
C CYS B 14 12.81 33.22 -15.82
N THR B 15 12.71 32.33 -16.80
CA THR B 15 13.11 30.94 -16.62
C THR B 15 13.96 30.52 -17.81
N ASN B 16 14.61 29.36 -17.71
CA ASN B 16 15.44 28.86 -18.80
C ASN B 16 14.64 28.65 -20.08
N ALA B 17 15.12 29.21 -21.18
CA ALA B 17 14.47 29.05 -22.46
C ALA B 17 14.80 27.69 -23.06
N THR B 18 14.24 27.39 -24.23
CA THR B 18 14.59 26.19 -24.97
C THR B 18 15.06 26.59 -26.36
N ILE B 19 16.35 26.38 -26.62
CA ILE B 19 16.93 26.68 -27.93
C ILE B 19 17.37 25.38 -28.59
N ASN B 20 17.20 25.30 -29.91
CA ASN B 20 16.94 24.01 -30.55
C ASN B 20 15.86 23.05 -30.04
N GLY B 21 16.24 21.87 -29.62
CA GLY B 21 15.32 20.98 -28.92
C GLY B 21 15.69 20.88 -27.45
N SER B 22 16.57 21.77 -27.00
CA SER B 22 17.17 21.64 -25.67
C SER B 22 16.89 22.84 -24.76
N LEU B 23 16.73 22.56 -23.47
CA LEU B 23 16.62 23.61 -22.46
C LEU B 23 17.95 24.33 -22.34
N THR B 24 17.89 25.66 -22.29
CA THR B 24 19.08 26.49 -22.44
C THR B 24 19.14 27.58 -21.37
N GLU B 25 20.18 27.55 -20.55
CA GLU B 25 20.38 28.58 -19.53
C GLU B 25 20.91 29.87 -20.15
N GLU B 26 21.43 29.76 -21.38
CA GLU B 26 21.97 30.91 -22.11
C GLU B 26 20.92 31.99 -22.33
N VAL B 27 19.75 31.57 -22.81
CA VAL B 27 18.64 32.49 -23.08
C VAL B 27 17.54 32.31 -22.06
N LYS B 28 16.95 33.40 -21.62
CA LYS B 28 15.87 33.35 -20.64
C LYS B 28 14.52 33.64 -21.30
N ASN B 29 13.52 32.86 -20.92
CA ASN B 29 12.14 33.07 -21.36
C ASN B 29 11.35 33.75 -20.25
N CYS B 30 10.92 34.98 -20.48
CA CYS B 30 10.39 35.81 -19.39
C CYS B 30 8.91 36.14 -19.57
N SER B 31 8.10 35.68 -18.63
CA SER B 31 6.65 35.84 -18.73
C SER B 31 6.16 36.99 -17.85
N PHE B 32 5.09 37.64 -18.29
CA PHE B 32 4.48 38.70 -17.52
C PHE B 32 3.02 38.84 -17.95
N ASN B 33 2.25 39.55 -17.15
CA ASN B 33 0.85 39.77 -17.46
C ASN B 33 0.64 41.19 -17.94
N ILE B 34 0.01 41.32 -19.11
CA ILE B 34 -0.32 42.63 -19.66
C ILE B 34 -1.80 42.94 -19.45
N THR B 35 -2.11 44.22 -19.25
CA THR B 35 -3.47 44.66 -19.09
C THR B 35 -4.13 44.73 -20.46
N THR B 36 -5.14 43.91 -20.70
CA THR B 36 -5.96 44.02 -21.90
C THR B 36 -7.20 44.89 -21.72
N GLU B 37 -7.65 45.01 -20.48
CA GLU B 37 -8.76 45.92 -20.15
C GLU B 37 -8.53 46.52 -18.78
N LEU B 38 -8.55 47.85 -18.72
CA LEU B 38 -8.17 48.53 -17.50
C LEU B 38 -9.07 48.12 -16.35
N ARG B 39 -8.45 47.62 -15.29
CA ARG B 39 -9.13 47.26 -14.05
C ARG B 39 -10.12 46.13 -14.27
N ASP B 40 -9.88 45.33 -15.32
CA ASP B 40 -10.72 44.19 -15.61
C ASP B 40 -9.88 42.93 -15.88
N LYS B 41 -9.13 42.93 -16.98
CA LYS B 41 -8.45 41.72 -17.44
C LYS B 41 -6.98 41.94 -17.74
N LYS B 42 -6.19 40.93 -17.40
CA LYS B 42 -4.81 40.84 -17.86
C LYS B 42 -4.61 39.47 -18.51
N GLN B 43 -3.65 39.37 -19.41
CA GLN B 43 -3.30 38.07 -19.99
C GLN B 43 -1.80 37.89 -20.06
N LYS B 44 -1.38 36.64 -20.00
CA LYS B 44 0.04 36.30 -19.99
C LYS B 44 0.68 36.67 -21.33
N ALA B 45 1.95 37.05 -21.26
CA ALA B 45 2.75 37.37 -22.44
C ALA B 45 4.19 37.03 -22.10
N TYR B 46 5.05 36.92 -23.10
CA TYR B 46 6.46 36.60 -22.84
C TYR B 46 7.44 37.46 -23.62
N ALA B 47 8.70 37.40 -23.19
CA ALA B 47 9.80 38.05 -23.88
C ALA B 47 11.05 37.19 -23.71
N LEU B 48 12.05 37.44 -24.55
CA LEU B 48 13.32 36.74 -24.45
C LEU B 48 14.40 37.69 -23.97
N PHE B 49 15.25 37.20 -23.08
CA PHE B 49 16.38 37.99 -22.58
C PHE B 49 17.66 37.18 -22.72
N TYR B 50 18.62 37.73 -23.45
CA TYR B 50 19.87 37.02 -23.73
C TYR B 50 21.10 37.77 -23.19
N ARG B 51 21.85 37.09 -22.32
CA ARG B 51 23.11 37.63 -21.81
C ARG B 51 24.31 36.78 -22.22
N PRO B 52 25.20 37.34 -23.07
CA PRO B 52 26.47 36.63 -23.29
C PRO B 52 27.19 36.42 -21.95
N ASP B 53 27.64 35.20 -21.68
CA ASP B 53 28.18 34.84 -20.38
C ASP B 53 27.14 35.06 -19.29
N SER B 67 16.70 30.70 -5.81
CA SER B 67 17.15 31.84 -6.59
C SER B 67 16.31 32.07 -7.85
N GLU B 68 15.68 33.23 -7.95
CA GLU B 68 14.85 33.55 -9.11
C GLU B 68 15.41 34.77 -9.86
N TYR B 69 15.06 34.87 -11.14
CA TYR B 69 15.55 35.95 -12.00
C TYR B 69 14.38 36.78 -12.48
N ILE B 70 14.45 38.08 -12.20
CA ILE B 70 13.36 39.00 -12.48
C ILE B 70 13.85 40.15 -13.36
N LEU B 71 13.06 40.48 -14.38
CA LEU B 71 13.31 41.64 -15.20
C LEU B 71 12.23 42.67 -14.96
N ILE B 72 12.62 43.94 -14.84
CA ILE B 72 11.65 45.02 -14.85
C ILE B 72 11.89 45.85 -16.10
N ASN B 73 10.88 45.92 -16.96
CA ASN B 73 10.97 46.66 -18.21
C ASN B 73 10.27 48.01 -18.08
N CYS B 74 10.99 49.10 -18.34
CA CYS B 74 10.44 50.44 -18.17
C CYS B 74 10.55 51.26 -19.44
N GLN B 75 9.53 52.09 -19.67
CA GLN B 75 9.60 53.14 -20.69
C GLN B 75 9.38 54.47 -19.99
N THR B 76 10.21 55.45 -20.32
CA THR B 76 10.13 56.74 -19.65
C THR B 76 9.58 57.81 -20.58
N THR B 77 8.92 58.80 -20.01
CA THR B 77 8.40 59.95 -20.75
C THR B 77 8.45 61.17 -19.85
N THR B 78 8.31 62.35 -20.44
CA THR B 78 8.39 63.58 -19.66
C THR B 78 7.25 64.55 -20.00
N THR B 79 7.06 65.55 -19.15
CA THR B 79 6.05 66.58 -19.37
C THR B 79 6.47 67.89 -18.72
N GLU B 80 5.93 68.99 -19.22
CA GLU B 80 6.17 70.29 -18.63
C GLU B 80 4.96 70.70 -17.80
N ALA B 81 5.15 70.78 -16.48
CA ALA B 81 4.08 71.18 -15.59
C ALA B 81 4.56 72.27 -14.64
N VAL B 82 3.62 72.94 -13.98
CA VAL B 82 3.95 74.01 -13.05
C VAL B 82 4.44 73.42 -11.73
N ASP B 83 3.80 72.34 -11.30
CA ASP B 83 4.18 71.66 -10.06
C ASP B 83 3.93 70.16 -10.18
N ALA B 84 4.23 69.42 -9.13
CA ALA B 84 4.13 67.97 -9.14
C ALA B 84 2.68 67.50 -9.28
N ALA B 85 1.76 68.22 -8.66
CA ALA B 85 0.35 67.83 -8.66
C ALA B 85 -0.22 67.77 -10.08
N THR B 86 -0.03 68.83 -10.84
CA THR B 86 -0.54 68.91 -12.20
C THR B 86 0.10 67.83 -13.08
N ALA B 87 1.40 67.65 -12.91
CA ALA B 87 2.12 66.60 -13.61
C ALA B 87 1.52 65.24 -13.25
N ALA B 88 1.08 65.09 -12.00
CA ALA B 88 0.52 63.82 -11.57
C ALA B 88 -0.78 63.57 -12.31
N LYS B 89 -1.59 64.62 -12.46
CA LYS B 89 -2.83 64.50 -13.21
C LYS B 89 -2.57 64.01 -14.63
N VAL B 90 -1.66 64.68 -15.34
CA VAL B 90 -1.40 64.32 -16.73
C VAL B 90 -0.78 62.91 -16.89
N PHE B 91 0.07 62.52 -15.96
CA PHE B 91 0.72 61.21 -16.04
C PHE B 91 -0.29 60.12 -15.70
N LYS B 92 -1.24 60.46 -14.83
CA LYS B 92 -2.24 59.49 -14.39
C LYS B 92 -3.15 59.17 -15.57
N GLN B 93 -3.63 60.22 -16.23
CA GLN B 93 -4.48 60.04 -17.40
C GLN B 93 -3.71 59.30 -18.48
N TYR B 94 -2.44 59.64 -18.62
CA TYR B 94 -1.57 58.99 -19.60
C TYR B 94 -1.49 57.49 -19.31
N ALA B 95 -1.42 57.14 -18.02
CA ALA B 95 -1.28 55.75 -17.63
C ALA B 95 -2.55 54.97 -17.95
N ASN B 96 -3.70 55.56 -17.63
CA ASN B 96 -4.98 54.92 -17.94
C ASN B 96 -5.09 54.60 -19.43
N ASP B 97 -4.92 55.62 -20.27
CA ASP B 97 -5.11 55.46 -21.71
C ASP B 97 -4.27 54.33 -22.28
N ASN B 98 -3.08 54.14 -21.73
CA ASN B 98 -2.16 53.11 -22.21
C ASN B 98 -2.22 51.79 -21.45
N GLY B 99 -3.17 51.67 -20.53
CA GLY B 99 -3.40 50.43 -19.82
C GLY B 99 -2.30 50.09 -18.84
N ILE B 100 -1.82 51.12 -18.14
CA ILE B 100 -0.80 50.94 -17.12
C ILE B 100 -1.43 51.19 -15.76
N ASP B 101 -1.45 50.15 -14.93
CA ASP B 101 -2.07 50.25 -13.62
C ASP B 101 -1.17 49.58 -12.59
N GLY B 102 -0.67 50.35 -11.63
CA GLY B 102 0.22 49.79 -10.64
C GLY B 102 0.54 50.73 -9.49
N GLU B 103 1.57 50.39 -8.74
CA GLU B 103 1.99 51.19 -7.60
C GLU B 103 2.71 52.45 -8.06
N TRP B 104 2.28 53.59 -7.55
CA TRP B 104 2.86 54.87 -7.94
C TRP B 104 3.91 55.34 -6.93
N THR B 105 4.97 55.95 -7.45
CA THR B 105 6.03 56.51 -6.63
C THR B 105 6.40 57.90 -7.14
N TYR B 106 6.86 58.78 -6.26
CA TYR B 106 7.38 60.07 -6.68
C TYR B 106 8.63 60.47 -5.89
N ASP B 107 9.71 60.79 -6.61
CA ASP B 107 10.92 61.31 -5.99
C ASP B 107 11.06 62.80 -6.31
N ASP B 108 10.91 63.64 -5.29
CA ASP B 108 10.94 65.08 -5.48
C ASP B 108 12.31 65.55 -5.97
N ALA B 109 13.36 64.82 -5.58
CA ALA B 109 14.72 65.19 -5.93
C ALA B 109 14.90 65.32 -7.44
N THR B 110 14.60 64.24 -8.16
CA THR B 110 14.80 64.19 -9.60
C THR B 110 13.54 64.54 -10.39
N LYS B 111 12.48 64.91 -9.68
CA LYS B 111 11.19 65.22 -10.31
C LYS B 111 10.75 64.05 -11.18
N THR B 112 10.54 62.91 -10.54
CA THR B 112 10.24 61.68 -11.27
C THR B 112 9.11 60.88 -10.62
N PHE B 113 8.20 60.42 -11.44
CA PHE B 113 7.14 59.51 -11.02
C PHE B 113 7.48 58.12 -11.52
N THR B 114 7.03 57.10 -10.78
CA THR B 114 7.10 55.72 -11.23
C THR B 114 5.73 55.08 -11.05
N VAL B 115 5.35 54.23 -12.00
CA VAL B 115 4.19 53.37 -11.83
C VAL B 115 4.60 51.97 -12.26
N THR B 116 4.33 50.98 -11.41
CA THR B 116 4.84 49.64 -11.64
C THR B 116 3.80 48.55 -11.42
N GLU B 117 3.66 47.68 -12.41
CA GLU B 117 2.81 46.50 -12.33
C GLU B 117 3.61 45.29 -11.90
N GLY B 118 2.99 44.44 -11.08
CA GLY B 118 3.53 43.12 -10.79
C GLY B 118 4.75 43.11 -9.90
N LEU B 119 4.97 44.22 -9.20
CA LEU B 119 6.18 44.38 -8.39
C LEU B 119 6.22 43.46 -7.17
N GLU B 120 5.11 42.78 -6.87
CA GLU B 120 5.04 41.94 -5.68
C GLU B 120 5.87 40.66 -5.81
N VAL B 121 6.14 40.22 -7.04
CA VAL B 121 6.91 38.99 -7.26
C VAL B 121 8.36 39.17 -6.84
N LEU B 122 8.80 40.41 -6.77
CA LEU B 122 10.17 40.73 -6.38
C LEU B 122 10.32 40.60 -4.87
N PHE B 123 9.28 40.99 -4.14
CA PHE B 123 9.27 40.86 -2.68
C PHE B 123 8.60 39.56 -2.28
N PCA C 1 -8.92 -5.12 4.76
CA PCA C 1 -8.45 -5.42 6.14
CB PCA C 1 -7.59 -6.67 6.16
CG PCA C 1 -7.69 -7.28 4.75
CD PCA C 1 -8.44 -6.25 3.96
OE PCA C 1 -8.64 -6.35 2.73
C PCA C 1 -7.68 -4.20 6.61
O PCA C 1 -6.92 -3.63 5.83
HA PCA C 1 -9.30 -5.60 6.82
HB2 PCA C 1 -6.54 -6.43 6.41
HB3 PCA C 1 -7.94 -7.38 6.91
HG2 PCA C 1 -6.70 -7.47 4.32
HG3 PCA C 1 -8.23 -8.24 4.76
N ARG C 2 -8.07 -3.78 7.80
CA ARG C 2 -7.51 -2.56 8.35
C ARG C 2 -7.37 -2.70 9.86
N LEU C 3 -6.29 -2.15 10.41
CA LEU C 3 -6.04 -2.17 11.84
C LEU C 3 -5.66 -0.77 12.30
N VAL C 4 -6.37 -0.25 13.29
CA VAL C 4 -6.10 1.09 13.81
C VAL C 4 -5.76 1.04 15.31
N GLU C 5 -4.49 1.29 15.63
CA GLU C 5 -4.05 1.31 17.03
C GLU C 5 -4.38 2.63 17.71
N SER C 6 -4.50 2.61 19.04
CA SER C 6 -4.63 3.83 19.82
C SER C 6 -4.27 3.56 21.27
N GLY C 7 -4.25 4.62 22.08
CA GLY C 7 -3.96 4.52 23.49
C GLY C 7 -2.56 4.97 23.87
N GLY C 8 -1.78 5.42 22.88
CA GLY C 8 -0.39 5.77 23.11
C GLY C 8 -0.20 7.16 23.69
N GLY C 9 1.04 7.47 24.08
CA GLY C 9 1.37 8.75 24.65
C GLY C 9 2.63 8.66 25.51
N VAL C 10 2.76 9.58 26.45
CA VAL C 10 3.89 9.60 27.37
C VAL C 10 3.39 9.12 28.74
N VAL C 11 4.12 8.19 29.33
CA VAL C 11 3.72 7.65 30.62
C VAL C 11 4.91 7.56 31.57
N GLN C 12 4.60 7.57 32.86
CA GLN C 12 5.59 7.50 33.93
C GLN C 12 6.20 6.11 34.00
N PRO C 13 7.52 6.03 34.19
CA PRO C 13 8.09 4.71 34.45
C PRO C 13 7.40 4.10 35.66
N GLY C 14 7.03 2.82 35.56
CA GLY C 14 6.39 2.12 36.65
C GLY C 14 4.88 2.19 36.62
N SER C 15 4.31 3.02 35.76
CA SER C 15 2.86 3.10 35.66
C SER C 15 2.36 2.14 34.59
N SER C 16 1.05 2.15 34.35
CA SER C 16 0.41 1.21 33.43
C SER C 16 -0.23 1.93 32.25
N LEU C 17 -0.40 1.18 31.16
CA LEU C 17 -1.04 1.70 29.96
C LEU C 17 -1.74 0.57 29.20
N ARG C 18 -2.89 0.87 28.60
CA ARG C 18 -3.59 -0.12 27.79
C ARG C 18 -3.71 0.36 26.36
N LEU C 19 -3.07 -0.34 25.44
CA LEU C 19 -3.20 -0.05 24.02
C LEU C 19 -4.36 -0.83 23.39
N SER C 20 -5.04 -0.19 22.43
CA SER C 20 -6.16 -0.80 21.73
C SER C 20 -5.90 -0.86 20.23
N CYS C 21 -6.50 -1.85 19.58
CA CYS C 21 -6.47 -1.94 18.13
C CYS C 21 -7.84 -2.36 17.62
N ALA C 22 -8.48 -1.49 16.83
CA ALA C 22 -9.77 -1.82 16.25
C ALA C 22 -9.61 -2.41 14.86
N ALA C 23 -10.07 -3.64 14.68
CA ALA C 23 -9.93 -4.32 13.40
C ALA C 23 -11.20 -4.18 12.57
N SER C 24 -11.04 -4.08 11.26
CA SER C 24 -12.19 -4.07 10.35
C SER C 24 -11.82 -4.65 8.99
N GLY C 25 -12.84 -5.09 8.26
CA GLY C 25 -12.66 -5.57 6.89
C GLY C 25 -12.26 -7.02 6.77
N PHE C 26 -12.30 -7.75 7.88
CA PHE C 26 -12.00 -9.18 7.85
C PHE C 26 -12.64 -9.87 9.04
N ASP C 27 -12.65 -11.20 9.05
CA ASP C 27 -13.36 -11.91 10.10
C ASP C 27 -12.38 -12.08 11.27
N PHE C 28 -12.57 -11.25 12.27
CA PHE C 28 -11.57 -11.05 13.30
C PHE C 28 -11.48 -12.30 14.15
N SER C 29 -12.64 -12.90 14.39
CA SER C 29 -12.74 -14.00 15.33
C SER C 29 -12.12 -15.31 14.81
N ARG C 30 -11.77 -15.36 13.52
CA ARG C 30 -11.11 -16.55 13.00
C ARG C 30 -9.58 -16.45 12.87
N GLN C 31 -9.02 -15.28 13.14
CA GLN C 31 -7.59 -15.03 12.86
C GLN C 31 -6.77 -14.67 14.09
N GLY C 32 -5.53 -15.15 14.14
CA GLY C 32 -4.60 -14.77 15.18
C GLY C 32 -4.05 -13.38 14.97
N MET C 33 -3.56 -12.78 16.05
CA MET C 33 -3.07 -11.41 16.02
C MET C 33 -1.79 -11.30 16.83
N HIS C 34 -0.94 -10.34 16.44
CA HIS C 34 0.30 -10.07 17.15
C HIS C 34 0.38 -8.62 17.57
N TRP C 35 1.27 -8.35 18.52
CA TRP C 35 1.84 -7.02 18.70
C TRP C 35 3.32 -7.11 18.35
N VAL C 36 3.79 -6.12 17.61
CA VAL C 36 5.20 -5.98 17.27
C VAL C 36 5.58 -4.53 17.60
N ARG C 37 6.76 -4.31 18.15
CA ARG C 37 7.18 -2.94 18.46
C ARG C 37 8.51 -2.62 17.81
N GLN C 38 8.73 -1.33 17.61
CA GLN C 38 9.98 -0.84 17.06
C GLN C 38 10.41 0.44 17.76
N ALA C 39 11.55 0.42 18.43
CA ALA C 39 12.06 1.64 19.05
C ALA C 39 12.63 2.53 17.95
N PRO C 40 12.53 3.86 18.12
CA PRO C 40 12.98 4.74 17.03
C PRO C 40 14.42 4.44 16.62
N GLY C 41 14.63 4.26 15.31
CA GLY C 41 15.95 3.97 14.79
C GLY C 41 16.45 2.56 15.05
N GLN C 42 15.60 1.71 15.63
CA GLN C 42 15.98 0.33 15.92
C GLN C 42 15.16 -0.65 15.10
N GLY C 43 15.37 -1.94 15.33
CA GLY C 43 14.75 -2.98 14.53
C GLY C 43 13.40 -3.41 15.06
N LEU C 44 12.79 -4.38 14.39
CA LEU C 44 11.49 -4.91 14.82
C LEU C 44 11.70 -5.90 15.96
N GLU C 45 10.79 -5.87 16.92
CA GLU C 45 10.84 -6.85 18.01
C GLU C 45 9.45 -7.41 18.23
N TRP C 46 9.33 -8.72 18.06
CA TRP C 46 8.06 -9.40 18.30
C TRP C 46 7.70 -9.32 19.79
N VAL C 47 6.45 -9.01 20.07
CA VAL C 47 5.98 -8.84 21.45
C VAL C 47 5.12 -10.01 21.92
N ALA C 48 4.02 -10.28 21.23
CA ALA C 48 3.08 -11.31 21.64
C ALA C 48 2.20 -11.78 20.50
N PHE C 49 1.64 -12.98 20.66
CA PHE C 49 0.69 -13.55 19.71
C PHE C 49 -0.47 -14.13 20.49
N ILE C 50 -1.68 -14.01 19.94
CA ILE C 50 -2.84 -14.61 20.59
C ILE C 50 -3.73 -15.31 19.56
N LYS C 51 -4.19 -16.51 19.89
CA LYS C 51 -5.01 -17.30 18.96
C LYS C 51 -6.36 -16.64 18.73
N TYR C 52 -6.99 -17.02 17.62
CA TYR C 52 -8.26 -16.44 17.21
C TYR C 52 -9.29 -16.42 18.35
N ASP C 53 -9.31 -17.45 19.18
CA ASP C 53 -10.31 -17.54 20.24
C ASP C 53 -9.82 -17.06 21.61
N GLY C 54 -8.55 -16.65 21.69
CA GLY C 54 -7.98 -16.14 22.93
C GLY C 54 -7.56 -17.23 23.90
N SER C 55 -7.67 -18.49 23.46
CA SER C 55 -7.41 -19.63 24.34
C SER C 55 -5.92 -19.86 24.60
N GLU C 56 -5.06 -19.26 23.78
CA GLU C 56 -3.62 -19.37 24.00
C GLU C 56 -2.92 -18.07 23.65
N LYS C 57 -1.86 -17.77 24.42
CA LYS C 57 -1.09 -16.54 24.27
C LYS C 57 0.39 -16.87 24.37
N TYR C 58 1.22 -16.15 23.64
CA TYR C 58 2.67 -16.29 23.77
C TYR C 58 3.31 -14.91 23.80
N HIS C 59 4.30 -14.74 24.67
CA HIS C 59 4.95 -13.46 24.84
C HIS C 59 6.46 -13.61 24.71
N ALA C 60 7.13 -12.58 24.22
CA ALA C 60 8.59 -12.56 24.20
C ALA C 60 9.11 -12.53 25.63
N ASP C 61 10.27 -13.12 25.85
CA ASP C 61 10.85 -13.18 27.19
C ASP C 61 11.18 -11.78 27.72
N SER C 62 11.56 -10.89 26.82
CA SER C 62 11.93 -9.54 27.23
C SER C 62 10.73 -8.74 27.78
N VAL C 63 9.53 -9.05 27.33
CA VAL C 63 8.33 -8.37 27.83
C VAL C 63 7.50 -9.16 28.85
N TRP C 64 7.86 -10.40 29.13
CA TRP C 64 7.00 -11.23 29.95
C TRP C 64 6.86 -10.68 31.37
N GLY C 65 5.63 -10.62 31.84
CA GLY C 65 5.34 -10.09 33.17
C GLY C 65 4.93 -8.64 33.14
N ARG C 66 5.30 -7.93 32.08
CA ARG C 66 4.96 -6.53 31.92
C ARG C 66 3.86 -6.35 30.88
N LEU C 67 4.14 -6.79 29.65
CA LEU C 67 3.18 -6.67 28.55
C LEU C 67 2.39 -7.96 28.38
N SER C 68 1.07 -7.85 28.26
CA SER C 68 0.24 -9.02 28.05
C SER C 68 -0.87 -8.73 27.04
N ILE C 69 -1.12 -9.71 26.18
CA ILE C 69 -2.01 -9.53 25.05
C ILE C 69 -3.36 -10.13 25.40
N SER C 70 -4.42 -9.52 24.89
CA SER C 70 -5.76 -10.09 25.02
C SER C 70 -6.62 -9.58 23.88
N ARG C 71 -7.85 -10.07 23.79
CA ARG C 71 -8.73 -9.62 22.72
C ARG C 71 -10.18 -9.71 23.12
N ASP C 72 -11.03 -8.89 22.50
CA ASP C 72 -12.48 -9.04 22.65
C ASP C 72 -13.10 -9.25 21.28
N ASN C 73 -13.55 -10.46 20.99
CA ASN C 73 -14.01 -10.76 19.64
C ASN C 73 -15.36 -10.13 19.35
N SER C 74 -16.11 -9.79 20.39
CA SER C 74 -17.40 -9.14 20.19
C SER C 74 -17.23 -7.68 19.78
N LYS C 75 -16.08 -7.09 20.13
CA LYS C 75 -15.76 -5.73 19.70
C LYS C 75 -14.79 -5.66 18.51
N ASP C 76 -14.31 -6.81 18.05
CA ASP C 76 -13.26 -6.83 17.03
C ASP C 76 -12.07 -5.97 17.49
N THR C 77 -11.65 -6.16 18.74
CA THR C 77 -10.59 -5.35 19.32
C THR C 77 -9.49 -6.21 19.93
N LEU C 78 -8.25 -5.80 19.69
CA LEU C 78 -7.08 -6.44 20.27
C LEU C 78 -6.49 -5.48 21.30
N TYR C 79 -6.00 -6.01 22.42
CA TYR C 79 -5.43 -5.16 23.47
C TYR C 79 -4.01 -5.57 23.82
N LEU C 80 -3.24 -4.60 24.29
CA LEU C 80 -1.98 -4.87 24.95
C LEU C 80 -1.96 -4.14 26.29
N GLN C 81 -1.97 -4.91 27.37
CA GLN C 81 -1.88 -4.33 28.71
C GLN C 81 -0.42 -4.19 29.11
N MET C 82 -0.03 -2.98 29.47
CA MET C 82 1.36 -2.69 29.78
C MET C 82 1.49 -2.26 31.24
N ASN C 83 2.23 -3.03 32.02
CA ASN C 83 2.40 -2.75 33.44
C ASN C 83 3.86 -2.49 33.80
N SER C 84 4.08 -1.68 34.83
CA SER C 84 5.41 -1.44 35.36
C SER C 84 6.39 -1.10 34.25
N LEU C 85 6.02 -0.11 33.45
CA LEU C 85 6.76 0.23 32.25
C LEU C 85 8.18 0.72 32.56
N ARG C 86 9.10 0.40 31.65
CA ARG C 86 10.48 0.85 31.74
C ARG C 86 10.76 1.81 30.58
N VAL C 87 11.72 2.69 30.77
CA VAL C 87 12.09 3.64 29.72
C VAL C 87 12.41 2.88 28.42
N GLU C 88 12.82 1.63 28.55
CA GLU C 88 13.21 0.80 27.40
C GLU C 88 12.01 0.23 26.64
N ASP C 89 10.80 0.44 27.14
CA ASP C 89 9.61 0.00 26.43
C ASP C 89 9.12 1.12 25.51
N THR C 90 9.87 2.21 25.45
CA THR C 90 9.57 3.29 24.52
C THR C 90 9.68 2.76 23.09
N ALA C 91 8.63 2.96 22.30
CA ALA C 91 8.62 2.45 20.94
C ALA C 91 7.31 2.75 20.25
N THR C 92 7.30 2.49 18.95
CA THR C 92 6.06 2.42 18.19
C THR C 92 5.56 1.00 18.32
N TYR C 93 4.27 0.86 18.63
CA TYR C 93 3.65 -0.44 18.82
C TYR C 93 2.64 -0.71 17.69
N PHE C 94 2.89 -1.79 16.96
CA PHE C 94 2.06 -2.18 15.81
C PHE C 94 1.15 -3.35 16.14
N CYS C 95 -0.11 -3.22 15.77
CA CYS C 95 -1.08 -4.31 15.75
C CYS C 95 -0.92 -5.04 14.41
N VAL C 96 -0.86 -6.37 14.43
CA VAL C 96 -0.52 -7.14 13.21
C VAL C 96 -1.33 -8.41 13.07
N ARG C 97 -1.79 -8.69 11.86
CA ARG C 97 -2.56 -9.90 11.60
C ARG C 97 -1.69 -11.06 11.17
N GLU C 98 -1.88 -12.21 11.80
CA GLU C 98 -1.25 -13.45 11.36
C GLU C 98 -2.03 -14.01 10.19
N ALA C 99 -1.37 -14.19 9.05
CA ALA C 99 -2.00 -14.82 7.91
C ALA C 99 -2.33 -16.27 8.26
N GLY C 100 -3.48 -16.74 7.81
CA GLY C 100 -3.91 -18.08 8.12
C GLY C 100 -5.05 -18.54 7.23
N GLY C 101 -5.48 -19.76 7.44
CA GLY C 101 -6.50 -20.38 6.62
C GLY C 101 -6.65 -21.84 7.03
N PRO C 102 -7.35 -22.62 6.19
CA PRO C 102 -7.50 -24.05 6.43
C PRO C 102 -6.25 -24.84 6.08
N ASP C 103 -6.18 -26.08 6.56
CA ASP C 103 -5.16 -27.03 6.13
C ASP C 103 -5.81 -28.01 5.16
N TYR C 104 -5.18 -28.24 4.02
CA TYR C 104 -5.79 -29.15 3.03
C TYR C 104 -5.26 -30.57 3.09
N ARG C 105 -6.18 -31.53 3.20
CA ARG C 105 -5.84 -32.94 3.10
C ARG C 105 -7.04 -33.73 2.59
N ASN C 106 -6.79 -34.77 1.80
CA ASN C 106 -7.83 -35.71 1.41
C ASN C 106 -9.14 -35.06 0.96
N GLY C 107 -9.05 -34.00 0.16
CA GLY C 107 -10.24 -33.37 -0.40
C GLY C 107 -11.00 -32.49 0.57
N TYR C 108 -10.40 -32.19 1.72
CA TYR C 108 -11.08 -31.45 2.77
C TYR C 108 -10.25 -30.27 3.25
N ASN C 109 -10.93 -29.18 3.62
CA ASN C 109 -10.29 -28.08 4.33
C ASN C 109 -10.46 -28.27 5.83
N TYS C 110 -9.35 -28.36 6.55
CA TYS C 110 -9.38 -28.60 7.99
CB TYS C 110 -8.35 -29.63 8.37
CG TYS C 110 -8.65 -31.04 7.95
CD1 TYS C 110 -8.35 -31.47 6.66
CD2 TYS C 110 -9.26 -31.92 8.84
CE1 TYS C 110 -8.64 -32.77 6.28
CE2 TYS C 110 -9.55 -33.22 8.45
CZ TYS C 110 -9.23 -33.66 7.16
OH TYS C 110 -9.54 -34.95 6.75
S TYS C 110 -9.02 -36.17 7.42
O1 TYS C 110 -7.96 -35.86 8.35
O2 TYS C 110 -10.02 -36.75 8.29
O3 TYS C 110 -8.57 -37.16 6.42
C TYS C 110 -9.17 -27.32 8.75
O TYS C 110 -8.25 -26.53 8.44
H TYS C 110 -8.49 -28.28 6.24
HA TYS C 110 -10.25 -28.93 8.24
HB2 TYS C 110 -7.49 -29.38 7.96
HB3 TYS C 110 -8.25 -29.62 9.34
HD1 TYS C 110 -7.93 -30.85 6.04
HD2 TYS C 110 -9.47 -31.63 9.73
HE1 TYS C 110 -8.43 -33.06 5.37
HE2 TYS C 110 -9.96 -33.83 9.07
N TYS C 111 -10.01 -27.08 9.75
CA TYS C 111 -9.91 -25.88 10.56
CB TYS C 111 -11.13 -25.01 10.37
CG TYS C 111 -11.35 -24.40 9.02
CD1 TYS C 111 -12.19 -25.04 8.11
CD2 TYS C 111 -10.75 -23.20 8.66
CE1 TYS C 111 -12.41 -24.49 6.85
CE2 TYS C 111 -10.96 -22.66 7.41
CZ TYS C 111 -11.80 -23.30 6.50
OH TYS C 111 -12.01 -22.73 5.25
S TYS C 111 -13.30 -22.03 4.98
O1 TYS C 111 -14.12 -22.74 4.03
O2 TYS C 111 -14.18 -22.04 6.13
O3 TYS C 111 -13.04 -20.64 4.56
C TYS C 111 -9.72 -26.22 12.02
O TYS C 111 -10.01 -27.36 12.45
HB2 TYS C 111 -11.91 -25.55 10.59
HB3 TYS C 111 -11.08 -24.27 11.02
HD1 TYS C 111 -12.63 -25.88 8.36
HD2 TYS C 111 -10.16 -22.76 9.30
HE1 TYS C 111 -13.00 -24.94 6.22
HE2 TYS C 111 -10.54 -21.83 7.16
N ASP C 112 -9.25 -25.24 12.80
CA ASP C 112 -8.99 -25.45 14.21
C ASP C 112 -10.33 -25.50 14.95
N PHE C 113 -10.28 -25.59 16.28
CA PHE C 113 -11.51 -25.64 17.06
C PHE C 113 -12.38 -24.46 16.69
N TYR C 114 -13.70 -24.66 16.67
CA TYR C 114 -14.62 -23.57 16.40
C TYR C 114 -14.41 -22.93 15.04
N ASP C 115 -13.86 -23.70 14.10
CA ASP C 115 -13.68 -23.25 12.72
C ASP C 115 -12.66 -22.12 12.57
N GLY C 116 -11.74 -22.01 13.52
CA GLY C 116 -10.69 -21.01 13.43
C GLY C 116 -9.63 -21.38 12.41
N TYR C 117 -8.85 -20.39 11.99
CA TYR C 117 -7.79 -20.60 11.02
C TYR C 117 -6.56 -21.20 11.66
N TYR C 118 -5.88 -22.06 10.91
CA TYR C 118 -4.51 -22.45 11.23
C TYR C 118 -3.57 -21.33 10.78
N ASN C 119 -2.43 -21.22 11.44
CA ASN C 119 -1.51 -20.14 11.16
C ASN C 119 -0.64 -20.46 9.96
N TYR C 120 -0.48 -19.47 9.07
CA TYR C 120 0.39 -19.60 7.91
C TYR C 120 1.78 -19.01 8.15
N HIS C 121 1.98 -18.49 9.36
CA HIS C 121 3.30 -18.08 9.84
C HIS C 121 3.92 -16.93 9.05
N TYR C 122 3.10 -15.94 8.73
CA TYR C 122 3.62 -14.64 8.32
C TYR C 122 2.56 -13.58 8.61
N MET C 123 2.99 -12.33 8.59
CA MET C 123 2.10 -11.22 8.97
C MET C 123 1.68 -10.50 7.71
N ASP C 124 0.39 -10.54 7.40
CA ASP C 124 -0.12 -9.95 6.16
C ASP C 124 -0.85 -8.61 6.27
N VAL C 125 -1.07 -8.11 7.48
CA VAL C 125 -1.71 -6.81 7.67
C VAL C 125 -1.11 -6.10 8.89
N TRP C 126 -0.73 -4.84 8.73
CA TRP C 126 -0.18 -4.04 9.83
C TRP C 126 -0.99 -2.79 10.02
N GLY C 127 -1.06 -2.30 11.24
CA GLY C 127 -1.58 -0.97 11.48
C GLY C 127 -0.45 0.04 11.29
N LYS C 128 -0.76 1.33 11.41
CA LYS C 128 0.24 2.36 11.28
C LYS C 128 1.08 2.47 12.55
N GLY C 129 0.53 2.01 13.67
CA GLY C 129 1.25 1.99 14.92
C GLY C 129 0.90 3.16 15.83
N THR C 130 1.11 2.97 17.13
CA THR C 130 0.94 4.02 18.12
C THR C 130 2.23 4.14 18.93
N THR C 131 2.61 5.35 19.30
CA THR C 131 3.90 5.57 19.95
C THR C 131 3.75 5.69 21.45
N VAL C 132 4.60 4.96 22.16
CA VAL C 132 4.65 5.03 23.62
C VAL C 132 6.02 5.56 24.02
N THR C 133 6.04 6.63 24.82
CA THR C 133 7.29 7.15 25.37
C THR C 133 7.24 7.03 26.89
N VAL C 134 8.20 6.33 27.46
CA VAL C 134 8.25 6.16 28.91
C VAL C 134 9.32 7.10 29.47
N SER C 135 8.88 8.11 30.20
CA SER C 135 9.81 9.06 30.81
C SER C 135 9.20 9.67 32.07
N SER C 136 10.04 9.91 33.08
CA SER C 136 9.59 10.54 34.30
C SER C 136 9.73 12.05 34.21
N ALA C 137 10.32 12.53 33.13
CA ALA C 137 10.55 13.96 32.95
C ALA C 137 9.25 14.70 32.69
N SER C 138 9.17 15.91 33.24
CA SER C 138 8.17 16.89 32.85
C SER C 138 8.89 17.83 31.89
N THR C 139 8.21 18.86 31.39
CA THR C 139 8.85 19.76 30.44
C THR C 139 10.17 20.26 31.03
N LYS C 140 11.25 20.10 30.28
CA LYS C 140 12.56 20.48 30.77
C LYS C 140 13.44 21.05 29.66
N GLY C 141 14.01 22.21 29.90
CA GLY C 141 14.87 22.87 28.94
C GLY C 141 16.25 22.25 28.93
N PRO C 142 16.94 22.35 27.79
CA PRO C 142 18.28 21.76 27.61
C PRO C 142 19.42 22.54 28.26
N SER C 143 20.45 21.84 28.72
CA SER C 143 21.74 22.46 29.03
C SER C 143 22.56 22.41 27.74
N VAL C 144 23.35 23.44 27.48
CA VAL C 144 24.15 23.48 26.26
C VAL C 144 25.64 23.53 26.61
N PHE C 145 26.41 22.61 26.04
CA PHE C 145 27.85 22.53 26.29
C PHE C 145 28.63 22.59 24.98
N PRO C 146 29.76 23.30 24.98
CA PRO C 146 30.52 23.40 23.73
C PRO C 146 31.31 22.14 23.44
N LEU C 147 31.41 21.77 22.17
CA LEU C 147 32.39 20.78 21.78
C LEU C 147 33.48 21.57 21.10
N ALA C 148 34.58 21.76 21.81
CA ALA C 148 35.56 22.74 21.41
C ALA C 148 36.49 22.19 20.34
N PRO C 149 36.81 23.01 19.35
CA PRO C 149 37.80 22.61 18.36
C PRO C 149 39.19 22.61 18.98
N SER C 150 40.01 21.66 18.55
CA SER C 150 41.39 21.59 18.97
C SER C 150 42.14 20.99 17.78
N SER C 151 43.40 20.66 17.96
CA SER C 151 44.14 20.02 16.88
C SER C 151 43.60 18.60 16.62
N LYS C 152 42.91 18.03 17.60
CA LYS C 152 42.28 16.72 17.44
C LYS C 152 40.98 16.79 16.65
N SER C 153 40.41 17.99 16.55
CA SER C 153 39.23 18.20 15.71
C SER C 153 39.68 18.65 14.32
N THR C 154 40.97 18.92 14.19
CA THR C 154 41.52 19.55 13.01
C THR C 154 42.21 18.56 12.08
N SER C 155 42.12 18.80 10.79
CA SER C 155 42.84 18.05 9.79
C SER C 155 42.53 18.61 8.41
N GLY C 156 43.40 18.35 7.45
CA GLY C 156 43.20 18.79 6.08
C GLY C 156 42.83 20.27 5.97
N GLY C 157 43.31 21.08 6.91
CA GLY C 157 43.06 22.51 6.89
C GLY C 157 41.70 22.93 7.43
N THR C 158 40.89 21.95 7.84
CA THR C 158 39.57 22.24 8.38
C THR C 158 39.45 21.71 9.80
N ALA C 159 38.57 22.32 10.58
CA ALA C 159 38.40 21.95 11.98
C ALA C 159 36.93 21.73 12.32
N ALA C 160 36.66 20.71 13.12
CA ALA C 160 35.29 20.40 13.53
C ALA C 160 35.02 20.95 14.93
N LEU C 161 33.85 21.57 15.09
CA LEU C 161 33.40 22.06 16.40
C LEU C 161 31.90 21.90 16.46
N GLY C 162 31.33 21.98 17.66
CA GLY C 162 29.90 21.80 17.80
C GLY C 162 29.37 22.14 19.17
N CYS C 163 28.10 21.88 19.40
CA CYS C 163 27.56 21.99 20.74
C CYS C 163 26.66 20.82 21.07
N LEU C 164 26.74 20.44 22.34
CA LEU C 164 26.00 19.30 22.85
C LEU C 164 24.80 19.85 23.62
N VAL C 165 23.62 19.41 23.20
CA VAL C 165 22.36 19.85 23.78
C VAL C 165 21.80 18.71 24.60
N LYS C 166 21.81 18.87 25.90
CA LYS C 166 21.68 17.74 26.79
C LYS C 166 20.47 17.85 27.71
N ASP C 167 19.79 16.71 27.90
CA ASP C 167 18.76 16.54 28.91
C ASP C 167 17.57 17.50 28.77
N TYR C 168 16.80 17.32 27.70
CA TYR C 168 15.59 18.10 27.50
C TYR C 168 14.40 17.19 27.21
N PHE C 169 13.21 17.68 27.52
CA PHE C 169 11.98 16.97 27.20
C PHE C 169 10.92 18.03 26.99
N PRO C 170 9.96 17.80 26.09
CA PRO C 170 9.93 16.78 25.04
C PRO C 170 10.74 17.27 23.85
N GLU C 171 10.70 16.57 22.73
CA GLU C 171 11.29 17.08 21.48
C GLU C 171 10.36 18.15 20.95
N PRO C 172 10.83 18.95 19.97
CA PRO C 172 12.20 19.07 19.45
C PRO C 172 13.00 20.24 20.02
N VAL C 173 14.28 20.32 19.66
CA VAL C 173 15.02 21.57 19.75
C VAL C 173 15.52 21.93 18.36
N THR C 174 15.78 23.21 18.13
CA THR C 174 16.38 23.65 16.88
C THR C 174 17.72 24.32 17.15
N VAL C 175 18.66 24.16 16.23
CA VAL C 175 20.00 24.70 16.41
C VAL C 175 20.47 25.43 15.18
N SER C 176 20.86 26.69 15.35
CA SER C 176 21.52 27.43 14.29
C SER C 176 22.89 27.88 14.77
N TRP C 177 23.65 28.48 13.86
CA TRP C 177 25.01 28.90 14.15
C TRP C 177 25.18 30.33 13.71
N ASN C 178 25.78 31.13 14.57
CA ASN C 178 25.96 32.54 14.31
C ASN C 178 24.65 33.13 13.79
N SER C 179 23.57 32.78 14.47
CA SER C 179 22.24 33.30 14.18
C SER C 179 21.83 33.08 12.73
N GLY C 180 22.34 32.02 12.12
CA GLY C 180 21.95 31.66 10.76
C GLY C 180 22.94 32.13 9.70
N ALA C 181 23.98 32.84 10.12
CA ALA C 181 24.99 33.32 9.18
C ALA C 181 25.89 32.18 8.75
N LEU C 182 25.95 31.13 9.55
CA LEU C 182 26.79 29.98 9.24
C LEU C 182 25.94 28.78 8.89
N THR C 183 26.10 28.27 7.67
CA THR C 183 25.27 27.18 7.14
C THR C 183 26.10 26.02 6.59
N SER C 184 26.96 26.30 5.62
CA SER C 184 27.78 25.26 5.02
C SER C 184 28.59 24.53 6.09
N GLY C 185 28.58 23.21 6.04
CA GLY C 185 29.30 22.39 7.01
C GLY C 185 28.46 22.00 8.21
N VAL C 186 27.28 22.62 8.33
CA VAL C 186 26.42 22.40 9.49
C VAL C 186 25.60 21.13 9.38
N HIS C 187 25.68 20.28 10.40
CA HIS C 187 24.80 19.13 10.51
C HIS C 187 24.30 19.00 11.94
N THR C 188 22.99 18.98 12.10
CA THR C 188 22.37 18.74 13.39
C THR C 188 21.81 17.32 13.38
N PHE C 189 22.22 16.54 14.37
CA PHE C 189 21.87 15.13 14.45
C PHE C 189 20.51 14.91 15.09
N PRO C 190 19.91 13.73 14.87
CA PRO C 190 18.67 13.34 15.53
C PRO C 190 18.92 13.11 17.01
N ALA C 191 17.85 13.11 17.80
CA ALA C 191 17.97 13.00 19.23
C ALA C 191 18.01 11.55 19.69
N VAL C 192 18.81 11.28 20.73
CA VAL C 192 18.76 10.00 21.42
C VAL C 192 18.01 10.16 22.73
N LEU C 193 17.27 9.13 23.12
CA LEU C 193 16.62 9.11 24.41
C LEU C 193 17.48 8.30 25.35
N GLN C 194 18.03 8.98 26.35
CA GLN C 194 18.86 8.33 27.36
C GLN C 194 18.02 7.56 28.37
N SER C 195 18.66 6.63 29.08
CA SER C 195 17.99 5.82 30.09
C SER C 195 17.33 6.68 31.18
N SER C 196 17.74 7.93 31.29
CA SER C 196 17.15 8.86 32.24
C SER C 196 15.78 9.36 31.79
N GLY C 197 15.42 9.08 30.53
CA GLY C 197 14.15 9.50 29.99
C GLY C 197 14.19 10.90 29.40
N LEU C 198 15.40 11.44 29.23
CA LEU C 198 15.60 12.77 28.66
C LEU C 198 16.36 12.68 27.35
N TYR C 199 16.12 13.64 26.46
CA TYR C 199 16.75 13.65 25.13
C TYR C 199 18.02 14.47 25.13
N SER C 200 18.97 14.06 24.30
CA SER C 200 20.07 14.94 23.95
C SER C 200 20.41 14.82 22.46
N LEU C 201 20.97 15.88 21.89
CA LEU C 201 21.51 15.81 20.54
C LEU C 201 22.77 16.67 20.41
N SER C 202 23.37 16.62 19.23
CA SER C 202 24.55 17.40 18.94
C SER C 202 24.37 18.10 17.63
N SER C 203 25.06 19.23 17.50
CA SER C 203 25.18 19.91 16.24
C SER C 203 26.63 20.20 15.99
N VAL C 204 27.08 19.95 14.77
CA VAL C 204 28.50 20.06 14.44
C VAL C 204 28.65 20.94 13.22
N VAL C 205 29.80 21.60 13.11
CA VAL C 205 30.13 22.36 11.92
C VAL C 205 31.62 22.24 11.64
N THR C 206 31.97 22.19 10.37
CA THR C 206 33.38 22.14 9.98
C THR C 206 33.78 23.47 9.35
N VAL C 207 34.85 24.06 9.85
CA VAL C 207 35.27 25.39 9.44
C VAL C 207 36.77 25.41 9.16
N PRO C 208 37.23 26.43 8.41
CA PRO C 208 38.67 26.59 8.15
C PRO C 208 39.49 26.66 9.44
N SER C 209 40.58 25.90 9.49
CA SER C 209 41.44 25.88 10.67
C SER C 209 42.00 27.26 10.96
N SER C 210 42.36 27.98 9.91
CA SER C 210 43.04 29.27 10.04
C SER C 210 42.17 30.36 10.68
N SER C 211 40.86 30.15 10.66
CA SER C 211 39.92 31.17 11.15
C SER C 211 39.64 31.06 12.64
N LEU C 212 40.18 30.03 13.29
CA LEU C 212 39.85 29.75 14.69
C LEU C 212 40.29 30.86 15.64
N GLY C 213 41.39 31.52 15.33
CA GLY C 213 41.90 32.56 16.19
C GLY C 213 41.09 33.84 16.10
N THR C 214 40.40 34.02 14.97
CA THR C 214 39.65 35.25 14.73
C THR C 214 38.15 35.04 14.85
N GLN C 215 37.58 34.26 13.94
CA GLN C 215 36.14 34.08 13.85
C GLN C 215 35.53 33.59 15.17
N THR C 216 34.38 34.17 15.52
CA THR C 216 33.64 33.74 16.70
C THR C 216 32.49 32.83 16.28
N TYR C 217 32.37 31.68 16.93
CA TYR C 217 31.31 30.73 16.61
C TYR C 217 30.36 30.55 17.78
N ILE C 218 29.07 30.69 17.49
CA ILE C 218 28.03 30.65 18.52
C ILE C 218 26.88 29.77 18.06
N CYS C 219 26.55 28.74 18.84
CA CYS C 219 25.39 27.94 18.50
C CYS C 219 24.17 28.45 19.26
N ASN C 220 23.10 28.72 18.52
CA ASN C 220 21.85 29.20 19.11
C ASN C 220 20.86 28.04 19.22
N VAL C 221 20.52 27.70 20.46
CA VAL C 221 19.64 26.58 20.72
C VAL C 221 18.27 27.06 21.15
N ASN C 222 17.23 26.47 20.57
CA ASN C 222 15.85 26.85 20.86
C ASN C 222 15.03 25.64 21.20
N HIS C 223 14.32 25.68 22.33
CA HIS C 223 13.40 24.62 22.71
C HIS C 223 12.07 25.28 23.07
N LYS C 224 11.08 25.12 22.20
CA LYS C 224 9.82 25.85 22.33
C LYS C 224 8.98 25.42 23.55
N PRO C 225 8.88 24.10 23.79
CA PRO C 225 8.06 23.66 24.93
C PRO C 225 8.39 24.38 26.24
N SER C 226 9.67 24.61 26.50
CA SER C 226 10.08 25.31 27.73
C SER C 226 10.35 26.79 27.53
N ASN C 227 10.16 27.29 26.31
CA ASN C 227 10.48 28.69 26.01
C ASN C 227 11.95 29.02 26.27
N THR C 228 12.82 28.06 26.00
CA THR C 228 14.25 28.25 26.22
C THR C 228 14.94 28.73 24.95
N LYS C 229 15.83 29.70 25.13
CA LYS C 229 16.73 30.16 24.06
C LYS C 229 18.12 30.35 24.64
N VAL C 230 19.09 29.62 24.13
CA VAL C 230 20.45 29.69 24.64
C VAL C 230 21.41 30.02 23.52
N ASP C 231 22.32 30.95 23.79
CA ASP C 231 23.43 31.25 22.86
C ASP C 231 24.73 30.87 23.53
N LYS C 232 25.37 29.83 23.01
CA LYS C 232 26.59 29.29 23.60
C LYS C 232 27.78 29.50 22.67
N LYS C 233 28.80 30.21 23.16
CA LYS C 233 30.00 30.44 22.40
C LYS C 233 30.92 29.21 22.47
N VAL C 234 31.42 28.78 21.32
CA VAL C 234 32.31 27.63 21.27
C VAL C 234 33.70 28.10 20.92
N GLU C 235 34.64 27.98 21.85
CA GLU C 235 35.98 28.50 21.66
C GLU C 235 37.02 27.40 21.63
N PRO C 236 38.08 27.62 20.83
CA PRO C 236 39.17 26.64 20.75
C PRO C 236 39.89 26.51 22.07
N LYS C 237 40.25 25.29 22.43
CA LYS C 237 40.99 25.05 23.66
C LYS C 237 42.45 24.80 23.31
N SER C 238 43.35 25.27 24.18
CA SER C 238 44.78 25.26 23.89
C SER C 238 45.51 24.20 24.72
N CYS C 239 46.57 23.65 24.15
CA CYS C 239 47.41 22.67 24.83
C CYS C 239 48.85 23.18 24.96
N GLN D 1 14.47 -16.89 22.96
CA GLN D 1 15.06 -16.94 21.62
C GLN D 1 15.81 -15.66 21.30
N SER D 2 17.12 -15.79 21.04
CA SER D 2 17.93 -14.65 20.64
C SER D 2 17.56 -14.23 19.22
N ALA D 3 17.72 -12.93 18.92
CA ALA D 3 17.39 -12.41 17.60
C ALA D 3 18.21 -13.11 16.52
N LEU D 4 17.59 -13.35 15.36
CA LEU D 4 18.26 -13.98 14.22
C LEU D 4 19.32 -13.04 13.68
N THR D 5 20.45 -13.60 13.23
CA THR D 5 21.59 -12.79 12.80
C THR D 5 21.53 -12.40 11.32
N GLN D 6 21.59 -11.09 11.06
CA GLN D 6 21.67 -10.58 9.70
C GLN D 6 22.83 -9.62 9.59
N PRO D 7 23.38 -9.47 8.38
CA PRO D 7 24.40 -8.43 8.19
C PRO D 7 23.76 -7.05 8.35
N ALA D 8 24.51 -6.07 8.83
CA ALA D 8 23.95 -4.76 9.09
C ALA D 8 23.65 -4.04 7.78
N SER D 9 24.44 -4.34 6.76
CA SER D 9 24.36 -3.61 5.51
C SER D 9 24.72 -4.48 4.31
N VAL D 10 23.97 -4.33 3.22
CA VAL D 10 24.35 -4.88 1.93
C VAL D 10 24.00 -3.83 0.89
N SER D 11 24.76 -3.79 -0.20
CA SER D 11 24.51 -2.82 -1.25
C SER D 11 24.88 -3.40 -2.61
N GLY D 12 24.34 -2.80 -3.67
CA GLY D 12 24.70 -3.16 -5.03
C GLY D 12 24.26 -2.04 -5.95
N SER D 13 24.83 -1.99 -7.15
CA SER D 13 24.41 -1.03 -8.18
C SER D 13 23.09 -1.47 -8.79
N PRO D 14 22.40 -0.55 -9.47
CA PRO D 14 21.19 -0.99 -10.17
C PRO D 14 21.48 -2.15 -11.12
N GLY D 15 20.56 -3.11 -11.19
CA GLY D 15 20.73 -4.29 -12.03
C GLY D 15 21.43 -5.45 -11.35
N GLN D 16 22.08 -5.18 -10.22
CA GLN D 16 22.85 -6.18 -9.50
C GLN D 16 21.94 -7.21 -8.86
N SER D 17 22.49 -8.38 -8.54
CA SER D 17 21.81 -9.35 -7.70
C SER D 17 22.48 -9.37 -6.33
N ILE D 18 21.69 -9.18 -5.28
CA ILE D 18 22.23 -9.19 -3.92
C ILE D 18 21.53 -10.25 -3.09
N THR D 19 22.19 -10.67 -2.02
CA THR D 19 21.63 -11.70 -1.14
C THR D 19 21.77 -11.25 0.31
N ILE D 20 20.74 -11.51 1.10
CA ILE D 20 20.75 -11.14 2.51
C ILE D 20 20.53 -12.39 3.33
N SER D 21 21.45 -12.69 4.24
CA SER D 21 21.29 -13.90 5.02
C SER D 21 20.57 -13.64 6.33
N CYS D 22 20.11 -14.73 6.95
CA CYS D 22 19.46 -14.69 8.24
C CYS D 22 19.82 -15.99 8.92
N GLN D 23 20.49 -15.93 10.07
CA GLN D 23 20.96 -17.16 10.71
C GLN D 23 20.32 -17.41 12.06
N GLY D 24 19.62 -18.53 12.15
CA GLY D 24 18.99 -18.97 13.38
C GLY D 24 19.65 -20.20 13.98
N THR D 25 18.84 -20.96 14.71
CA THR D 25 19.25 -22.21 15.30
C THR D 25 18.29 -23.29 14.81
N SER D 26 18.53 -24.53 15.23
CA SER D 26 17.73 -25.65 14.76
C SER D 26 16.32 -25.63 15.36
N ASN D 27 16.10 -24.75 16.33
CA ASN D 27 14.78 -24.65 16.96
C ASN D 27 13.91 -23.55 16.35
N ASP D 28 14.45 -22.78 15.41
CA ASP D 28 13.63 -21.85 14.66
C ASP D 28 13.85 -21.92 13.14
N VAL D 29 14.97 -21.39 12.67
CA VAL D 29 15.20 -21.27 11.23
C VAL D 29 15.39 -22.66 10.65
N GLY D 30 16.18 -23.48 11.34
CA GLY D 30 16.49 -24.81 10.84
C GLY D 30 15.45 -25.86 11.17
N GLY D 31 14.50 -25.51 12.04
CA GLY D 31 13.51 -26.45 12.50
C GLY D 31 12.18 -26.38 11.78
N TYR D 32 12.02 -25.37 10.93
CA TYR D 32 10.75 -25.17 10.23
C TYR D 32 10.95 -24.54 8.86
N GLU D 33 9.93 -24.69 8.03
CA GLU D 33 9.87 -24.07 6.70
C GLU D 33 9.19 -22.71 6.76
N SER D 34 9.13 -22.15 7.96
CA SER D 34 8.36 -20.94 8.27
C SER D 34 9.08 -19.58 8.26
N VAL D 35 10.27 -19.49 7.67
CA VAL D 35 10.96 -18.20 7.56
C VAL D 35 10.25 -17.21 6.63
N SER D 36 10.06 -15.96 7.09
CA SER D 36 9.49 -14.91 6.23
C SER D 36 10.35 -13.63 6.25
N TRP D 37 10.16 -12.78 5.25
CA TRP D 37 10.96 -11.57 5.11
C TRP D 37 10.09 -10.34 4.89
N TYR D 38 10.51 -9.23 5.47
CA TYR D 38 9.74 -7.99 5.41
C TYR D 38 10.57 -6.82 4.94
N GLN D 39 9.99 -6.02 4.06
CA GLN D 39 10.64 -4.80 3.56
C GLN D 39 10.01 -3.62 4.26
N GLN D 40 10.82 -2.69 4.76
CA GLN D 40 10.30 -1.49 5.44
C GLN D 40 10.96 -0.21 4.91
N HIS D 41 10.13 0.75 4.56
CA HIS D 41 10.56 2.04 4.05
C HIS D 41 10.28 3.08 5.12
N PRO D 42 11.00 4.21 5.11
CA PRO D 42 10.93 5.19 6.20
C PRO D 42 9.52 5.67 6.53
N GLY D 43 9.17 5.64 7.81
CA GLY D 43 7.88 6.14 8.27
C GLY D 43 6.71 5.27 7.85
N LYS D 44 6.98 4.03 7.48
CA LYS D 44 5.91 3.10 7.12
C LYS D 44 6.02 1.77 7.87
N ALA D 45 4.93 1.03 7.88
CA ALA D 45 4.92 -0.32 8.41
C ALA D 45 5.67 -1.23 7.45
N PRO D 46 6.25 -2.33 7.97
CA PRO D 46 6.89 -3.34 7.13
C PRO D 46 5.87 -4.03 6.23
N LYS D 47 6.32 -4.60 5.12
CA LYS D 47 5.44 -5.42 4.29
C LYS D 47 6.15 -6.72 3.90
N VAL D 48 5.40 -7.81 3.90
CA VAL D 48 5.97 -9.13 3.62
C VAL D 48 6.32 -9.24 2.14
N VAL D 49 7.57 -9.56 1.83
CA VAL D 49 7.95 -9.89 0.45
C VAL D 49 8.15 -11.39 0.16
N ILE D 50 8.32 -12.20 1.21
CA ILE D 50 8.52 -13.65 1.07
C ILE D 50 8.03 -14.35 2.33
N TYR D 51 7.41 -15.51 2.19
CA TYR D 51 7.01 -16.31 3.35
C TYR D 51 7.18 -17.81 3.07
N ASP D 52 7.14 -18.63 4.11
CA ASP D 52 7.38 -20.07 3.99
C ASP D 52 8.70 -20.33 3.26
N VAL D 53 9.63 -19.43 3.50
CA VAL D 53 11.01 -19.44 3.01
C VAL D 53 11.20 -19.13 1.53
N SER D 54 10.34 -19.65 0.67
CA SER D 54 10.47 -19.43 -0.78
C SER D 54 9.32 -18.75 -1.52
N LYS D 55 8.20 -18.51 -0.84
CA LYS D 55 6.97 -18.17 -1.55
C LYS D 55 6.74 -16.67 -1.65
N ARG D 56 6.18 -16.24 -2.76
CA ARG D 56 5.85 -14.83 -2.95
C ARG D 56 4.36 -14.57 -2.75
N PRO D 57 4.02 -13.61 -1.87
CA PRO D 57 2.62 -13.20 -1.82
C PRO D 57 2.25 -12.53 -3.13
N SER D 58 0.97 -12.51 -3.49
CA SER D 58 0.59 -11.85 -4.72
C SER D 58 1.02 -10.39 -4.69
N GLY D 59 1.45 -9.88 -5.84
CA GLY D 59 1.84 -8.47 -5.95
C GLY D 59 3.33 -8.24 -5.81
N VAL D 60 4.05 -9.26 -5.40
CA VAL D 60 5.50 -9.15 -5.27
C VAL D 60 6.17 -9.76 -6.50
N SER D 61 6.98 -8.98 -7.19
CA SER D 61 7.59 -9.43 -8.46
C SER D 61 8.58 -10.57 -8.24
N ASN D 62 8.91 -11.26 -9.31
CA ASN D 62 9.74 -12.46 -9.23
C ASN D 62 11.22 -12.11 -9.10
N ARG D 63 11.52 -10.82 -9.02
CA ARG D 63 12.87 -10.39 -8.69
C ARG D 63 13.21 -10.79 -7.26
N PHE D 64 12.18 -11.08 -6.46
CA PHE D 64 12.38 -11.51 -5.08
C PHE D 64 12.28 -13.02 -4.98
N SER D 65 13.25 -13.62 -4.31
CA SER D 65 13.21 -15.06 -4.09
C SER D 65 13.88 -15.36 -2.76
N GLY D 66 13.67 -16.57 -2.23
CA GLY D 66 14.26 -16.95 -0.97
C GLY D 66 14.58 -18.43 -0.94
N SER D 67 15.50 -18.79 -0.05
CA SER D 67 15.98 -20.16 0.06
C SER D 67 16.51 -20.37 1.47
N LYS D 68 16.68 -21.62 1.84
CA LYS D 68 17.14 -21.97 3.18
C LYS D 68 18.10 -23.15 3.09
N SER D 69 19.23 -23.04 3.78
CA SER D 69 20.17 -24.16 3.91
C SER D 69 20.61 -24.27 5.35
N GLY D 70 20.28 -25.39 6.00
CA GLY D 70 20.60 -25.58 7.41
C GLY D 70 19.90 -24.56 8.31
N ASN D 71 20.67 -23.85 9.12
CA ASN D 71 20.12 -22.83 10.02
C ASN D 71 20.16 -21.42 9.43
N THR D 72 20.55 -21.31 8.16
CA THR D 72 20.63 -20.01 7.51
C THR D 72 19.63 -19.91 6.37
N ALA D 73 18.86 -18.82 6.37
CA ALA D 73 17.94 -18.51 5.29
C ALA D 73 18.44 -17.29 4.54
N SER D 74 18.14 -17.21 3.24
CA SER D 74 18.62 -16.13 2.41
C SER D 74 17.50 -15.53 1.59
N LEU D 75 17.51 -14.20 1.49
CA LEU D 75 16.64 -13.47 0.59
C LEU D 75 17.48 -12.93 -0.55
N THR D 76 17.03 -13.16 -1.78
CA THR D 76 17.75 -12.71 -2.94
C THR D 76 16.89 -11.74 -3.74
N ILE D 77 17.50 -10.64 -4.17
CA ILE D 77 16.84 -9.70 -5.05
C ILE D 77 17.68 -9.54 -6.31
N SER D 78 17.07 -9.72 -7.48
CA SER D 78 17.80 -9.61 -8.74
C SER D 78 17.32 -8.38 -9.47
N GLY D 79 18.14 -7.86 -10.38
CA GLY D 79 17.75 -6.72 -11.18
C GLY D 79 17.40 -5.57 -10.26
N LEU D 80 18.32 -5.30 -9.32
CA LEU D 80 18.11 -4.32 -8.27
C LEU D 80 17.66 -2.97 -8.83
N GLN D 81 16.59 -2.42 -8.27
CA GLN D 81 16.09 -1.11 -8.66
C GLN D 81 16.07 -0.16 -7.47
N ALA D 82 16.08 1.13 -7.74
CA ALA D 82 16.17 2.15 -6.70
C ALA D 82 15.13 1.97 -5.60
N GLU D 83 13.93 1.54 -5.96
CA GLU D 83 12.83 1.40 -5.01
C GLU D 83 13.00 0.24 -4.03
N ASP D 84 13.98 -0.63 -4.28
CA ASP D 84 14.25 -1.74 -3.38
C ASP D 84 15.00 -1.28 -2.11
N GLU D 85 15.59 -0.09 -2.17
CA GLU D 85 16.34 0.45 -1.03
C GLU D 85 15.46 0.53 0.20
N GLY D 86 15.95 0.01 1.32
CA GLY D 86 15.23 0.05 2.59
C GLY D 86 15.78 -0.93 3.60
N ASP D 87 15.01 -1.20 4.65
CA ASP D 87 15.43 -2.16 5.67
C ASP D 87 14.71 -3.49 5.47
N TYR D 88 15.43 -4.60 5.58
CA TYR D 88 14.84 -5.92 5.46
C TYR D 88 15.03 -6.73 6.72
N TYR D 89 13.94 -7.30 7.22
CA TYR D 89 13.99 -8.15 8.39
C TYR D 89 13.50 -9.54 8.04
N CYS D 90 14.25 -10.55 8.44
CA CYS D 90 13.73 -11.91 8.46
C CYS D 90 12.97 -12.17 9.76
N LYS D 91 12.07 -13.14 9.71
CA LYS D 91 11.36 -13.61 10.88
C LYS D 91 11.15 -15.12 10.81
N SER D 92 11.09 -15.76 11.96
CA SER D 92 10.91 -17.20 12.01
C SER D 92 10.00 -17.63 13.15
N LEU D 93 9.22 -18.66 12.90
CA LEU D 93 8.53 -19.38 13.95
C LEU D 93 9.59 -20.08 14.79
N THR D 94 9.31 -20.30 16.08
CA THR D 94 10.22 -21.07 16.92
C THR D 94 9.52 -22.31 17.46
N SER D 95 10.29 -23.15 18.16
CA SER D 95 9.77 -24.40 18.70
C SER D 95 8.76 -24.19 19.82
N THR D 96 8.82 -23.04 20.48
CA THR D 96 7.88 -22.72 21.55
C THR D 96 6.63 -21.98 21.06
N ARG D 97 6.51 -21.82 19.74
CA ARG D 97 5.36 -21.17 19.14
C ARG D 97 5.45 -19.64 19.20
N ARG D 98 6.54 -19.14 19.77
CA ARG D 98 6.83 -17.72 19.68
C ARG D 98 7.34 -17.42 18.27
N ARG D 99 7.56 -16.13 18.00
CA ARG D 99 8.14 -15.69 16.75
C ARG D 99 9.38 -14.89 17.07
N VAL D 100 10.33 -14.83 16.16
CA VAL D 100 11.50 -14.00 16.39
C VAL D 100 12.00 -13.33 15.11
N PHE D 101 12.33 -12.05 15.23
CA PHE D 101 12.84 -11.24 14.13
C PHE D 101 14.37 -11.22 14.09
N GLY D 102 14.93 -11.13 12.89
CA GLY D 102 16.35 -10.88 12.75
C GLY D 102 16.66 -9.43 13.06
N THR D 103 17.95 -9.10 13.10
CA THR D 103 18.39 -7.78 13.54
C THR D 103 18.29 -6.71 12.46
N GLY D 104 17.97 -7.13 11.23
CA GLY D 104 17.70 -6.18 10.18
C GLY D 104 18.92 -5.79 9.37
N THR D 105 18.68 -5.49 8.10
CA THR D 105 19.73 -5.15 7.16
C THR D 105 19.30 -3.91 6.41
N LYS D 106 20.18 -2.93 6.27
CA LYS D 106 19.90 -1.81 5.39
C LYS D 106 20.40 -2.15 4.00
N LEU D 107 19.49 -2.15 3.02
CA LEU D 107 19.88 -2.38 1.64
C LEU D 107 20.03 -1.03 0.98
N THR D 108 21.22 -0.79 0.42
CA THR D 108 21.49 0.44 -0.31
C THR D 108 21.70 0.13 -1.79
N VAL D 109 20.92 0.78 -2.65
CA VAL D 109 21.15 0.72 -4.08
C VAL D 109 22.09 1.85 -4.40
N LEU D 110 23.29 1.53 -4.92
CA LEU D 110 24.36 2.51 -4.96
C LEU D 110 24.05 3.64 -5.92
N GLY D 111 24.00 4.87 -5.39
CA GLY D 111 23.74 6.07 -6.17
C GLY D 111 24.90 7.03 -6.29
N GLN D 112 26.01 6.74 -5.61
CA GLN D 112 27.17 7.63 -5.61
C GLN D 112 28.38 6.82 -5.20
N PRO D 113 29.58 7.43 -5.24
CA PRO D 113 30.78 6.66 -4.88
C PRO D 113 30.84 6.36 -3.37
N LYS D 114 31.38 5.20 -3.02
CA LYS D 114 31.54 4.85 -1.63
C LYS D 114 32.51 5.84 -0.99
N ALA D 115 32.29 6.16 0.29
CA ALA D 115 33.11 7.12 0.98
C ALA D 115 33.34 6.70 2.44
N ALA D 116 34.61 6.70 2.85
CA ALA D 116 34.97 6.34 4.22
C ALA D 116 34.62 7.49 5.16
N PRO D 117 34.20 7.15 6.39
CA PRO D 117 33.80 8.17 7.35
C PRO D 117 34.99 8.93 7.96
N SER D 118 34.79 10.22 8.23
CA SER D 118 35.73 10.97 9.05
C SER D 118 35.16 10.97 10.47
N VAL D 119 35.98 10.60 11.44
CA VAL D 119 35.52 10.44 12.81
C VAL D 119 36.15 11.49 13.71
N THR D 120 35.32 12.15 14.51
CA THR D 120 35.83 13.10 15.51
C THR D 120 35.30 12.74 16.89
N LEU D 121 36.19 12.55 17.84
CA LEU D 121 35.80 12.21 19.20
C LEU D 121 36.08 13.37 20.13
N PHE D 122 35.03 13.91 20.74
CA PHE D 122 35.15 15.04 21.65
C PHE D 122 35.09 14.57 23.09
N PRO D 123 36.04 15.03 23.93
CA PRO D 123 35.93 14.62 25.33
C PRO D 123 34.89 15.48 26.07
N PRO D 124 34.63 15.17 27.34
CA PRO D 124 33.75 16.03 28.14
C PRO D 124 34.31 17.44 28.22
N SER D 125 33.45 18.44 28.07
CA SER D 125 33.85 19.83 28.24
C SER D 125 34.07 20.11 29.73
N SER D 126 34.89 21.11 30.04
CA SER D 126 35.12 21.48 31.43
C SER D 126 33.82 21.99 32.07
N GLU D 127 32.99 22.69 31.28
CA GLU D 127 31.70 23.16 31.78
C GLU D 127 30.83 21.99 32.21
N GLU D 128 30.86 20.91 31.44
CA GLU D 128 30.00 19.78 31.73
C GLU D 128 30.48 19.07 32.98
N LEU D 129 31.79 18.97 33.12
CA LEU D 129 32.38 18.33 34.29
C LEU D 129 32.01 19.12 35.54
N GLN D 130 32.02 20.45 35.43
CA GLN D 130 31.68 21.32 36.55
C GLN D 130 30.21 21.19 36.94
N ALA D 131 29.40 20.65 36.03
CA ALA D 131 28.01 20.35 36.35
C ALA D 131 27.89 18.92 36.88
N ASN D 132 29.03 18.29 37.10
CA ASN D 132 29.07 16.91 37.60
C ASN D 132 28.51 15.89 36.62
N LYS D 133 28.79 16.09 35.33
CA LYS D 133 28.42 15.13 34.28
C LYS D 133 29.57 14.97 33.30
N ALA D 134 29.60 13.84 32.60
CA ALA D 134 30.58 13.63 31.54
C ALA D 134 29.97 12.86 30.36
N THR D 135 30.07 13.44 29.17
CA THR D 135 29.60 12.77 27.96
C THR D 135 30.68 12.83 26.91
N LEU D 136 31.04 11.65 26.40
CA LEU D 136 31.91 11.55 25.23
C LEU D 136 31.05 11.57 23.99
N VAL D 137 31.48 12.31 22.97
CA VAL D 137 30.68 12.48 21.77
C VAL D 137 31.50 12.08 20.54
N CYS D 138 31.05 11.05 19.85
CA CYS D 138 31.74 10.56 18.67
C CYS D 138 30.91 10.91 17.45
N LEU D 139 31.40 11.87 16.67
CA LEU D 139 30.71 12.31 15.48
C LEU D 139 31.34 11.69 14.24
N ILE D 140 30.48 11.15 13.37
CA ILE D 140 30.89 10.36 12.22
C ILE D 140 30.23 10.95 10.99
N SER D 141 31.02 11.35 10.01
CA SER D 141 30.46 12.08 8.88
C SER D 141 31.07 11.74 7.53
N ASP D 142 30.37 12.17 6.48
CA ASP D 142 30.83 12.06 5.10
C ASP D 142 31.06 10.64 4.62
N PHE D 143 30.14 9.74 4.96
CA PHE D 143 30.32 8.35 4.53
C PHE D 143 29.17 7.85 3.67
N TYR D 144 29.42 6.72 3.03
CA TYR D 144 28.46 6.10 2.12
C TYR D 144 29.00 4.74 1.74
N PRO D 145 28.13 3.72 1.74
CA PRO D 145 26.72 3.77 2.10
C PRO D 145 26.46 4.13 3.56
N GLY D 146 25.17 4.16 3.88
CA GLY D 146 24.63 4.77 5.08
C GLY D 146 24.54 3.91 6.34
N ALA D 147 25.47 2.99 6.52
CA ALA D 147 25.47 2.12 7.69
C ALA D 147 26.87 2.00 8.31
N VAL D 148 26.97 2.18 9.63
CA VAL D 148 28.23 1.97 10.33
C VAL D 148 28.02 1.19 11.61
N THR D 149 29.12 0.64 12.12
CA THR D 149 29.08 -0.03 13.41
C THR D 149 29.99 0.72 14.36
N VAL D 150 29.47 1.06 15.52
CA VAL D 150 30.25 1.80 16.51
C VAL D 150 30.49 0.95 17.75
N ALA D 151 31.72 0.95 18.24
CA ALA D 151 32.06 0.25 19.47
C ALA D 151 32.92 1.15 20.34
N TRP D 152 32.61 1.18 21.62
CA TRP D 152 33.38 1.98 22.56
C TRP D 152 34.29 1.10 23.41
N LYS D 153 35.47 1.61 23.75
CA LYS D 153 36.39 0.91 24.63
C LYS D 153 36.91 1.86 25.71
N ALA D 154 37.04 1.35 26.93
CA ALA D 154 37.75 2.04 28.00
C ALA D 154 39.08 1.31 28.15
N ASP D 155 40.17 2.05 28.03
CA ASP D 155 41.48 1.42 27.90
C ASP D 155 41.35 0.36 26.79
N SER D 156 41.66 -0.90 27.10
CA SER D 156 41.52 -1.98 26.11
C SER D 156 40.17 -2.72 26.18
N SER D 157 39.40 -2.46 27.23
CA SER D 157 38.16 -3.20 27.48
C SER D 157 36.94 -2.56 26.81
N PRO D 158 35.99 -3.39 26.34
CA PRO D 158 34.74 -2.87 25.76
C PRO D 158 33.76 -2.31 26.79
N VAL D 159 33.03 -1.27 26.39
CA VAL D 159 32.01 -0.66 27.24
C VAL D 159 30.65 -0.75 26.57
N LYS D 160 29.74 -1.53 27.16
CA LYS D 160 28.38 -1.61 26.64
C LYS D 160 27.38 -0.66 27.31
N ALA D 161 27.75 -0.11 28.46
CA ALA D 161 26.80 0.64 29.27
C ALA D 161 26.97 2.13 29.10
N GLY D 162 25.84 2.85 29.03
CA GLY D 162 25.87 4.30 28.89
C GLY D 162 26.01 4.73 27.45
N VAL D 163 25.74 3.82 26.53
CA VAL D 163 25.95 4.04 25.11
C VAL D 163 24.64 4.25 24.37
N GLU D 164 24.59 5.31 23.56
CA GLU D 164 23.46 5.55 22.67
C GLU D 164 24.02 5.97 21.32
N THR D 165 23.36 5.53 20.24
CA THR D 165 23.84 5.80 18.89
C THR D 165 22.66 6.10 17.96
N THR D 166 22.77 7.17 17.17
CA THR D 166 21.74 7.50 16.20
C THR D 166 21.91 6.69 14.92
N THR D 167 20.82 6.43 14.22
CA THR D 167 20.88 5.80 12.91
C THR D 167 21.34 6.86 11.90
N PRO D 168 22.26 6.47 11.00
CA PRO D 168 22.80 7.44 10.04
C PRO D 168 21.72 8.13 9.22
N SER D 169 21.94 9.40 8.92
CA SER D 169 21.01 10.15 8.07
C SER D 169 21.80 11.09 7.17
N LYS D 170 21.17 11.52 6.08
CA LYS D 170 21.83 12.31 5.04
C LYS D 170 22.24 13.69 5.52
N GLN D 171 23.46 14.09 5.16
CA GLN D 171 23.91 15.47 5.28
C GLN D 171 23.41 16.23 4.05
N SER D 172 23.68 17.54 4.02
CA SER D 172 23.25 18.38 2.92
C SER D 172 23.97 18.03 1.61
N ASN D 173 25.18 17.51 1.71
CA ASN D 173 25.95 17.09 0.53
C ASN D 173 25.59 15.67 0.09
N ASN D 174 24.60 15.09 0.74
CA ASN D 174 23.99 13.83 0.32
C ASN D 174 24.74 12.58 0.79
N LYS D 175 25.87 12.77 1.46
CA LYS D 175 26.50 11.66 2.17
C LYS D 175 25.83 11.55 3.53
N TYR D 176 26.30 10.64 4.37
CA TYR D 176 25.64 10.35 5.64
C TYR D 176 26.48 10.75 6.84
N ALA D 177 25.81 10.98 7.96
CA ALA D 177 26.49 11.18 9.22
C ALA D 177 25.78 10.39 10.32
N ALA D 178 26.49 10.15 11.42
CA ALA D 178 25.93 9.47 12.56
C ALA D 178 26.67 9.95 13.80
N SER D 179 26.05 9.76 14.95
CA SER D 179 26.68 10.14 16.21
C SER D 179 26.52 9.02 17.24
N SER D 180 27.48 8.93 18.16
CA SER D 180 27.38 8.00 19.28
C SER D 180 27.79 8.72 20.55
N TYR D 181 27.14 8.38 21.67
CA TYR D 181 27.44 9.00 22.95
C TYR D 181 27.81 7.95 23.99
N LEU D 182 28.78 8.28 24.83
CA LEU D 182 29.04 7.48 26.01
C LEU D 182 28.86 8.37 27.25
N SER D 183 27.87 8.07 28.07
CA SER D 183 27.61 8.86 29.27
C SER D 183 28.29 8.24 30.49
N LEU D 184 29.05 9.06 31.20
CA LEU D 184 29.82 8.60 32.36
C LEU D 184 29.65 9.56 33.52
N THR D 185 29.96 9.12 34.73
CA THR D 185 30.15 10.07 35.83
C THR D 185 31.55 10.64 35.68
N PRO D 186 31.78 11.86 36.20
CA PRO D 186 33.11 12.44 36.14
C PRO D 186 34.16 11.50 36.76
N GLU D 187 33.74 10.77 37.79
CA GLU D 187 34.64 9.84 38.48
C GLU D 187 35.03 8.69 37.57
N GLN D 188 34.05 8.16 36.85
CA GLN D 188 34.27 7.08 35.90
C GLN D 188 35.21 7.56 34.79
N TRP D 189 34.91 8.74 34.27
CA TRP D 189 35.72 9.37 33.23
C TRP D 189 37.19 9.42 33.65
N LYS D 190 37.45 9.79 34.90
CA LYS D 190 38.81 9.93 35.39
C LYS D 190 39.44 8.60 35.79
N SER D 191 38.67 7.52 35.77
CA SER D 191 39.16 6.23 36.24
C SER D 191 39.90 5.40 35.18
N HIS D 192 40.01 5.92 33.95
CA HIS D 192 40.78 5.23 32.90
C HIS D 192 41.78 6.14 32.22
N LYS D 193 42.81 5.54 31.63
CA LYS D 193 43.85 6.30 30.94
C LYS D 193 43.37 6.84 29.60
N SER D 194 42.46 6.11 28.95
CA SER D 194 41.93 6.53 27.66
C SER D 194 40.59 5.89 27.37
N TYR D 195 39.83 6.50 26.47
CA TYR D 195 38.61 5.91 25.95
C TYR D 195 38.69 5.97 24.43
N SER D 196 38.06 5.00 23.77
CA SER D 196 38.13 4.92 22.30
C SER D 196 36.76 4.73 21.67
N CYS D 197 36.59 5.39 20.53
CA CYS D 197 35.44 5.19 19.67
C CYS D 197 35.92 4.47 18.42
N GLN D 198 35.46 3.24 18.21
CA GLN D 198 35.82 2.45 17.03
C GLN D 198 34.67 2.43 16.03
N VAL D 199 34.91 2.92 14.83
CA VAL D 199 33.88 2.96 13.80
C VAL D 199 34.22 2.06 12.60
N THR D 200 33.36 1.09 12.33
CA THR D 200 33.56 0.16 11.21
C THR D 200 32.60 0.50 10.09
N HIS D 201 33.13 0.64 8.89
CA HIS D 201 32.32 0.94 7.71
C HIS D 201 32.86 0.14 6.54
N GLU D 202 31.99 -0.62 5.88
CA GLU D 202 32.41 -1.41 4.73
C GLU D 202 33.62 -2.28 5.09
N GLY D 203 33.62 -2.82 6.31
CA GLY D 203 34.70 -3.68 6.76
C GLY D 203 35.96 -2.98 7.25
N SER D 204 36.10 -1.69 6.95
CA SER D 204 37.28 -0.94 7.40
C SER D 204 36.99 -0.19 8.71
N THR D 205 37.92 -0.29 9.65
CA THR D 205 37.74 0.28 10.97
C THR D 205 38.57 1.55 11.16
N VAL D 206 37.94 2.57 11.72
CA VAL D 206 38.62 3.78 12.12
C VAL D 206 38.49 3.92 13.64
N GLU D 207 39.55 4.36 14.30
CA GLU D 207 39.56 4.44 15.75
C GLU D 207 40.08 5.80 16.21
N LYS D 208 39.32 6.47 17.07
CA LYS D 208 39.74 7.73 17.68
C LYS D 208 39.76 7.58 19.20
N THR D 209 40.69 8.27 19.84
CA THR D 209 40.92 8.10 21.26
C THR D 209 41.04 9.43 22.00
N VAL D 210 40.52 9.49 23.22
CA VAL D 210 40.79 10.64 24.09
C VAL D 210 41.27 10.19 25.45
N ALA D 211 42.07 11.02 26.09
CA ALA D 211 42.55 10.74 27.43
C ALA D 211 42.13 11.87 28.37
N PRO D 212 41.69 11.52 29.59
CA PRO D 212 41.23 12.54 30.55
C PRO D 212 42.33 13.48 30.99
N THR D 213 43.58 13.07 30.89
CA THR D 213 44.67 13.91 31.37
C THR D 213 45.17 14.86 30.28
N GLU D 214 44.47 14.90 29.15
CA GLU D 214 44.67 15.95 28.16
C GLU D 214 43.38 16.75 27.97
N PCA E 1 -23.53 22.90 -23.70
CA PCA E 1 -22.18 22.43 -24.12
CB PCA E 1 -21.15 22.77 -23.03
CG PCA E 1 -21.88 23.63 -22.00
CD PCA E 1 -23.31 23.60 -22.43
OE PCA E 1 -24.23 24.12 -21.78
C PCA E 1 -22.27 20.94 -24.35
O PCA E 1 -22.94 20.25 -23.59
HA PCA E 1 -21.84 22.93 -25.03
HB2 PCA E 1 -20.77 21.85 -22.56
HB3 PCA E 1 -20.29 23.29 -23.46
HG2 PCA E 1 -21.76 23.24 -20.99
HG3 PCA E 1 -21.49 24.66 -21.99
N ARG E 2 -21.94 20.55 -25.60
CA ARG E 2 -22.03 19.15 -25.99
C ARG E 2 -20.74 18.67 -26.61
N LEU E 3 -20.45 17.39 -26.44
CA LEU E 3 -19.30 16.75 -27.06
C LEU E 3 -19.78 15.46 -27.72
N VAL E 4 -19.53 15.31 -29.02
CA VAL E 4 -19.97 14.12 -29.72
C VAL E 4 -18.77 13.38 -30.32
N GLU E 5 -18.47 12.22 -29.75
CA GLU E 5 -17.38 11.38 -30.22
C GLU E 5 -17.79 10.54 -31.43
N SER E 6 -16.82 10.22 -32.27
CA SER E 6 -17.04 9.35 -33.41
C SER E 6 -15.71 8.72 -33.84
N GLY E 7 -15.78 7.67 -34.65
CA GLY E 7 -14.59 7.06 -35.22
C GLY E 7 -14.20 5.72 -34.60
N GLY E 8 -15.00 5.23 -33.67
CA GLY E 8 -14.73 3.95 -33.04
C GLY E 8 -15.05 2.81 -33.99
N GLY E 9 -14.69 1.60 -33.60
CA GLY E 9 -14.95 0.43 -34.42
C GLY E 9 -14.28 -0.81 -33.86
N VAL E 10 -14.24 -1.85 -34.69
CA VAL E 10 -13.66 -3.13 -34.30
C VAL E 10 -12.46 -3.43 -35.20
N VAL E 11 -11.28 -3.54 -34.61
CA VAL E 11 -10.06 -3.73 -35.39
C VAL E 11 -9.15 -4.80 -34.81
N GLN E 12 -8.22 -5.26 -35.63
CA GLN E 12 -7.20 -6.22 -35.22
C GLN E 12 -6.07 -5.49 -34.50
N PRO E 13 -5.41 -6.17 -33.55
CA PRO E 13 -4.22 -5.59 -32.93
C PRO E 13 -3.24 -5.13 -34.01
N GLY E 14 -2.55 -4.02 -33.78
CA GLY E 14 -1.63 -3.48 -34.76
C GLY E 14 -2.25 -2.40 -35.63
N SER E 15 -3.58 -2.32 -35.64
CA SER E 15 -4.28 -1.33 -36.44
C SER E 15 -4.14 0.10 -35.90
N SER E 16 -4.42 1.06 -36.77
CA SER E 16 -4.53 2.48 -36.42
C SER E 16 -5.99 2.91 -36.53
N LEU E 17 -6.38 3.88 -35.70
CA LEU E 17 -7.73 4.40 -35.69
C LEU E 17 -7.67 5.87 -35.27
N ARG E 18 -8.47 6.73 -35.87
CA ARG E 18 -8.52 8.14 -35.50
CA ARG E 18 -8.52 8.14 -35.50
C ARG E 18 -9.90 8.51 -34.96
N LEU E 19 -9.95 8.83 -33.67
CA LEU E 19 -11.18 9.26 -33.04
C LEU E 19 -11.33 10.76 -33.18
N SER E 20 -12.58 11.20 -33.37
CA SER E 20 -12.90 12.61 -33.50
C SER E 20 -13.94 12.99 -32.46
N CYS E 21 -13.86 14.21 -31.95
CA CYS E 21 -14.87 14.71 -31.05
C CYS E 21 -15.28 16.11 -31.48
N ALA E 22 -16.54 16.28 -31.87
CA ALA E 22 -17.05 17.58 -32.28
C ALA E 22 -17.67 18.31 -31.10
N ALA E 23 -17.18 19.50 -30.82
CA ALA E 23 -17.65 20.28 -29.66
C ALA E 23 -18.59 21.39 -30.09
N SER E 24 -19.59 21.67 -29.26
CA SER E 24 -20.51 22.78 -29.52
C SER E 24 -21.05 23.39 -28.23
N GLY E 25 -21.45 24.66 -28.30
CA GLY E 25 -22.15 25.29 -27.21
C GLY E 25 -21.25 25.83 -26.10
N PHE E 26 -19.96 25.94 -26.38
CA PHE E 26 -19.04 26.67 -25.52
C PHE E 26 -17.88 27.17 -26.37
N ASP E 27 -16.94 27.90 -25.78
CA ASP E 27 -15.88 28.47 -26.59
C ASP E 27 -14.72 27.49 -26.54
N PHE E 28 -14.53 26.79 -27.65
CA PHE E 28 -13.66 25.63 -27.68
C PHE E 28 -12.23 26.07 -27.50
N SER E 29 -11.86 27.12 -28.22
CA SER E 29 -10.48 27.56 -28.31
C SER E 29 -9.91 28.11 -27.00
N ARG E 30 -10.76 28.38 -26.00
CA ARG E 30 -10.27 28.84 -24.70
C ARG E 30 -10.13 27.75 -23.63
N GLN E 31 -10.56 26.53 -23.95
CA GLN E 31 -10.69 25.50 -22.92
C GLN E 31 -9.85 24.26 -23.20
N GLY E 32 -9.30 23.69 -22.13
CA GLY E 32 -8.55 22.44 -22.24
C GLY E 32 -9.49 21.25 -22.34
N MET E 33 -9.01 20.19 -22.98
CA MET E 33 -9.81 19.00 -23.27
C MET E 33 -9.03 17.73 -22.94
N HIS E 34 -9.75 16.69 -22.52
CA HIS E 34 -9.17 15.39 -22.18
C HIS E 34 -9.76 14.26 -23.01
N TRP E 35 -9.04 13.14 -23.06
CA TRP E 35 -9.66 11.86 -23.36
C TRP E 35 -9.57 11.00 -22.11
N VAL E 36 -10.65 10.28 -21.83
CA VAL E 36 -10.71 9.34 -20.73
C VAL E 36 -11.32 8.05 -21.29
N ARG E 37 -10.83 6.89 -20.88
CA ARG E 37 -11.36 5.64 -21.38
C ARG E 37 -11.77 4.71 -20.28
N GLN E 38 -12.72 3.83 -20.58
CA GLN E 38 -13.19 2.83 -19.65
C GLN E 38 -13.35 1.48 -20.37
N ALA E 39 -12.60 0.46 -19.94
CA ALA E 39 -12.81 -0.88 -20.49
C ALA E 39 -14.05 -1.49 -19.85
N PRO E 40 -14.74 -2.39 -20.57
CA PRO E 40 -16.00 -2.96 -20.06
C PRO E 40 -15.83 -3.58 -18.67
N GLY E 41 -16.71 -3.21 -17.75
CA GLY E 41 -16.64 -3.70 -16.38
C GLY E 41 -15.45 -3.19 -15.58
N GLN E 42 -14.67 -2.26 -16.15
CA GLN E 42 -13.48 -1.76 -15.49
C GLN E 42 -13.65 -0.29 -15.15
N GLY E 43 -12.64 0.30 -14.52
CA GLY E 43 -12.70 1.67 -14.05
C GLY E 43 -12.25 2.69 -15.09
N LEU E 44 -12.36 3.97 -14.73
CA LEU E 44 -11.96 5.06 -15.61
C LEU E 44 -10.44 5.16 -15.69
N GLU E 45 -9.92 5.43 -16.87
CA GLU E 45 -8.49 5.66 -17.02
C GLU E 45 -8.26 6.92 -17.83
N TRP E 46 -7.50 7.86 -17.26
CA TRP E 46 -7.16 9.08 -17.96
C TRP E 46 -6.16 8.78 -19.06
N VAL E 47 -6.43 9.31 -20.25
CA VAL E 47 -5.61 9.03 -21.42
C VAL E 47 -4.66 10.19 -21.72
N ALA E 48 -5.23 11.37 -21.97
CA ALA E 48 -4.44 12.52 -22.40
C ALA E 48 -5.13 13.85 -22.11
N PHE E 49 -4.36 14.93 -22.13
CA PHE E 49 -4.89 16.28 -21.95
C PHE E 49 -4.18 17.22 -22.89
N ILE E 50 -4.92 18.15 -23.47
CA ILE E 50 -4.32 19.15 -24.35
C ILE E 50 -4.79 20.56 -23.98
N LYS E 51 -3.86 21.51 -23.98
CA LYS E 51 -4.17 22.90 -23.65
C LYS E 51 -5.04 23.55 -24.71
N TYR E 52 -5.73 24.62 -24.33
CA TYR E 52 -6.63 25.35 -25.21
C TYR E 52 -6.01 25.70 -26.57
N ASP E 53 -4.74 26.08 -26.58
CA ASP E 53 -4.08 26.47 -27.82
C ASP E 53 -3.28 25.34 -28.48
N GLY E 54 -3.28 24.17 -27.86
CA GLY E 54 -2.53 23.02 -28.38
C GLY E 54 -1.04 23.12 -28.17
N SER E 55 -0.59 24.10 -27.40
CA SER E 55 0.85 24.35 -27.22
C SER E 55 1.50 23.32 -26.29
N GLU E 56 0.70 22.67 -25.46
CA GLU E 56 1.22 21.61 -24.59
C GLU E 56 0.22 20.48 -24.48
N LYS E 57 0.74 19.27 -24.30
CA LYS E 57 -0.11 18.11 -24.11
C LYS E 57 0.59 17.05 -23.27
N TYR E 58 -0.20 16.20 -22.63
CA TYR E 58 0.30 15.22 -21.69
C TYR E 58 -0.45 13.93 -21.90
N HIS E 59 0.27 12.81 -21.82
CA HIS E 59 -0.35 11.50 -22.00
C HIS E 59 -0.01 10.59 -20.83
N ALA E 60 -0.89 9.63 -20.56
CA ALA E 60 -0.63 8.63 -19.54
C ALA E 60 0.54 7.77 -20.00
N ASP E 61 1.32 7.26 -19.04
CA ASP E 61 2.48 6.44 -19.38
C ASP E 61 2.07 5.21 -20.19
N SER E 62 0.89 4.68 -19.91
CA SER E 62 0.44 3.45 -20.55
C SER E 62 0.08 3.60 -22.03
N VAL E 63 -0.36 4.80 -22.43
CA VAL E 63 -0.66 5.06 -23.85
C VAL E 63 0.42 5.80 -24.63
N TRP E 64 1.48 6.22 -23.95
CA TRP E 64 2.50 7.06 -24.59
C TRP E 64 3.20 6.34 -25.75
N GLY E 65 3.36 7.04 -26.86
CA GLY E 65 3.98 6.48 -28.05
C GLY E 65 2.98 5.83 -28.99
N ARG E 66 1.72 5.72 -28.55
CA ARG E 66 0.69 5.00 -29.29
C ARG E 66 -0.54 5.87 -29.52
N LEU E 67 -1.20 6.30 -28.43
CA LEU E 67 -2.31 7.24 -28.54
C LEU E 67 -1.83 8.69 -28.39
N SER E 68 -2.23 9.56 -29.30
CA SER E 68 -1.78 10.94 -29.30
C SER E 68 -2.93 11.93 -29.51
N ILE E 69 -3.08 12.85 -28.57
CA ILE E 69 -4.14 13.84 -28.59
C ILE E 69 -3.78 15.03 -29.48
N SER E 70 -4.78 15.61 -30.10
CA SER E 70 -4.61 16.87 -30.82
C SER E 70 -5.96 17.54 -31.02
N ARG E 71 -5.96 18.74 -31.60
CA ARG E 71 -7.19 19.50 -31.79
C ARG E 71 -7.07 20.43 -32.97
N ASP E 72 -8.19 20.67 -33.64
CA ASP E 72 -8.28 21.75 -34.62
C ASP E 72 -9.29 22.78 -34.09
N ASN E 73 -8.81 23.94 -33.68
CA ASN E 73 -9.70 24.95 -33.10
C ASN E 73 -10.62 25.59 -34.13
N SER E 74 -10.26 25.54 -35.42
CA SER E 74 -11.09 26.15 -36.44
C SER E 74 -12.27 25.23 -36.81
N LYS E 75 -12.13 23.94 -36.52
CA LYS E 75 -13.22 22.99 -36.65
C LYS E 75 -13.91 22.65 -35.32
N ASP E 76 -13.47 23.29 -34.22
CA ASP E 76 -13.96 22.94 -32.89
C ASP E 76 -13.92 21.43 -32.71
N THR E 77 -12.78 20.82 -33.03
CA THR E 77 -12.66 19.38 -33.00
C THR E 77 -11.44 18.90 -32.21
N LEU E 78 -11.65 17.84 -31.45
CA LEU E 78 -10.59 17.17 -30.72
C LEU E 78 -10.32 15.81 -31.37
N TYR E 79 -9.05 15.40 -31.43
CA TYR E 79 -8.70 14.13 -32.07
C TYR E 79 -7.94 13.22 -31.12
N LEU E 80 -8.08 11.91 -31.32
CA LEU E 80 -7.15 10.96 -30.74
C LEU E 80 -6.65 10.02 -31.82
N GLN E 81 -5.36 10.12 -32.13
CA GLN E 81 -4.75 9.27 -33.14
C GLN E 81 -4.16 8.05 -32.47
N MET E 82 -4.75 6.89 -32.75
CA MET E 82 -4.34 5.66 -32.10
C MET E 82 -3.53 4.80 -33.07
N ASN E 83 -2.30 4.47 -32.69
CA ASN E 83 -1.43 3.65 -33.51
C ASN E 83 -1.02 2.39 -32.76
N SER E 84 -0.67 1.34 -33.50
CA SER E 84 -0.17 0.09 -32.91
C SER E 84 -1.09 -0.40 -31.80
N LEU E 85 -2.37 -0.52 -32.11
CA LEU E 85 -3.37 -0.85 -31.09
C LEU E 85 -3.14 -2.23 -30.47
N ARG E 86 -3.39 -2.32 -29.16
CA ARG E 86 -3.29 -3.57 -28.43
C ARG E 86 -4.67 -3.92 -27.88
N VAL E 87 -4.89 -5.20 -27.59
CA VAL E 87 -6.20 -5.62 -27.08
C VAL E 87 -6.62 -4.82 -25.84
N GLU E 88 -5.62 -4.35 -25.08
CA GLU E 88 -5.87 -3.66 -23.81
C GLU E 88 -6.22 -2.19 -24.01
N ASP E 89 -6.26 -1.75 -25.27
CA ASP E 89 -6.78 -0.42 -25.60
C ASP E 89 -8.29 -0.50 -25.84
N THR E 90 -8.83 -1.70 -25.80
CA THR E 90 -10.27 -1.90 -25.93
C THR E 90 -11.00 -1.15 -24.82
N ALA E 91 -11.97 -0.31 -25.19
CA ALA E 91 -12.69 0.49 -24.20
C ALA E 91 -13.68 1.45 -24.86
N THR E 92 -14.49 2.08 -24.03
CA THR E 92 -15.24 3.25 -24.46
C THR E 92 -14.35 4.47 -24.24
N TYR E 93 -14.27 5.33 -25.25
CA TYR E 93 -13.44 6.53 -25.18
C TYR E 93 -14.31 7.77 -25.06
N PHE E 94 -14.05 8.54 -24.02
CA PHE E 94 -14.78 9.78 -23.74
C PHE E 94 -13.96 11.02 -24.04
N CYS E 95 -14.57 11.95 -24.75
CA CYS E 95 -14.06 13.31 -24.92
C CYS E 95 -14.58 14.12 -23.73
N VAL E 96 -13.71 14.88 -23.07
CA VAL E 96 -14.07 15.51 -21.80
C VAL E 96 -13.49 16.91 -21.67
N ARG E 97 -14.32 17.87 -21.25
CA ARG E 97 -13.87 19.24 -21.08
C ARG E 97 -13.29 19.50 -19.69
N GLU E 98 -12.15 20.18 -19.66
CA GLU E 98 -11.55 20.65 -18.41
C GLU E 98 -12.27 21.92 -17.97
N ALA E 99 -12.84 21.91 -16.78
CA ALA E 99 -13.43 23.12 -16.22
C ALA E 99 -12.33 24.15 -16.08
N GLY E 100 -12.62 25.40 -16.42
CA GLY E 100 -11.63 26.45 -16.36
C GLY E 100 -12.24 27.84 -16.31
N GLY E 101 -11.36 28.82 -16.17
CA GLY E 101 -11.76 30.22 -16.13
C GLY E 101 -10.57 31.09 -15.77
N PRO E 102 -10.82 32.35 -15.37
CA PRO E 102 -9.74 33.25 -14.95
C PRO E 102 -9.16 32.90 -13.58
N ASP E 103 -7.98 33.45 -13.29
CA ASP E 103 -7.47 33.48 -11.94
C ASP E 103 -7.65 34.92 -11.45
N TYR E 104 -8.42 35.09 -10.37
CA TYR E 104 -8.69 36.42 -9.84
C TYR E 104 -7.70 36.83 -8.76
N ARG E 105 -7.05 37.97 -8.96
CA ARG E 105 -6.16 38.53 -7.96
C ARG E 105 -6.12 40.06 -8.09
N ASN E 106 -6.03 40.73 -6.95
CA ASN E 106 -5.73 42.17 -6.92
C ASN E 106 -6.57 42.99 -7.88
N GLY E 107 -7.87 42.70 -7.96
CA GLY E 107 -8.78 43.47 -8.78
C GLY E 107 -8.75 43.16 -10.27
N TYR E 108 -8.08 42.07 -10.65
CA TYR E 108 -8.01 41.69 -12.06
C TYR E 108 -8.30 40.22 -12.25
N ASN E 109 -8.95 39.89 -13.36
CA ASN E 109 -9.03 38.50 -13.81
C ASN E 109 -7.85 38.21 -14.75
N TYS E 110 -7.08 37.19 -14.42
CA TYS E 110 -5.88 36.85 -15.18
CB TYS E 110 -4.72 36.59 -14.25
CG TYS E 110 -4.14 37.80 -13.56
CD1 TYS E 110 -4.73 38.30 -12.40
CD2 TYS E 110 -3.02 38.43 -14.09
CE1 TYS E 110 -4.20 39.43 -11.77
CE2 TYS E 110 -2.49 39.55 -13.46
CZ TYS E 110 -3.08 40.05 -12.29
OH TYS E 110 -2.54 41.18 -11.68
S TYS E 110 -1.25 41.11 -10.96
O1 TYS E 110 -1.03 42.30 -10.16
O2 TYS E 110 -1.27 40.09 -9.93
O3 TYS E 110 -0.13 40.90 -11.91
C TYS E 110 -6.13 35.64 -16.05
O TYS E 110 -6.66 34.62 -15.57
H TYS E 110 -7.20 36.63 -13.71
HA TYS E 110 -5.65 37.57 -15.77
HB2 TYS E 110 -5.01 35.97 -13.55
HB3 TYS E 110 -4.00 36.17 -14.76
HD1 TYS E 110 -5.52 37.87 -12.03
HD2 TYS E 110 -2.60 38.09 -14.89
HE1 TYS E 110 -4.61 39.77 -10.96
HE2 TYS E 110 -1.71 39.98 -13.82
N TYS E 111 -5.78 35.75 -17.32
CA TYS E 111 -5.92 34.65 -18.27
CB TYS E 111 -6.88 35.00 -19.39
CG TYS E 111 -8.30 35.30 -19.01
CD1 TYS E 111 -8.68 36.61 -18.72
CD2 TYS E 111 -9.23 34.29 -18.94
CE1 TYS E 111 -9.99 36.89 -18.34
CE2 TYS E 111 -10.54 34.57 -18.58
CZ TYS E 111 -10.93 35.87 -18.28
OH TYS E 111 -12.24 36.16 -17.92
S TYS E 111 -13.21 36.62 -18.94
O1 TYS E 111 -12.63 36.67 -20.27
O2 TYS E 111 -14.26 35.65 -19.13
O3 TYS E 111 -13.75 37.96 -18.59
C TYS E 111 -4.57 34.26 -18.82
O TYS E 111 -3.59 35.05 -18.75
HA TYS E 111 -6.27 33.87 -17.81
HB2 TYS E 111 -6.52 35.79 -19.85
HB3 TYS E 111 -6.89 34.26 -20.03
HD1 TYS E 111 -8.02 37.32 -18.76
HD2 TYS E 111 -8.97 33.37 -19.14
HE1 TYS E 111 -10.25 37.80 -18.14
HE2 TYS E 111 -11.19 33.85 -18.53
N ASP E 112 -4.51 33.05 -19.40
CA ASP E 112 -3.28 32.52 -19.98
C ASP E 112 -3.02 33.24 -21.30
N PHE E 113 -1.98 32.81 -22.03
CA PHE E 113 -1.64 33.42 -23.30
C PHE E 113 -2.87 33.41 -24.19
N TYR E 114 -3.04 34.47 -24.98
CA TYR E 114 -4.15 34.54 -25.93
C TYR E 114 -5.51 34.45 -25.24
N ASP E 115 -5.55 34.85 -23.97
CA ASP E 115 -6.81 34.90 -23.23
C ASP E 115 -7.43 33.53 -22.97
N GLY E 116 -6.60 32.50 -22.92
CA GLY E 116 -7.08 31.16 -22.62
C GLY E 116 -7.37 30.99 -21.15
N TYR E 117 -8.18 29.98 -20.82
CA TYR E 117 -8.55 29.70 -19.45
C TYR E 117 -7.47 28.97 -18.68
N TYR E 118 -7.32 29.31 -17.41
CA TYR E 118 -6.58 28.47 -16.48
C TYR E 118 -7.44 27.27 -16.09
N ASN E 119 -6.80 26.16 -15.75
CA ASN E 119 -7.54 24.94 -15.41
C ASN E 119 -8.04 24.97 -13.98
N TYR E 120 -9.29 24.53 -13.78
CA TYR E 120 -9.88 24.41 -12.43
C TYR E 120 -9.78 22.97 -11.89
N HIS E 121 -9.19 22.09 -12.70
CA HIS E 121 -8.83 20.75 -12.24
C HIS E 121 -10.00 19.84 -11.88
N TYR E 122 -11.07 19.93 -12.67
CA TYR E 122 -12.09 18.90 -12.68
C TYR E 122 -12.77 18.88 -14.05
N MET E 123 -13.47 17.80 -14.35
CA MET E 123 -14.09 17.61 -15.66
C MET E 123 -15.57 17.92 -15.58
N ASP E 124 -16.00 18.99 -16.23
CA ASP E 124 -17.41 19.39 -16.18
C ASP E 124 -18.31 19.01 -17.37
N VAL E 125 -17.74 18.44 -18.44
CA VAL E 125 -18.56 18.02 -19.58
C VAL E 125 -18.02 16.74 -20.21
N TRP E 126 -18.91 15.77 -20.44
CA TRP E 126 -18.53 14.48 -21.04
C TRP E 126 -19.33 14.19 -22.29
N GLY E 127 -18.72 13.51 -23.25
CA GLY E 127 -19.46 12.96 -24.37
C GLY E 127 -20.07 11.65 -23.93
N LYS E 128 -20.85 11.01 -24.80
CA LYS E 128 -21.45 9.71 -24.50
C LYS E 128 -20.44 8.59 -24.75
N GLY E 129 -19.39 8.90 -25.50
CA GLY E 129 -18.31 7.96 -25.73
C GLY E 129 -18.39 7.26 -27.07
N THR E 130 -17.26 6.73 -27.52
CA THR E 130 -17.18 5.94 -28.73
C THR E 130 -16.45 4.62 -28.43
N THR E 131 -16.95 3.53 -28.99
CA THR E 131 -16.46 2.19 -28.64
C THR E 131 -15.30 1.71 -29.51
N VAL E 132 -14.19 1.37 -28.87
CA VAL E 132 -13.06 0.80 -29.58
C VAL E 132 -12.86 -0.62 -29.11
N THR E 133 -12.91 -1.57 -30.03
CA THR E 133 -12.70 -2.98 -29.72
C THR E 133 -11.54 -3.54 -30.52
N VAL E 134 -10.50 -3.98 -29.81
CA VAL E 134 -9.33 -4.55 -30.45
C VAL E 134 -9.28 -6.05 -30.17
N SER E 135 -9.48 -6.85 -31.21
CA SER E 135 -9.56 -8.30 -31.07
C SER E 135 -8.94 -9.04 -32.27
N SER E 136 -8.14 -10.06 -31.99
CA SER E 136 -7.51 -10.88 -33.02
C SER E 136 -8.33 -12.13 -33.33
N ALA E 137 -9.48 -12.24 -32.70
CA ALA E 137 -10.27 -13.46 -32.76
C ALA E 137 -11.09 -13.54 -34.03
N SER E 138 -11.30 -14.76 -34.52
CA SER E 138 -12.17 -14.99 -35.66
C SER E 138 -13.25 -15.99 -35.24
N THR E 139 -14.34 -16.05 -36.01
CA THR E 139 -15.48 -16.85 -35.62
C THR E 139 -15.09 -18.30 -35.33
N LYS E 140 -15.50 -18.80 -34.17
CA LYS E 140 -15.21 -20.17 -33.77
C LYS E 140 -16.33 -20.74 -32.92
N GLY E 141 -16.65 -22.00 -33.13
CA GLY E 141 -17.70 -22.67 -32.38
C GLY E 141 -17.14 -23.25 -31.10
N PRO E 142 -17.99 -23.38 -30.07
CA PRO E 142 -17.59 -23.86 -28.75
C PRO E 142 -17.37 -25.37 -28.66
N SER E 143 -16.50 -25.78 -27.75
CA SER E 143 -16.50 -27.16 -27.28
C SER E 143 -17.37 -27.17 -26.03
N VAL E 144 -18.19 -28.21 -25.89
CA VAL E 144 -19.08 -28.30 -24.73
C VAL E 144 -18.66 -29.46 -23.84
N PHE E 145 -18.50 -29.19 -22.55
CA PHE E 145 -18.08 -30.21 -21.60
C PHE E 145 -19.04 -30.31 -20.44
N PRO E 146 -19.29 -31.54 -19.97
CA PRO E 146 -20.19 -31.71 -18.82
C PRO E 146 -19.50 -31.33 -17.52
N LEU E 147 -20.26 -30.75 -16.60
CA LEU E 147 -19.80 -30.57 -15.23
C LEU E 147 -20.65 -31.46 -14.35
N ALA E 148 -20.06 -32.55 -13.88
CA ALA E 148 -20.84 -33.62 -13.28
C ALA E 148 -21.06 -33.41 -11.79
N PRO E 149 -22.24 -33.78 -11.29
CA PRO E 149 -22.58 -33.67 -9.87
C PRO E 149 -21.84 -34.71 -9.02
N SER E 150 -21.74 -34.46 -7.72
CA SER E 150 -21.17 -35.43 -6.80
C SER E 150 -22.28 -36.21 -6.11
N GLY E 157 -31.53 -31.58 0.56
CA GLY E 157 -30.44 -32.21 -0.18
C GLY E 157 -30.51 -31.89 -1.65
N THR E 158 -29.59 -31.03 -2.10
CA THR E 158 -29.57 -30.57 -3.49
C THR E 158 -28.21 -30.83 -4.14
N ALA E 159 -28.25 -31.12 -5.43
CA ALA E 159 -27.02 -31.38 -6.20
C ALA E 159 -26.87 -30.38 -7.34
N ALA E 160 -25.64 -29.99 -7.63
CA ALA E 160 -25.37 -29.00 -8.66
C ALA E 160 -24.61 -29.64 -9.81
N LEU E 161 -25.16 -29.48 -11.02
CA LEU E 161 -24.52 -29.97 -12.23
C LEU E 161 -24.71 -28.93 -13.33
N GLY E 162 -23.83 -28.93 -14.32
CA GLY E 162 -23.92 -27.97 -15.40
C GLY E 162 -23.08 -28.37 -16.60
N CYS E 163 -23.02 -27.52 -17.60
CA CYS E 163 -22.07 -27.72 -18.69
C CYS E 163 -21.22 -26.48 -18.93
N LEU E 164 -19.99 -26.72 -19.38
CA LEU E 164 -19.04 -25.67 -19.65
C LEU E 164 -18.99 -25.49 -21.16
N VAL E 165 -19.14 -24.24 -21.61
CA VAL E 165 -19.05 -23.92 -23.04
C VAL E 165 -17.79 -23.10 -23.27
N LYS E 166 -16.80 -23.70 -23.92
CA LYS E 166 -15.45 -23.15 -23.94
C LYS E 166 -14.97 -22.71 -25.33
N ASP E 167 -14.27 -21.58 -25.36
CA ASP E 167 -13.57 -21.11 -26.55
C ASP E 167 -14.48 -20.92 -27.77
N TYR E 168 -15.33 -19.91 -27.70
CA TYR E 168 -16.19 -19.58 -28.83
C TYR E 168 -16.13 -18.08 -29.10
N PHE E 169 -16.66 -17.68 -30.25
CA PHE E 169 -16.62 -16.29 -30.68
C PHE E 169 -17.38 -16.14 -31.99
N PRO E 170 -18.14 -15.04 -32.13
CA PRO E 170 -18.39 -14.03 -31.10
C PRO E 170 -19.52 -14.45 -30.18
N GLU E 171 -19.93 -13.55 -29.30
CA GLU E 171 -21.17 -13.73 -28.55
C GLU E 171 -22.33 -13.61 -29.54
N PRO E 172 -23.53 -14.05 -29.14
CA PRO E 172 -23.81 -14.80 -27.92
C PRO E 172 -23.80 -16.32 -28.14
N VAL E 173 -24.04 -17.06 -27.08
CA VAL E 173 -24.45 -18.45 -27.17
C VAL E 173 -25.70 -18.58 -26.32
N THR E 174 -26.54 -19.55 -26.64
CA THR E 174 -27.74 -19.79 -25.84
C THR E 174 -27.68 -21.19 -25.28
N VAL E 175 -28.11 -21.32 -24.03
CA VAL E 175 -28.12 -22.60 -23.36
C VAL E 175 -29.50 -22.83 -22.79
N SER E 176 -30.00 -24.05 -22.96
CA SER E 176 -31.23 -24.47 -22.33
C SER E 176 -31.03 -25.86 -21.76
N TRP E 177 -31.96 -26.30 -20.92
CA TRP E 177 -31.88 -27.64 -20.34
C TRP E 177 -33.11 -28.46 -20.70
N ASN E 178 -32.88 -29.70 -21.11
CA ASN E 178 -33.95 -30.60 -21.51
C ASN E 178 -34.93 -29.92 -22.47
N SER E 179 -34.38 -29.32 -23.52
CA SER E 179 -35.17 -28.67 -24.55
C SER E 179 -35.98 -27.50 -24.00
N GLY E 180 -35.52 -26.91 -22.91
CA GLY E 180 -36.17 -25.75 -22.32
C GLY E 180 -37.24 -26.09 -21.30
N ALA E 181 -37.51 -27.38 -21.09
CA ALA E 181 -38.53 -27.81 -20.14
C ALA E 181 -38.05 -27.63 -18.70
N LEU E 182 -36.74 -27.57 -18.52
CA LEU E 182 -36.15 -27.40 -17.20
C LEU E 182 -35.73 -25.96 -17.01
N THR E 183 -36.43 -25.25 -16.12
CA THR E 183 -36.22 -23.82 -15.93
C THR E 183 -35.70 -23.47 -14.54
N SER E 184 -36.50 -23.75 -13.52
CA SER E 184 -36.12 -23.42 -12.15
C SER E 184 -34.83 -24.13 -11.73
N GLY E 185 -33.97 -23.41 -11.02
CA GLY E 185 -32.70 -23.94 -10.57
C GLY E 185 -31.56 -23.63 -11.54
N VAL E 186 -31.90 -23.07 -12.69
CA VAL E 186 -30.92 -22.81 -13.73
C VAL E 186 -30.28 -21.44 -13.58
N HIS E 187 -28.96 -21.43 -13.39
CA HIS E 187 -28.17 -20.20 -13.43
C HIS E 187 -27.22 -20.29 -14.61
N THR E 188 -27.40 -19.40 -15.59
CA THR E 188 -26.47 -19.31 -16.72
C THR E 188 -25.61 -18.07 -16.56
N PHE E 189 -24.30 -18.28 -16.39
CA PHE E 189 -23.39 -17.19 -16.06
C PHE E 189 -22.90 -16.41 -17.28
N PRO E 190 -22.78 -15.08 -17.14
CA PRO E 190 -22.18 -14.27 -18.20
C PRO E 190 -20.78 -14.78 -18.57
N ALA E 191 -20.42 -14.69 -19.85
CA ALA E 191 -19.15 -15.24 -20.31
C ALA E 191 -17.97 -14.37 -19.89
N VAL E 192 -16.83 -15.02 -19.65
CA VAL E 192 -15.56 -14.32 -19.52
C VAL E 192 -14.93 -14.21 -20.90
N LEU E 193 -14.30 -13.06 -21.17
CA LEU E 193 -13.50 -12.91 -22.38
C LEU E 193 -12.05 -13.23 -22.05
N GLN E 194 -11.56 -14.35 -22.58
CA GLN E 194 -10.22 -14.84 -22.27
C GLN E 194 -9.11 -14.08 -22.98
N SER E 195 -7.90 -14.21 -22.45
CA SER E 195 -6.72 -13.59 -23.03
C SER E 195 -6.45 -14.09 -24.46
N SER E 196 -7.09 -15.19 -24.84
CA SER E 196 -6.98 -15.70 -26.19
C SER E 196 -7.89 -14.95 -27.16
N GLY E 197 -8.78 -14.13 -26.61
CA GLY E 197 -9.77 -13.43 -27.42
C GLY E 197 -11.08 -14.20 -27.54
N LEU E 198 -11.14 -15.38 -26.91
CA LEU E 198 -12.30 -16.25 -27.02
C LEU E 198 -13.12 -16.24 -25.72
N TYR E 199 -14.43 -16.42 -25.86
CA TYR E 199 -15.34 -16.42 -24.72
C TYR E 199 -15.59 -17.83 -24.17
N SER E 200 -15.74 -17.93 -22.86
CA SER E 200 -16.22 -19.13 -22.20
C SER E 200 -17.34 -18.80 -21.24
N LEU E 201 -18.36 -19.65 -21.18
CA LEU E 201 -19.37 -19.51 -20.14
C LEU E 201 -19.79 -20.87 -19.57
N SER E 202 -20.51 -20.82 -18.46
CA SER E 202 -20.99 -22.02 -17.80
C SER E 202 -22.46 -21.86 -17.44
N SER E 203 -23.18 -22.97 -17.54
CA SER E 203 -24.58 -23.02 -17.17
C SER E 203 -24.70 -24.15 -16.15
N VAL E 204 -25.32 -23.84 -15.03
CA VAL E 204 -25.46 -24.81 -13.94
C VAL E 204 -26.91 -24.90 -13.50
N VAL E 205 -27.34 -26.10 -13.16
CA VAL E 205 -28.68 -26.30 -12.63
C VAL E 205 -28.61 -27.02 -11.28
N THR E 206 -29.42 -26.56 -10.33
CA THR E 206 -29.50 -27.21 -9.03
C THR E 206 -30.80 -28.01 -8.94
N VAL E 207 -30.65 -29.31 -8.67
CA VAL E 207 -31.77 -30.23 -8.71
C VAL E 207 -31.78 -31.12 -7.46
N PRO E 208 -32.94 -31.72 -7.13
CA PRO E 208 -32.99 -32.67 -6.02
C PRO E 208 -31.92 -33.75 -6.16
N SER E 209 -31.29 -34.11 -5.05
CA SER E 209 -30.13 -34.99 -5.07
C SER E 209 -30.47 -36.41 -5.53
N SER E 210 -31.53 -36.97 -4.97
CA SER E 210 -31.94 -38.34 -5.29
C SER E 210 -32.38 -38.46 -6.75
N SER E 211 -32.79 -37.34 -7.33
CA SER E 211 -33.34 -37.31 -8.68
C SER E 211 -32.36 -37.75 -9.76
N LEU E 212 -31.06 -37.69 -9.46
CA LEU E 212 -30.02 -37.99 -10.45
C LEU E 212 -30.22 -39.35 -11.12
N GLY E 213 -30.57 -40.36 -10.32
CA GLY E 213 -30.72 -41.71 -10.85
C GLY E 213 -31.79 -41.83 -11.93
N THR E 214 -33.00 -41.36 -11.62
CA THR E 214 -34.14 -41.56 -12.50
C THR E 214 -34.19 -40.58 -13.68
N GLN E 215 -33.81 -39.32 -13.44
CA GLN E 215 -34.01 -38.28 -14.46
C GLN E 215 -32.75 -38.00 -15.26
N THR E 216 -32.93 -37.81 -16.56
CA THR E 216 -31.85 -37.49 -17.47
C THR E 216 -31.67 -35.97 -17.57
N TYR E 217 -30.42 -35.52 -17.62
CA TYR E 217 -30.12 -34.10 -17.75
C TYR E 217 -29.26 -33.83 -18.97
N ILE E 218 -29.79 -33.00 -19.87
CA ILE E 218 -29.12 -32.66 -21.12
C ILE E 218 -29.10 -31.15 -21.32
N CYS E 219 -27.92 -30.58 -21.52
CA CYS E 219 -27.82 -29.15 -21.81
C CYS E 219 -27.71 -28.94 -23.31
N ASN E 220 -28.56 -28.05 -23.83
CA ASN E 220 -28.62 -27.77 -25.26
C ASN E 220 -27.94 -26.43 -25.57
N VAL E 221 -26.81 -26.50 -26.26
CA VAL E 221 -26.02 -25.32 -26.58
C VAL E 221 -26.15 -24.95 -28.05
N ASN E 222 -26.36 -23.67 -28.32
CA ASN E 222 -26.49 -23.17 -29.68
C ASN E 222 -25.65 -21.92 -29.90
N HIS E 223 -24.67 -22.01 -30.81
CA HIS E 223 -23.92 -20.85 -31.24
C HIS E 223 -24.25 -20.59 -32.70
N LYS E 224 -25.01 -19.53 -32.95
CA LYS E 224 -25.52 -19.24 -34.29
C LYS E 224 -24.44 -18.80 -35.28
N PRO E 225 -23.50 -17.94 -34.85
CA PRO E 225 -22.44 -17.45 -35.74
C PRO E 225 -21.60 -18.56 -36.37
N SER E 226 -21.31 -19.62 -35.64
CA SER E 226 -20.57 -20.76 -36.19
C SER E 226 -21.51 -21.86 -36.67
N ASN E 227 -22.81 -21.63 -36.55
CA ASN E 227 -23.81 -22.62 -36.96
C ASN E 227 -23.65 -23.93 -36.19
N THR E 228 -23.32 -23.81 -34.90
CA THR E 228 -23.06 -24.97 -34.06
C THR E 228 -24.22 -25.23 -33.10
N LYS E 229 -24.68 -26.48 -33.08
CA LYS E 229 -25.68 -26.93 -32.11
C LYS E 229 -25.21 -28.22 -31.46
N VAL E 230 -25.20 -28.23 -30.13
CA VAL E 230 -24.76 -29.40 -29.38
C VAL E 230 -25.76 -29.72 -28.28
N ASP E 231 -26.00 -31.01 -28.06
CA ASP E 231 -26.80 -31.47 -26.94
C ASP E 231 -25.96 -32.45 -26.13
N LYS E 232 -25.63 -32.06 -24.90
CA LYS E 232 -24.71 -32.82 -24.07
C LYS E 232 -25.39 -33.35 -22.82
N LYS E 233 -25.35 -34.66 -22.66
CA LYS E 233 -25.87 -35.31 -21.46
C LYS E 233 -24.85 -35.25 -20.33
N VAL E 234 -25.28 -34.76 -19.17
CA VAL E 234 -24.42 -34.63 -18.01
C VAL E 234 -24.80 -35.69 -16.97
N GLU E 235 -23.86 -36.58 -16.66
CA GLU E 235 -24.13 -37.66 -15.72
C GLU E 235 -22.96 -37.87 -14.76
N PRO E 236 -23.22 -38.56 -13.64
CA PRO E 236 -22.16 -38.85 -12.67
C PRO E 236 -21.13 -39.85 -13.20
N SER F 2 0.80 5.66 -10.47
CA SER F 2 -0.15 4.56 -10.40
C SER F 2 -1.53 5.07 -9.97
N ALA F 3 -2.55 4.23 -10.14
CA ALA F 3 -3.91 4.58 -9.77
C ALA F 3 -4.05 4.84 -8.27
N LEU F 4 -4.92 5.79 -7.93
CA LEU F 4 -5.22 6.07 -6.53
C LEU F 4 -5.99 4.88 -5.97
N THR F 5 -5.75 4.56 -4.70
CA THR F 5 -6.35 3.38 -4.09
C THR F 5 -7.68 3.74 -3.44
N GLN F 6 -8.71 2.97 -3.81
CA GLN F 6 -10.04 3.09 -3.23
C GLN F 6 -10.51 1.72 -2.81
N PRO F 7 -11.42 1.65 -1.84
CA PRO F 7 -12.05 0.37 -1.52
C PRO F 7 -12.95 -0.09 -2.66
N ALA F 8 -12.93 -1.39 -2.96
CA ALA F 8 -13.69 -1.93 -4.08
C ALA F 8 -15.18 -1.76 -3.84
N SER F 9 -15.58 -1.77 -2.57
CA SER F 9 -17.00 -1.74 -2.23
C SER F 9 -17.23 -1.01 -0.90
N VAL F 10 -18.39 -0.36 -0.80
CA VAL F 10 -18.86 0.25 0.42
C VAL F 10 -20.37 0.20 0.38
N SER F 11 -21.01 0.05 1.53
CA SER F 11 -22.46 0.00 1.56
C SER F 11 -23.04 0.60 2.83
N GLY F 12 -24.33 0.93 2.76
CA GLY F 12 -25.03 1.45 3.90
C GLY F 12 -26.53 1.37 3.70
N SER F 13 -27.28 1.39 4.80
CA SER F 13 -28.73 1.40 4.73
C SER F 13 -29.20 2.81 4.43
N PRO F 14 -30.43 2.94 3.93
CA PRO F 14 -30.99 4.28 3.70
C PRO F 14 -30.99 5.12 4.97
N GLY F 15 -30.59 6.38 4.86
CA GLY F 15 -30.57 7.29 5.99
C GLY F 15 -29.21 7.41 6.64
N GLN F 16 -28.34 6.41 6.44
CA GLN F 16 -27.04 6.41 7.07
C GLN F 16 -26.04 7.26 6.29
N SER F 17 -24.83 7.35 6.82
CA SER F 17 -23.73 8.03 6.15
C SER F 17 -22.66 7.02 5.80
N ILE F 18 -22.00 7.22 4.66
CA ILE F 18 -20.85 6.39 4.31
C ILE F 18 -19.70 7.28 3.89
N THR F 19 -18.49 6.74 3.95
CA THR F 19 -17.32 7.45 3.50
C THR F 19 -16.48 6.54 2.61
N ILE F 20 -15.90 7.13 1.57
CA ILE F 20 -15.12 6.39 0.59
C ILE F 20 -13.74 7.01 0.57
N SER F 21 -12.71 6.23 0.90
CA SER F 21 -11.34 6.71 0.89
C SER F 21 -10.72 6.69 -0.50
N CYS F 22 -9.74 7.56 -0.71
CA CYS F 22 -8.96 7.60 -1.94
C CYS F 22 -7.51 7.90 -1.56
N GLN F 23 -6.57 7.01 -1.84
CA GLN F 23 -5.20 7.23 -1.35
C GLN F 23 -4.14 7.38 -2.43
N GLY F 24 -3.49 8.53 -2.43
CA GLY F 24 -2.42 8.84 -3.36
C GLY F 24 -1.05 8.94 -2.70
N THR F 25 -0.17 9.71 -3.34
CA THR F 25 1.14 10.03 -2.81
C THR F 25 1.27 11.55 -2.63
N SER F 26 2.44 11.99 -2.19
CA SER F 26 2.69 13.41 -2.00
C SER F 26 2.76 14.14 -3.33
N ASN F 27 2.97 13.41 -4.42
CA ASN F 27 3.06 14.03 -5.74
C ASN F 27 1.71 14.25 -6.41
N ASP F 28 0.64 13.67 -5.86
CA ASP F 28 -0.69 13.95 -6.38
C ASP F 28 -1.69 14.44 -5.32
N VAL F 29 -2.25 13.53 -4.53
CA VAL F 29 -3.30 13.89 -3.59
C VAL F 29 -2.74 14.79 -2.49
N GLY F 30 -1.55 14.42 -2.00
CA GLY F 30 -0.92 15.15 -0.92
C GLY F 30 -0.33 16.47 -1.39
N GLY F 31 -0.04 16.58 -2.67
CA GLY F 31 0.71 17.73 -3.17
C GLY F 31 -0.15 18.87 -3.66
N TYR F 32 -1.44 18.62 -3.82
CA TYR F 32 -2.34 19.64 -4.37
C TYR F 32 -3.71 19.60 -3.71
N GLU F 33 -4.43 20.71 -3.82
CA GLU F 33 -5.79 20.81 -3.31
C GLU F 33 -6.78 20.42 -4.40
N SER F 34 -6.29 19.84 -5.48
CA SER F 34 -7.20 19.45 -6.55
C SER F 34 -7.47 17.95 -6.51
N VAL F 35 -8.63 17.61 -5.96
CA VAL F 35 -9.10 16.23 -5.92
C VAL F 35 -10.57 16.32 -6.21
N SER F 36 -11.05 15.53 -7.15
CA SER F 36 -12.45 15.58 -7.55
C SER F 36 -13.03 14.17 -7.50
N TRP F 37 -14.34 14.11 -7.38
CA TRP F 37 -15.02 12.84 -7.26
C TRP F 37 -16.11 12.84 -8.30
N TYR F 38 -16.37 11.66 -8.84
CA TYR F 38 -17.28 11.51 -9.95
C TYR F 38 -18.20 10.36 -9.65
N GLN F 39 -19.48 10.56 -9.92
CA GLN F 39 -20.48 9.53 -9.78
C GLN F 39 -20.86 9.01 -11.17
N GLN F 40 -20.94 7.70 -11.31
CA GLN F 40 -21.27 7.10 -12.60
C GLN F 40 -22.34 6.05 -12.42
N HIS F 41 -23.38 6.13 -13.25
CA HIS F 41 -24.46 5.16 -13.21
C HIS F 41 -24.31 4.31 -14.47
N PRO F 42 -24.78 3.06 -14.42
CA PRO F 42 -24.55 2.16 -15.56
C PRO F 42 -25.01 2.76 -16.89
N GLY F 43 -24.16 2.63 -17.91
CA GLY F 43 -24.50 3.06 -19.25
C GLY F 43 -24.45 4.57 -19.44
N LYS F 44 -23.81 5.27 -18.51
CA LYS F 44 -23.73 6.73 -18.59
C LYS F 44 -22.32 7.23 -18.31
N ALA F 45 -22.04 8.46 -18.75
CA ALA F 45 -20.76 9.09 -18.44
C ALA F 45 -20.76 9.48 -16.97
N PRO F 46 -19.58 9.55 -16.36
CA PRO F 46 -19.50 10.02 -14.97
C PRO F 46 -19.94 11.48 -14.85
N LYS F 47 -20.25 11.90 -13.62
CA LYS F 47 -20.66 13.28 -13.35
C LYS F 47 -20.00 13.74 -12.06
N VAL F 48 -19.36 14.89 -12.09
CA VAL F 48 -18.62 15.40 -10.94
C VAL F 48 -19.55 15.72 -9.77
N VAL F 49 -19.28 15.14 -8.61
CA VAL F 49 -19.99 15.54 -7.39
C VAL F 49 -19.18 16.42 -6.41
N ILE F 50 -17.86 16.46 -6.57
CA ILE F 50 -17.00 17.25 -5.68
C ILE F 50 -15.73 17.66 -6.42
N TYR F 51 -15.22 18.86 -6.15
CA TYR F 51 -13.94 19.28 -6.70
C TYR F 51 -13.16 20.15 -5.71
N ASP F 52 -11.86 20.30 -5.95
CA ASP F 52 -10.98 21.01 -5.04
C ASP F 52 -11.18 20.47 -3.61
N VAL F 53 -11.36 19.16 -3.57
CA VAL F 53 -11.45 18.32 -2.37
C VAL F 53 -12.73 18.45 -1.56
N SER F 54 -13.21 19.69 -1.39
CA SER F 54 -14.41 19.95 -0.58
C SER F 54 -15.59 20.64 -1.26
N LYS F 55 -15.41 21.12 -2.48
CA LYS F 55 -16.38 22.04 -3.07
C LYS F 55 -17.41 21.30 -3.91
N ARG F 56 -18.65 21.74 -3.80
CA ARG F 56 -19.74 21.16 -4.59
C ARG F 56 -20.06 22.02 -5.80
N PRO F 57 -20.10 21.41 -6.99
CA PRO F 57 -20.64 22.12 -8.16
C PRO F 57 -22.08 22.55 -7.91
N SER F 58 -22.54 23.57 -8.62
CA SER F 58 -23.95 23.94 -8.55
C SER F 58 -24.77 22.72 -8.96
N GLY F 59 -25.90 22.51 -8.28
CA GLY F 59 -26.79 21.43 -8.64
C GLY F 59 -26.59 20.16 -7.82
N VAL F 60 -25.43 20.03 -7.18
CA VAL F 60 -25.14 18.83 -6.39
C VAL F 60 -25.66 18.99 -4.96
N SER F 61 -26.29 17.93 -4.47
CA SER F 61 -26.85 17.92 -3.11
C SER F 61 -25.78 18.17 -2.05
N ASN F 62 -26.17 18.83 -0.97
CA ASN F 62 -25.24 19.09 0.12
C ASN F 62 -25.13 17.89 1.06
N ARG F 63 -25.82 16.80 0.71
CA ARG F 63 -25.53 15.51 1.34
C ARG F 63 -24.13 15.04 0.96
N PHE F 64 -23.56 15.60 -0.10
CA PHE F 64 -22.21 15.26 -0.52
C PHE F 64 -21.17 16.21 0.08
N SER F 65 -20.11 15.66 0.65
CA SER F 65 -19.02 16.47 1.18
C SER F 65 -17.70 15.76 0.93
N GLY F 66 -16.59 16.47 1.12
CA GLY F 66 -15.28 15.87 0.95
C GLY F 66 -14.23 16.52 1.81
N SER F 67 -13.18 15.76 2.11
CA SER F 67 -12.08 16.27 2.91
C SER F 67 -10.77 15.62 2.50
N LYS F 68 -9.67 16.07 3.08
CA LYS F 68 -8.37 15.46 2.82
C LYS F 68 -7.43 15.61 4.01
N SER F 69 -6.69 14.54 4.30
CA SER F 69 -5.60 14.59 5.27
C SER F 69 -4.43 13.78 4.73
N GLY F 70 -3.26 14.42 4.68
CA GLY F 70 -2.07 13.78 4.14
C GLY F 70 -2.32 13.36 2.70
N ASN F 71 -2.05 12.10 2.41
CA ASN F 71 -2.18 11.55 1.06
C ASN F 71 -3.54 10.87 0.81
N THR F 72 -4.45 10.97 1.76
CA THR F 72 -5.78 10.40 1.60
C THR F 72 -6.86 11.48 1.53
N ALA F 73 -7.78 11.32 0.57
CA ALA F 73 -8.96 12.17 0.46
C ALA F 73 -10.17 11.30 0.71
N SER F 74 -11.30 11.90 1.05
CA SER F 74 -12.48 11.16 1.42
C SER F 74 -13.73 11.85 0.90
N LEU F 75 -14.67 11.04 0.45
CA LEU F 75 -15.98 11.51 0.05
C LEU F 75 -17.01 10.95 1.01
N THR F 76 -17.81 11.82 1.61
CA THR F 76 -18.85 11.40 2.52
C THR F 76 -20.21 11.69 1.92
N ILE F 77 -21.12 10.73 2.03
CA ILE F 77 -22.50 10.94 1.64
C ILE F 77 -23.41 10.67 2.85
N SER F 78 -24.17 11.68 3.27
CA SER F 78 -25.08 11.47 4.39
C SER F 78 -26.50 11.25 3.88
N GLY F 79 -27.40 10.89 4.79
CA GLY F 79 -28.79 10.68 4.42
C GLY F 79 -28.95 9.84 3.16
N LEU F 80 -28.31 8.68 3.11
CA LEU F 80 -28.28 7.85 1.90
C LEU F 80 -29.65 7.62 1.30
N GLN F 81 -29.76 7.84 -0.01
CA GLN F 81 -30.96 7.52 -0.77
C GLN F 81 -30.62 6.52 -1.85
N ALA F 82 -31.62 5.79 -2.34
CA ALA F 82 -31.39 4.76 -3.35
C ALA F 82 -30.67 5.34 -4.57
N GLU F 83 -30.89 6.63 -4.83
CA GLU F 83 -30.34 7.26 -6.02
C GLU F 83 -28.82 7.45 -5.96
N ASP F 84 -28.24 7.22 -4.79
CA ASP F 84 -26.79 7.38 -4.62
C ASP F 84 -26.04 6.15 -5.13
N GLU F 85 -26.74 5.02 -5.22
CA GLU F 85 -26.12 3.78 -5.65
C GLU F 85 -25.49 3.90 -7.03
N GLY F 86 -24.21 3.54 -7.12
CA GLY F 86 -23.48 3.61 -8.37
C GLY F 86 -22.01 3.44 -8.09
N ASP F 87 -21.17 3.83 -9.05
CA ASP F 87 -19.73 3.78 -8.88
C ASP F 87 -19.18 5.19 -8.64
N TYR F 88 -18.17 5.30 -7.78
CA TYR F 88 -17.56 6.58 -7.48
C TYR F 88 -16.05 6.50 -7.72
N TYR F 89 -15.53 7.46 -8.47
CA TYR F 89 -14.10 7.55 -8.76
C TYR F 89 -13.55 8.89 -8.28
N CYS F 90 -12.47 8.85 -7.50
CA CYS F 90 -11.67 10.05 -7.25
C CYS F 90 -10.68 10.31 -8.38
N LYS F 91 -10.23 11.55 -8.50
CA LYS F 91 -9.21 11.93 -9.48
C LYS F 91 -8.35 13.03 -8.90
N SER F 92 -7.07 13.03 -9.24
CA SER F 92 -6.19 14.10 -8.77
C SER F 92 -5.26 14.60 -9.86
N LEU F 93 -4.93 15.88 -9.77
CA LEU F 93 -3.84 16.47 -10.51
C LEU F 93 -2.55 15.84 -10.00
N THR F 94 -1.52 15.77 -10.84
CA THR F 94 -0.23 15.25 -10.42
C THR F 94 0.86 16.30 -10.65
N SER F 95 2.06 16.00 -10.20
CA SER F 95 3.16 16.96 -10.27
C SER F 95 3.65 17.15 -11.69
N THR F 96 3.40 16.16 -12.53
CA THR F 96 3.77 16.25 -13.95
C THR F 96 2.67 16.91 -14.78
N ARG F 97 1.59 17.33 -14.13
CA ARG F 97 0.47 17.98 -14.81
C ARG F 97 -0.47 16.96 -15.46
N ARG F 98 -0.14 15.69 -15.33
CA ARG F 98 -1.06 14.65 -15.75
C ARG F 98 -2.20 14.58 -14.75
N ARG F 99 -3.18 13.75 -15.03
CA ARG F 99 -4.25 13.46 -14.08
C ARG F 99 -4.24 11.96 -13.83
N VAL F 100 -4.76 11.54 -12.69
CA VAL F 100 -4.88 10.11 -12.42
C VAL F 100 -6.17 9.79 -11.66
N PHE F 101 -6.84 8.72 -12.07
CA PHE F 101 -8.08 8.27 -11.44
C PHE F 101 -7.83 7.21 -10.37
N GLY F 102 -8.69 7.20 -9.35
CA GLY F 102 -8.73 6.10 -8.41
C GLY F 102 -9.30 4.86 -9.08
N THR F 103 -9.15 3.72 -8.41
CA THR F 103 -9.59 2.44 -8.96
C THR F 103 -11.10 2.28 -8.92
N GLY F 104 -11.78 3.19 -8.24
CA GLY F 104 -13.24 3.19 -8.19
C GLY F 104 -13.83 2.38 -7.04
N THR F 105 -15.02 2.76 -6.61
CA THR F 105 -15.70 2.11 -5.49
C THR F 105 -17.15 1.87 -5.83
N LYS F 106 -17.65 0.67 -5.58
CA LYS F 106 -19.06 0.39 -5.81
C LYS F 106 -19.85 0.69 -4.54
N LEU F 107 -20.77 1.64 -4.61
CA LEU F 107 -21.60 1.97 -3.47
C LEU F 107 -22.93 1.26 -3.58
N THR F 108 -23.27 0.49 -2.55
CA THR F 108 -24.57 -0.17 -2.48
C THR F 108 -25.41 0.40 -1.34
N VAL F 109 -26.61 0.83 -1.68
CA VAL F 109 -27.60 1.21 -0.69
C VAL F 109 -28.45 -0.01 -0.42
N LEU F 110 -28.32 -0.58 0.77
CA LEU F 110 -28.87 -1.90 1.06
C LEU F 110 -30.38 -1.97 0.90
N GLY F 111 -30.82 -2.90 0.05
CA GLY F 111 -32.25 -3.12 -0.18
C GLY F 111 -32.73 -4.45 0.38
N GLN F 112 -31.81 -5.22 0.93
CA GLN F 112 -32.14 -6.52 1.54
C GLN F 112 -31.02 -6.89 2.49
N PRO F 113 -31.18 -8.00 3.22
CA PRO F 113 -30.09 -8.44 4.08
C PRO F 113 -28.85 -8.90 3.30
N LYS F 114 -27.67 -8.62 3.82
CA LYS F 114 -26.44 -9.08 3.20
C LYS F 114 -26.47 -10.61 3.11
N ALA F 115 -25.91 -11.15 2.02
CA ALA F 115 -25.92 -12.58 1.80
C ALA F 115 -24.54 -13.06 1.39
N ALA F 116 -24.05 -14.09 2.08
CA ALA F 116 -22.76 -14.69 1.74
C ALA F 116 -22.93 -15.50 0.47
N PRO F 117 -21.87 -15.58 -0.35
CA PRO F 117 -21.95 -16.32 -1.61
C PRO F 117 -21.98 -17.83 -1.41
N SER F 118 -22.72 -18.54 -2.26
CA SER F 118 -22.58 -19.98 -2.35
C SER F 118 -21.62 -20.28 -3.50
N VAL F 119 -20.57 -21.05 -3.20
CA VAL F 119 -19.50 -21.31 -4.15
C VAL F 119 -19.48 -22.78 -4.54
N THR F 120 -19.24 -23.04 -5.82
CA THR F 120 -19.17 -24.41 -6.32
C THR F 120 -17.94 -24.52 -7.22
N LEU F 121 -17.09 -25.50 -6.95
CA LEU F 121 -15.87 -25.66 -7.72
C LEU F 121 -15.88 -27.01 -8.45
N PHE F 122 -15.97 -26.95 -9.76
CA PHE F 122 -15.90 -28.14 -10.60
C PHE F 122 -14.48 -28.39 -11.07
N PRO F 123 -14.01 -29.64 -10.96
CA PRO F 123 -12.73 -30.02 -11.54
C PRO F 123 -12.92 -30.24 -13.05
N PRO F 124 -11.82 -30.51 -13.77
CA PRO F 124 -11.92 -30.82 -15.20
C PRO F 124 -12.71 -32.10 -15.43
N SER F 125 -13.57 -32.10 -16.44
CA SER F 125 -14.29 -33.31 -16.82
C SER F 125 -13.33 -34.25 -17.54
N SER F 126 -13.69 -35.52 -17.60
CA SER F 126 -12.87 -36.51 -18.29
C SER F 126 -12.71 -36.14 -19.77
N GLU F 127 -13.79 -35.68 -20.40
CA GLU F 127 -13.77 -35.33 -21.81
C GLU F 127 -12.71 -34.27 -22.10
N GLU F 128 -12.57 -33.32 -21.19
CA GLU F 128 -11.63 -32.23 -21.39
C GLU F 128 -10.20 -32.72 -21.23
N LEU F 129 -10.00 -33.66 -20.32
CA LEU F 129 -8.68 -34.28 -20.15
C LEU F 129 -8.33 -35.15 -21.35
N GLN F 130 -9.35 -35.65 -22.04
CA GLN F 130 -9.14 -36.38 -23.31
C GLN F 130 -8.60 -35.45 -24.37
N ALA F 131 -9.20 -34.26 -24.45
CA ALA F 131 -8.81 -33.25 -25.43
C ALA F 131 -7.46 -32.63 -25.06
N ASN F 132 -6.89 -33.08 -23.94
CA ASN F 132 -5.59 -32.62 -23.51
C ASN F 132 -5.61 -31.16 -23.05
N LYS F 133 -6.71 -30.78 -22.39
CA LYS F 133 -6.83 -29.47 -21.78
C LYS F 133 -7.48 -29.62 -20.41
N ALA F 134 -7.38 -28.60 -19.58
CA ALA F 134 -8.00 -28.63 -18.26
C ALA F 134 -8.50 -27.26 -17.85
N THR F 135 -9.70 -27.20 -17.30
CA THR F 135 -10.25 -25.96 -16.79
C THR F 135 -10.98 -26.23 -15.47
N LEU F 136 -10.60 -25.49 -14.44
CA LEU F 136 -11.31 -25.50 -13.18
C LEU F 136 -12.32 -24.37 -13.24
N VAL F 137 -13.52 -24.65 -12.75
CA VAL F 137 -14.62 -23.69 -12.83
C VAL F 137 -15.15 -23.35 -11.44
N CYS F 138 -14.97 -22.10 -11.04
CA CYS F 138 -15.50 -21.60 -9.78
C CYS F 138 -16.73 -20.72 -10.04
N LEU F 139 -17.91 -21.25 -9.71
CA LEU F 139 -19.15 -20.52 -9.85
C LEU F 139 -19.60 -19.97 -8.52
N ILE F 140 -19.94 -18.68 -8.51
CA ILE F 140 -20.23 -17.96 -7.27
C ILE F 140 -21.57 -17.25 -7.42
N SER F 141 -22.55 -17.60 -6.59
CA SER F 141 -23.89 -17.07 -6.78
C SER F 141 -24.55 -16.59 -5.49
N ASP F 142 -25.56 -15.75 -5.66
CA ASP F 142 -26.46 -15.34 -4.58
C ASP F 142 -25.77 -14.55 -3.47
N PHE F 143 -24.81 -13.70 -3.86
CA PHE F 143 -24.19 -12.81 -2.87
C PHE F 143 -24.73 -11.39 -3.02
N TYR F 144 -24.88 -10.73 -1.88
CA TYR F 144 -25.25 -9.33 -1.83
C TYR F 144 -24.54 -8.70 -0.64
N PRO F 145 -24.04 -7.46 -0.79
CA PRO F 145 -23.97 -6.66 -2.02
C PRO F 145 -23.13 -7.30 -3.13
N GLY F 146 -22.99 -6.56 -4.22
CA GLY F 146 -22.55 -7.09 -5.51
C GLY F 146 -21.06 -7.11 -5.79
N ALA F 147 -20.23 -7.23 -4.77
CA ALA F 147 -18.78 -7.25 -4.98
C ALA F 147 -18.09 -8.41 -4.28
N VAL F 148 -17.15 -9.04 -4.98
CA VAL F 148 -16.32 -10.10 -4.41
C VAL F 148 -14.92 -10.04 -4.99
N THR F 149 -13.98 -10.72 -4.34
CA THR F 149 -12.66 -10.92 -4.93
C THR F 149 -12.32 -12.40 -4.98
N VAL F 150 -11.68 -12.83 -6.06
CA VAL F 150 -11.36 -14.23 -6.24
C VAL F 150 -9.87 -14.45 -6.40
N ALA F 151 -9.34 -15.45 -5.70
CA ALA F 151 -7.93 -15.81 -5.81
C ALA F 151 -7.80 -17.31 -5.93
N TRP F 152 -6.70 -17.80 -6.47
CA TRP F 152 -6.51 -19.24 -6.65
C TRP F 152 -5.22 -19.75 -6.01
N LYS F 153 -5.26 -21.00 -5.55
CA LYS F 153 -4.10 -21.62 -4.94
C LYS F 153 -3.86 -23.01 -5.50
N ALA F 154 -2.59 -23.33 -5.77
CA ALA F 154 -2.20 -24.70 -6.04
C ALA F 154 -1.57 -25.23 -4.76
N ASP F 155 -2.29 -26.13 -4.08
CA ASP F 155 -1.90 -26.52 -2.73
C ASP F 155 -1.73 -25.28 -1.84
N SER F 156 -0.51 -25.04 -1.38
CA SER F 156 -0.25 -23.96 -0.42
C SER F 156 0.20 -22.67 -1.09
N SER F 157 0.27 -22.66 -2.41
CA SER F 157 0.88 -21.53 -3.13
C SER F 157 -0.13 -20.82 -4.02
N PRO F 158 0.03 -19.48 -4.17
CA PRO F 158 -0.86 -18.68 -5.02
C PRO F 158 -0.64 -18.95 -6.50
N VAL F 159 -1.70 -18.81 -7.31
CA VAL F 159 -1.60 -18.99 -8.75
C VAL F 159 -2.18 -17.77 -9.46
N LYS F 160 -1.33 -16.95 -10.06
CA LYS F 160 -1.80 -15.84 -10.89
C LYS F 160 -2.06 -16.28 -12.33
N ALA F 161 -1.19 -17.14 -12.85
CA ALA F 161 -1.19 -17.49 -14.28
C ALA F 161 -2.33 -18.41 -14.68
N GLY F 162 -3.11 -17.99 -15.68
CA GLY F 162 -4.18 -18.80 -16.21
C GLY F 162 -5.55 -18.48 -15.63
N VAL F 163 -5.63 -17.39 -14.88
CA VAL F 163 -6.87 -17.01 -14.20
C VAL F 163 -7.67 -15.99 -15.00
N GLU F 164 -8.96 -16.26 -15.16
CA GLU F 164 -9.86 -15.34 -15.84
C GLU F 164 -11.16 -15.24 -15.04
N THR F 165 -11.55 -14.02 -14.65
CA THR F 165 -12.70 -13.86 -13.78
C THR F 165 -13.68 -12.83 -14.34
N THR F 166 -14.97 -13.08 -14.20
CA THR F 166 -15.99 -12.10 -14.57
C THR F 166 -16.20 -11.04 -13.48
N THR F 167 -16.70 -9.88 -13.88
CA THR F 167 -17.20 -8.91 -12.94
C THR F 167 -18.56 -9.41 -12.45
N PRO F 168 -18.97 -9.00 -11.24
CA PRO F 168 -20.28 -9.43 -10.74
C PRO F 168 -21.43 -8.97 -11.64
N SER F 169 -22.46 -9.81 -11.76
CA SER F 169 -23.62 -9.51 -12.58
C SER F 169 -24.90 -9.77 -11.79
N LYS F 170 -25.86 -8.86 -11.90
CA LYS F 170 -27.09 -8.96 -11.12
C LYS F 170 -27.99 -10.07 -11.63
N GLN F 171 -28.52 -10.88 -10.71
CA GLN F 171 -29.44 -11.96 -11.06
C GLN F 171 -30.87 -11.44 -11.07
N SER F 172 -31.82 -12.33 -11.30
CA SER F 172 -33.23 -11.97 -11.32
C SER F 172 -33.73 -11.56 -9.94
N ASN F 173 -33.19 -12.18 -8.89
CA ASN F 173 -33.62 -11.90 -7.52
C ASN F 173 -32.91 -10.68 -6.91
N ASN F 174 -32.09 -10.02 -7.72
CA ASN F 174 -31.37 -8.81 -7.33
C ASN F 174 -30.10 -9.08 -6.52
N LYS F 175 -29.86 -10.34 -6.17
CA LYS F 175 -28.55 -10.73 -5.66
C LYS F 175 -27.60 -10.85 -6.84
N TYR F 176 -26.35 -11.22 -6.61
CA TYR F 176 -25.35 -11.18 -7.67
C TYR F 176 -24.69 -12.52 -7.94
N ALA F 177 -24.07 -12.64 -9.12
CA ALA F 177 -23.32 -13.83 -9.50
C ALA F 177 -22.03 -13.44 -10.22
N ALA F 178 -21.08 -14.36 -10.22
CA ALA F 178 -19.78 -14.16 -10.86
C ALA F 178 -19.17 -15.55 -11.08
N SER F 179 -18.13 -15.63 -11.90
CA SER F 179 -17.42 -16.89 -12.10
C SER F 179 -15.93 -16.65 -12.41
N SER F 180 -15.12 -17.68 -12.16
CA SER F 180 -13.69 -17.58 -12.35
C SER F 180 -13.21 -18.88 -12.97
N TYR F 181 -12.14 -18.82 -13.75
CA TYR F 181 -11.67 -19.98 -14.50
C TYR F 181 -10.18 -20.09 -14.35
N LEU F 182 -9.70 -21.30 -14.04
CA LEU F 182 -8.27 -21.54 -14.00
C LEU F 182 -7.90 -22.53 -15.09
N SER F 183 -7.21 -22.06 -16.12
CA SER F 183 -6.82 -22.94 -17.22
C SER F 183 -5.47 -23.57 -16.94
N LEU F 184 -5.45 -24.90 -16.85
CA LEU F 184 -4.23 -25.65 -16.62
C LEU F 184 -3.99 -26.62 -17.77
N THR F 185 -2.94 -27.42 -17.63
CA THR F 185 -2.72 -28.55 -18.50
C THR F 185 -2.87 -29.80 -17.65
N PRO F 186 -3.23 -30.92 -18.26
CA PRO F 186 -3.38 -32.19 -17.53
C PRO F 186 -2.15 -32.49 -16.67
N GLU F 187 -0.99 -32.00 -17.10
CA GLU F 187 0.26 -32.23 -16.36
C GLU F 187 0.19 -31.50 -15.03
N GLN F 188 -0.08 -30.20 -15.10
CA GLN F 188 -0.23 -29.38 -13.90
C GLN F 188 -1.30 -29.95 -13.00
N TRP F 189 -2.50 -30.13 -13.56
CA TRP F 189 -3.63 -30.62 -12.80
C TRP F 189 -3.29 -31.88 -11.99
N LYS F 190 -2.63 -32.84 -12.61
CA LYS F 190 -2.29 -34.10 -11.95
C LYS F 190 -1.16 -33.97 -10.94
N SER F 191 -0.18 -33.13 -11.23
CA SER F 191 1.03 -33.03 -10.39
C SER F 191 0.77 -32.43 -9.01
N HIS F 192 -0.27 -31.61 -8.90
CA HIS F 192 -0.55 -30.93 -7.63
C HIS F 192 -1.55 -31.73 -6.78
N LYS F 193 -1.36 -31.67 -5.48
CA LYS F 193 -2.19 -32.43 -4.55
C LYS F 193 -3.61 -31.86 -4.48
N SER F 194 -3.78 -30.62 -4.89
CA SER F 194 -5.09 -29.96 -4.84
C SER F 194 -5.04 -28.55 -5.41
N TYR F 195 -6.22 -27.99 -5.69
CA TYR F 195 -6.36 -26.60 -6.06
C TYR F 195 -7.49 -25.96 -5.26
N SER F 196 -7.48 -24.64 -5.16
CA SER F 196 -8.45 -23.93 -4.35
C SER F 196 -8.91 -22.62 -4.97
N CYS F 197 -10.21 -22.39 -4.92
CA CYS F 197 -10.83 -21.12 -5.21
C CYS F 197 -11.19 -20.42 -3.89
N GLN F 198 -10.59 -19.26 -3.64
CA GLN F 198 -10.90 -18.44 -2.48
C GLN F 198 -11.75 -17.24 -2.88
N VAL F 199 -12.92 -17.14 -2.27
CA VAL F 199 -13.85 -16.06 -2.57
C VAL F 199 -14.03 -15.22 -1.32
N THR F 200 -13.71 -13.93 -1.42
CA THR F 200 -13.84 -13.02 -0.29
C THR F 200 -14.99 -12.08 -0.55
N HIS F 201 -15.92 -12.04 0.40
CA HIS F 201 -17.10 -11.19 0.30
C HIS F 201 -17.32 -10.53 1.65
N GLU F 202 -17.39 -9.21 1.66
CA GLU F 202 -17.57 -8.47 2.91
C GLU F 202 -16.55 -8.91 3.95
N GLY F 203 -15.30 -9.06 3.52
CA GLY F 203 -14.20 -9.39 4.42
C GLY F 203 -14.13 -10.84 4.86
N SER F 204 -15.11 -11.65 4.49
CA SER F 204 -15.14 -13.05 4.89
C SER F 204 -14.85 -13.97 3.72
N THR F 205 -13.89 -14.86 3.92
CA THR F 205 -13.43 -15.77 2.87
C THR F 205 -14.02 -17.18 2.99
N VAL F 206 -14.55 -17.67 1.88
CA VAL F 206 -15.00 -19.04 1.72
C VAL F 206 -14.05 -19.74 0.77
N GLU F 207 -13.59 -20.93 1.14
CA GLU F 207 -12.63 -21.65 0.30
C GLU F 207 -13.24 -22.95 -0.19
N LYS F 208 -13.05 -23.24 -1.48
CA LYS F 208 -13.48 -24.49 -2.07
C LYS F 208 -12.29 -25.14 -2.74
N THR F 209 -12.17 -26.45 -2.64
CA THR F 209 -10.96 -27.11 -3.10
C THR F 209 -11.27 -28.43 -3.79
N VAL F 210 -10.41 -28.83 -4.72
CA VAL F 210 -10.56 -30.11 -5.41
C VAL F 210 -9.22 -30.84 -5.58
N ALA F 211 -9.25 -32.15 -5.34
CA ALA F 211 -8.09 -33.02 -5.58
C ALA F 211 -8.26 -33.81 -6.87
N PRO F 212 -7.22 -33.84 -7.71
CA PRO F 212 -7.22 -34.71 -8.89
C PRO F 212 -7.57 -36.16 -8.55
N THR F 213 -7.18 -36.60 -7.36
CA THR F 213 -7.45 -37.96 -6.92
C THR F 213 -8.85 -38.07 -6.31
C1 NAG G . -7.22 -33.28 12.42
C2 NAG G . -6.04 -34.18 12.61
C3 NAG G . -4.76 -33.49 12.79
C4 NAG G . -4.49 -32.45 11.81
C5 NAG G . -5.72 -31.56 11.56
C6 NAG G . -5.44 -30.55 10.43
C7 NAG G . -6.70 -36.32 13.78
C8 NAG G . -6.87 -37.11 15.08
N2 NAG G . -6.22 -34.96 13.84
O3 NAG G . -3.77 -34.49 12.74
O4 NAG G . -3.40 -31.63 12.25
O5 NAG G . -6.92 -32.28 11.36
O6 NAG G . -4.83 -31.05 9.30
O7 NAG G . -6.98 -36.81 12.71
H1 NAG G . -7.43 -32.76 13.36
H2 NAG G . -6.01 -34.86 11.77
H3 NAG G . -4.75 -33.02 13.78
H4 NAG G . -4.24 -32.91 10.86
H5 NAG G . -5.94 -31.00 12.47
H61 NAG G . -4.72 -29.80 10.79
H62 NAG G . -6.35 -30.04 10.16
H81 NAG G . -7.91 -37.41 15.20
H82 NAG G . -6.24 -38.00 15.05
H83 NAG G . -6.58 -36.48 15.93
HN2 NAG G . -5.84 -34.59 14.70
HO3 NAG G . -4.20 -35.36 12.60
HO6 NAG G . -4.68 -32.01 9.41
C1 NAG G . -2.14 -32.12 11.75
C2 NAG G . -1.07 -31.06 11.80
C3 NAG G . 0.24 -31.54 11.35
C4 NAG G . 0.64 -32.82 11.94
C5 NAG G . -0.48 -33.87 12.01
C6 NAG G . 0.00 -35.09 12.81
C7 NAG G . -1.79 -28.65 11.40
C8 NAG G . -2.21 -27.56 10.41
N2 NAG G . -1.47 -29.97 10.90
O3 NAG G . 1.20 -30.55 11.65
O4 NAG G . 1.72 -33.35 11.20
O5 NAG G . -1.69 -33.34 12.48
O6 NAG G . 0.39 -34.87 14.12
O7 NAG G . -1.76 -28.42 12.58
H1 NAG G . -2.34 -32.37 10.70
H2 NAG G . -1.04 -30.68 12.83
H3 NAG G . 0.20 -31.69 10.27
H4 NAG G . 0.96 -32.63 12.97
H5 NAG G . -0.71 -34.20 11.00
H61 NAG G . 0.90 -35.50 12.34
H62 NAG G . -0.77 -35.87 12.79
H81 NAG G . -3.20 -27.22 10.64
H82 NAG G . -1.50 -26.73 10.48
H83 NAG G . -2.18 -27.96 9.40
HN2 NAG G . -1.50 -30.15 9.90
HO3 NAG G . 0.76 -29.79 12.07
HO6 NAG G . 0.29 -33.92 14.33
C1 BMA G . 2.98 -33.09 11.84
C2 BMA G . 3.96 -34.19 11.53
C3 BMA G . 5.34 -33.88 11.93
C4 BMA G . 5.78 -32.65 11.37
C5 BMA G . 4.86 -31.56 11.78
C6 BMA G . 5.14 -30.19 11.24
O2 BMA G . 4.00 -34.43 10.16
O3 BMA G . 6.20 -34.95 11.49
O4 BMA G . 7.02 -32.28 11.91
O5 BMA G . 3.44 -31.84 11.47
O6 BMA G . 4.18 -29.25 11.60
H1 BMA G . 2.78 -33.07 12.80
H2 BMA G . 3.70 -35.03 12.00
H3 BMA G . 5.40 -33.84 12.87
H4 BMA G . 5.92 -32.70 10.40
H5 BMA G . 4.90 -31.54 12.76
H61 BMA G . 6.01 -29.89 11.57
H62 BMA G . 5.18 -30.24 10.26
HO2 BMA G . 3.45 -33.88 9.77
HO4 BMA G . 7.30 -32.91 12.51
C1 MAN G . 4.73 -27.93 11.51
C2 MAN G . 3.71 -26.97 12.09
C3 MAN G . 2.51 -26.90 11.27
C4 MAN G . 2.79 -26.70 9.89
C5 MAN G . 3.81 -27.64 9.32
C6 MAN G . 4.21 -27.36 7.90
O2 MAN G . 4.24 -25.69 12.15
O3 MAN G . 1.70 -25.81 11.70
O4 MAN G . 1.63 -26.94 9.15
O5 MAN G . 5.03 -27.67 10.18
O6 MAN G . 4.79 -26.11 7.75
H1 MAN G . 5.64 -27.90 12.10
H2 MAN G . 3.46 -27.31 13.09
H3 MAN G . 1.95 -27.83 11.38
H4 MAN G . 3.11 -25.67 9.76
H5 MAN G . 3.41 -28.66 9.38
H61 MAN G . 4.93 -28.11 7.57
H62 MAN G . 3.33 -27.43 7.25
HO2 MAN G . 5.16 -25.70 11.80
HO4 MAN G . 0.89 -27.18 9.76
C1 MAN G . 0.91 -26.18 12.85
C2 MAN G . -0.36 -25.37 12.88
C3 MAN G . -0.10 -23.94 13.12
C4 MAN G . 0.76 -23.74 14.24
C5 MAN G . 1.99 -24.58 14.14
C6 MAN G . 3.03 -24.46 15.23
O2 MAN G . -1.20 -25.82 13.89
O3 MAN G . -1.33 -23.27 13.33
O4 MAN G . 1.23 -22.42 14.32
O5 MAN G . 1.64 -26.00 14.01
O6 MAN G . 4.28 -25.05 14.93
H1 MAN G . 0.66 -27.24 12.74
H2 MAN G . -0.85 -25.47 11.91
H3 MAN G . 0.40 -23.52 12.24
H4 MAN G . 0.19 -23.98 15.15
H5 MAN G . 2.47 -24.37 13.19
H61 MAN G . 3.25 -23.41 15.41
H62 MAN G . 2.65 -24.87 16.17
HO2 MAN G . -0.77 -26.56 14.35
HO4 MAN G . 0.87 -21.91 13.57
C1 MAN G . 4.98 -25.68 6.39
C2 MAN G . 5.36 -24.23 6.51
C3 MAN G . 4.25 -23.49 7.09
C4 MAN G . 3.09 -23.59 6.28
C5 MAN G . 2.69 -25.01 6.02
C6 MAN G . 1.56 -25.16 5.03
O2 MAN G . 5.63 -23.66 5.27
O3 MAN G . 4.64 -22.13 7.18
O4 MAN G . 1.99 -23.03 6.94
O5 MAN G . 3.84 -25.86 5.61
O6 MAN G . 1.85 -24.80 3.71
H1 MAN G . 5.80 -26.25 5.96
H2 MAN G . 6.24 -24.16 7.14
H3 MAN G . 4.06 -23.89 8.08
H4 MAN G . 3.27 -23.06 5.35
H5 MAN G . 2.37 -25.45 6.97
H61 MAN G . 1.28 -26.21 4.94
H62 MAN G . 0.69 -24.61 5.37
HO2 MAN G . 5.51 -24.33 4.57
HO4 MAN G . 2.26 -22.70 7.81
C1 MAN G . 6.11 -36.04 12.44
C2 MAN G . 7.50 -36.32 12.97
C3 MAN G . 8.40 -36.72 11.88
C4 MAN G . 7.90 -37.77 11.06
C5 MAN G . 6.43 -37.68 10.74
C6 MAN G . 5.82 -38.97 10.21
O2 MAN G . 7.47 -37.37 13.88
O3 MAN G . 9.62 -37.17 12.46
O4 MAN G . 8.52 -37.71 9.81
O5 MAN G . 5.59 -37.18 11.85
O6 MAN G . 5.23 -38.93 8.95
H1 MAN G . 5.47 -35.71 13.25
H2 MAN G . 7.87 -35.43 13.45
H3 MAN G . 8.59 -35.85 11.25
H4 MAN G . 8.13 -38.72 11.54
H5 MAN G . 6.30 -36.91 9.98
H61 MAN G . 6.60 -39.72 10.08
H62 MAN G . 5.11 -39.35 10.93
HO2 MAN G . 6.55 -37.69 13.97
HO4 MAN G . 9.15 -36.97 9.79
C1 NAG H . -8.51 -30.75 26.60
C2 NAG H . -8.67 -29.76 27.71
C3 NAG H . -9.60 -28.68 27.37
C4 NAG H . -9.24 -28.04 26.10
C5 NAG H . -8.98 -29.03 24.95
C6 NAG H . -8.55 -28.30 23.67
C7 NAG H . -8.28 -31.19 29.76
C8 NAG H . -8.83 -31.95 30.97
N2 NAG H . -9.19 -30.50 28.87
O3 NAG H . -9.60 -27.72 28.41
O4 NAG H . -10.29 -27.15 25.75
O5 NAG H . -8.11 -30.08 25.33
O6 NAG H . -7.36 -27.62 23.69
O7 NAG H . -7.09 -31.17 29.54
H2 NAG H . -7.69 -29.37 27.97
H3 NAG H . -10.60 -29.11 27.25
H4 NAG H . -8.32 -27.48 26.25
H5 NAG H . -9.90 -29.57 24.75
H61 NAG H . -9.27 -27.50 23.46
H62 NAG H . -8.56 -28.99 22.84
H81 NAG H . -8.40 -31.54 31.88
H82 NAG H . -8.55 -33.01 30.89
H83 NAG H . -9.91 -31.87 30.99
HN2 NAG H . -10.15 -30.34 29.17
HO3 NAG H . -8.99 -28.01 29.12
HO6 NAG H . -6.94 -27.72 24.57
C1 NAG H . -9.80 -25.79 25.83
C2 NAG H . -10.89 -24.85 25.42
C3 NAG H . -10.52 -23.43 25.60
C4 NAG H . -9.94 -23.15 26.89
C5 NAG H . -8.88 -24.15 27.39
C6 NAG H . -8.54 -23.83 28.85
C7 NAG H . -12.36 -25.81 23.61
C8 NAG H . -12.64 -26.11 22.13
N2 NAG H . -11.15 -25.12 24.00
O3 NAG H . -11.70 -22.67 25.45
O4 NAG H . -9.36 -21.85 26.90
O5 NAG H . -9.26 -25.49 27.19
O6 NAG H . -9.51 -24.12 29.79
O7 NAG H . -13.16 -26.14 24.45
H1 NAG H . -8.99 -25.75 25.10
H2 NAG H . -11.78 -25.09 25.99
H3 NAG H . -9.81 -23.16 24.82
H4 NAG H . -10.73 -23.19 27.65
H5 NAG H . -7.98 -24.03 26.79
H61 NAG H . -8.39 -22.75 28.95
H62 NAG H . -7.61 -24.32 29.13
H81 NAG H . -12.74 -27.18 21.98
H82 NAG H . -13.56 -25.60 21.82
H83 NAG H . -11.81 -25.73 21.52
HN2 NAG H . -10.38 -25.05 23.34
HO3 NAG H . -12.46 -23.26 25.26
HO6 NAG H . -10.30 -24.50 29.35
C1 BMA H . -10.05 -20.87 27.86
C2 BMA H . -9.16 -19.69 28.20
C3 BMA H . -9.88 -18.77 29.21
C4 BMA H . -11.25 -18.41 28.64
C5 BMA H . -12.02 -19.70 28.36
C6 BMA H . -13.36 -19.33 27.73
O2 BMA H . -8.96 -18.94 27.03
O3 BMA H . -9.15 -17.56 29.36
O4 BMA H . -11.95 -17.72 29.65
O5 BMA H . -11.27 -20.38 27.35
O6 BMA H . -13.98 -20.58 27.43
H1 BMA H . -10.23 -21.41 28.66
H2 BMA H . -8.30 -19.98 28.59
H3 BMA H . -9.97 -19.19 30.06
H4 BMA H . -11.21 -17.80 27.88
H5 BMA H . -12.08 -20.24 29.16
H61 BMA H . -13.90 -18.82 28.35
H62 BMA H . -13.21 -18.82 26.90
HO2 BMA H . -9.13 -19.43 26.34
HO4 BMA H . -11.37 -17.29 30.19
C1 MAN H . -15.37 -20.48 27.35
C2 MAN H . -15.69 -20.14 25.89
C3 MAN H . -15.67 -18.64 25.69
C4 MAN H . -16.48 -17.95 26.77
C5 MAN H . -16.06 -18.38 28.18
C6 MAN H . -16.92 -17.71 29.25
O2 MAN H . -16.96 -20.65 25.53
O3 MAN H . -16.23 -18.33 24.43
O4 MAN H . -16.32 -16.55 26.61
O5 MAN H . -16.23 -19.78 28.25
O6 MAN H . -18.25 -18.07 28.97
H1 MAN H . -15.49 -21.55 27.50
H2 MAN H . -14.93 -20.59 25.26
H3 MAN H . -14.64 -18.30 25.72
H4 MAN H . -17.53 -18.20 26.64
H5 MAN H . -15.03 -18.08 28.34
H61 MAN H . -16.57 -18.04 30.23
H62 MAN H . -16.81 -16.64 29.19
HO2 MAN H . -17.36 -21.10 26.29
HO4 MAN H . -15.73 -16.39 25.85
C1 MAN H . -15.25 -18.37 23.38
C2 MAN H . -14.88 -17.11 22.61
C3 MAN H . -15.85 -16.86 21.46
C4 MAN H . -16.00 -18.15 20.66
C5 MAN H . -16.32 -19.31 21.60
C6 MAN H . -16.49 -20.63 20.88
O2 MAN H . -13.57 -17.27 22.09
O3 MAN H . -15.34 -15.86 20.61
O4 MAN H . -17.02 -18.02 19.71
O5 MAN H . -15.23 -19.44 22.48
O6 MAN H . -17.20 -21.48 21.76
H1 MAN H . -14.52 -18.53 24.17
H2 MAN H . -14.90 -16.26 23.30
H3 MAN H . -16.80 -16.52 21.87
H4 MAN H . -15.05 -18.35 20.15
H5 MAN H . -17.24 -19.08 22.13
H61 MAN H . -16.99 -20.47 19.93
H62 MAN H . -15.51 -21.06 20.67
HO2 MAN H . -13.21 -18.14 22.36
HO4 MAN H . -17.42 -17.12 19.78
C1 MAN H . -8.16 -17.79 30.40
C2 MAN H . -8.27 -16.67 31.44
C3 MAN H . -7.92 -15.34 30.78
C4 MAN H . -6.55 -15.47 30.10
C5 MAN H . -6.61 -16.61 29.10
C6 MAN H . -5.24 -16.82 28.48
O2 MAN H . -7.31 -16.91 32.44
O3 MAN H . -7.80 -14.38 31.80
O4 MAN H . -6.31 -14.29 29.38
O5 MAN H . -6.86 -17.79 29.86
O6 MAN H . -5.30 -18.08 27.81
H1 MAN H . -8.37 -18.75 30.87
H2 MAN H . -9.27 -16.72 31.87
H3 MAN H . -8.74 -15.06 30.11
H4 MAN H . -5.80 -15.58 30.88
H5 MAN H . -7.31 -16.34 28.30
H61 MAN H . -4.99 -15.96 27.84
H62 MAN H . -4.49 -16.86 29.27
HO2 MAN H . -6.81 -17.71 32.23
HO4 MAN H . -7.07 -13.68 29.48
C1 NAG I . 0.96 36.54 -14.14
C2 NAG I . 1.92 36.17 -13.07
C3 NAG I . 1.91 34.74 -12.73
C4 NAG I . 0.58 34.24 -12.39
C5 NAG I . -0.43 34.59 -13.50
C6 NAG I . -1.84 34.13 -13.11
C7 NAG I . 3.91 37.73 -13.28
C8 NAG I . 3.17 38.78 -12.45
N2 NAG I . 3.27 36.47 -13.58
O3 NAG I . 2.81 34.55 -11.66
O4 NAG I . 0.61 32.83 -12.17
O5 NAG I . -0.39 35.95 -13.88
O6 NAG I . -2.32 34.56 -11.89
O7 NAG I . 5.01 37.95 -13.70
H1 NAG I . 1.32 36.19 -15.11
H2 NAG I . 1.73 36.78 -12.21
H3 NAG I . 2.26 34.17 -13.59
H4 NAG I . 0.25 34.74 -11.49
H5 NAG I . -0.14 34.07 -14.42
H61 NAG I . -1.87 33.05 -13.03
H62 NAG I . -2.54 34.43 -13.90
H81 NAG I . 3.75 39.01 -11.55
H82 NAG I . 3.05 39.69 -13.04
H83 NAG I . 2.19 38.41 -12.17
HN2 NAG I . 3.69 35.83 -14.23
HO3 NAG I . 3.21 35.41 -11.41
HO6 NAG I . -1.64 35.12 -11.46
C1 NAG I . 0.78 32.49 -10.78
C2 NAG I . 0.26 31.11 -10.57
C3 NAG I . 0.45 30.61 -9.20
C4 NAG I . 1.78 30.82 -8.66
C5 NAG I . 2.39 32.20 -8.96
C6 NAG I . 3.85 32.20 -8.48
C7 NAG I . -1.74 30.38 -11.96
C8 NAG I . -3.25 30.42 -12.20
N2 NAG I . -1.19 31.12 -10.85
O3 NAG I . 0.16 29.22 -9.20
O4 NAG I . 1.72 30.66 -7.25
O5 NAG I . 2.18 32.63 -10.30
O6 NAG I . 4.85 32.16 -9.44
O7 NAG I . -1.03 29.75 -12.71
H1 NAG I . 0.13 33.20 -10.25
H2 NAG I . 0.74 30.45 -11.29
H3 NAG I . -0.27 31.12 -8.55
H4 NAG I . 2.45 30.08 -9.08
H5 NAG I . 1.84 32.96 -8.39
H61 NAG I . 4.05 31.30 -7.91
H62 NAG I . 4.02 33.05 -7.83
H81 NAG I . -3.45 30.84 -13.20
H82 NAG I . -3.65 29.41 -12.16
H83 NAG I . -3.73 31.04 -11.45
HN2 NAG I . -1.80 31.55 -10.18
HO3 NAG I . -0.08 28.94 -10.11
HO6 NAG I . 4.45 32.13 -10.33
C1 BMA I . 2.27 29.39 -6.85
C2 BMA I . 2.95 29.54 -5.49
C3 BMA I . 3.32 28.25 -4.89
C4 BMA I . 2.24 27.34 -4.84
C5 BMA I . 1.65 27.14 -6.20
C6 BMA I . 0.43 26.27 -6.32
O2 BMA I . 2.09 30.16 -4.57
O3 BMA I . 3.82 28.51 -3.57
O4 BMA I . 2.72 26.07 -4.48
O5 BMA I . 1.29 28.42 -6.87
O6 BMA I . -0.05 26.21 -7.63
H1 BMA I . 2.95 29.19 -7.53
H2 BMA I . 3.77 30.07 -5.58
H3 BMA I . 4.02 27.87 -5.39
H4 BMA I . 1.56 27.56 -4.16
H5 BMA I . 2.37 26.78 -6.74
H61 BMA I . 0.65 25.37 -6.03
H62 BMA I . -0.28 26.63 -5.75
HO2 BMA I . 1.33 30.34 -4.97
HO4 BMA I . 3.61 26.11 -4.36
C1 MAN I . -1.01 25.15 -7.76
C2 MAN I . -1.39 25.04 -9.23
C3 MAN I . -2.25 26.15 -9.65
C4 MAN I . -3.37 26.35 -8.79
C5 MAN I . -2.99 26.48 -7.35
C6 MAN I . -4.16 26.55 -6.40
O2 MAN I . -2.06 23.84 -9.44
O3 MAN I . -2.77 25.92 -10.97
O4 MAN I . -4.02 27.55 -9.10
O5 MAN I . -2.10 25.39 -6.91
O6 MAN I . -4.72 25.29 -6.13
H1 MAN I . -0.49 24.24 -7.45
H2 MAN I . -0.48 25.06 -9.82
H3 MAN I . -1.66 27.07 -9.64
H4 MAN I . -4.06 25.52 -8.93
H5 MAN I . -2.39 27.39 -7.24
H61 MAN I . -3.83 26.98 -5.45
H62 MAN I . -4.92 27.21 -6.82
HO2 MAN I . -2.11 23.35 -8.59
HO4 MAN I . -3.56 28.00 -9.84
C1 MAN I . -1.85 26.40 -11.97
C2 MAN I . -2.60 26.82 -13.20
C3 MAN I . -3.30 25.69 -13.82
C4 MAN I . -2.42 24.58 -14.02
C5 MAN I . -1.67 24.22 -12.77
C6 MAN I . -0.72 23.05 -12.84
O2 MAN I . -1.75 27.35 -14.18
O3 MAN I . -3.83 26.10 -15.08
O4 MAN I . -3.14 23.42 -14.33
O5 MAN I . -0.94 25.39 -12.25
O6 MAN I . -0.39 22.48 -11.60
H1 MAN I . -1.32 27.25 -11.54
H2 MAN I . -3.34 27.57 -12.92
H3 MAN I . -4.12 25.38 -13.16
H4 MAN I . -1.74 24.82 -14.84
H5 MAN I . -2.39 24.04 -11.97
H61 MAN I . -1.18 22.24 -13.40
H62 MAN I . 0.18 23.35 -13.36
HO2 MAN I . -0.83 27.34 -13.85
HO4 MAN I . -4.10 23.62 -14.34
C1 MAN I . -6.04 25.33 -5.57
C2 MAN I . -6.75 24.11 -6.11
C3 MAN I . -7.10 24.28 -7.52
C4 MAN I . -7.89 25.44 -7.70
C5 MAN I . -7.19 26.67 -7.22
C6 MAN I . -7.94 27.97 -7.38
O2 MAN I . -7.91 23.86 -5.39
O3 MAN I . -7.82 23.13 -7.98
O4 MAN I . -8.09 25.69 -9.06
O5 MAN I . -6.72 26.52 -5.82
O6 MAN I . -9.23 28.04 -6.84
H1 MAN I . -5.89 25.22 -4.50
H2 MAN I . -6.08 23.25 -6.02
H3 MAN I . -6.18 24.38 -8.09
H4 MAN I . -8.86 25.28 -7.22
H5 MAN I . -6.24 26.76 -7.76
H61 MAN I . -7.43 28.76 -6.82
H62 MAN I . -7.96 28.26 -8.43
HO2 MAN I . -8.02 24.53 -4.70
HO4 MAN I . -7.63 25.01 -9.60
C1 MAN I . 5.20 28.92 -3.69
C2 MAN I . 6.04 28.17 -2.69
C3 MAN I . 5.66 28.47 -1.31
C4 MAN I . 5.31 29.83 -1.05
C5 MAN I . 5.27 30.82 -2.18
C6 MAN I . 6.30 31.92 -2.03
O2 MAN I . 7.38 28.54 -2.83
O3 MAN I . 6.76 28.14 -0.48
O4 MAN I . 3.99 29.87 -0.57
O5 MAN I . 5.37 30.28 -3.56
O6 MAN I . 6.13 32.84 -1.00
H1 MAN I . 5.48 28.62 -4.71
H2 MAN I . 5.94 27.11 -2.88
H3 MAN I . 4.81 27.84 -1.05
H4 MAN I . 5.98 30.21 -0.28
H5 MAN I . 4.29 31.29 -2.20
H61 MAN I . 7.27 31.48 -1.79
H62 MAN I . 6.40 32.46 -2.98
HO2 MAN I . 7.46 29.20 -3.56
HO4 MAN I . 3.63 28.96 -0.54
C1 NAG J . 9.32 31.04 -24.63
C2 NAG J . 9.49 30.13 -25.79
C3 NAG J . 8.39 30.20 -26.76
C4 NAG J . 7.10 30.01 -26.11
C5 NAG J . 6.89 30.93 -24.89
C6 NAG J . 5.51 30.68 -24.25
C7 NAG J . 11.98 29.98 -26.02
C8 NAG J . 13.28 30.36 -26.76
N2 NAG J . 10.73 30.48 -26.50
O3 NAG J . 8.60 29.23 -27.77
O4 NAG J . 6.08 30.20 -27.09
O5 NAG J . 7.97 30.87 -23.99
O6 NAG J . 5.23 29.41 -23.77
O7 NAG J . 12.02 29.27 -25.04
H1 NAG J . 9.43 32.08 -24.97
H2 NAG J . 9.59 29.11 -25.41
H3 NAG J . 8.40 31.20 -27.21
H4 NAG J . 7.05 28.98 -25.74
H5 NAG J . 6.93 31.97 -25.23
H61 NAG J . 4.73 30.81 -25.00
H62 NAG J . 5.33 31.41 -23.47
H81 NAG J . 13.95 30.88 -26.09
H82 NAG J . 13.77 29.46 -27.12
H83 NAG J . 13.04 31.00 -27.61
HN2 NAG J . 10.66 30.86 -27.44
HO3 NAG J . 9.42 28.73 -27.57
HO6 NAG J . 6.01 28.83 -23.93
C1 NAG J . 5.36 28.97 -27.27
C2 NAG J . 4.14 29.30 -28.07
C3 NAG J . 3.44 28.11 -28.57
C4 NAG J . 4.32 27.20 -29.28
C5 NAG J . 5.57 26.79 -28.46
C6 NAG J . 6.52 25.93 -29.31
C7 NAG J . 2.95 31.43 -27.38
C8 NAG J . 1.99 32.15 -26.43
N2 NAG J . 3.23 30.03 -27.17
O3 NAG J . 2.38 28.51 -29.41
O4 NAG J . 3.53 26.08 -29.65
O5 NAG J . 6.23 27.90 -27.87
O6 NAG J . 6.98 26.45 -30.50
O7 NAG J . 3.46 32.03 -28.29
H1 NAG J . 5.06 28.70 -26.26
H2 NAG J . 4.42 29.95 -28.89
H3 NAG J . 3.03 27.56 -27.71
H4 NAG J . 4.67 27.70 -30.18
H5 NAG J . 5.23 26.21 -27.61
H61 NAG J . 5.99 25.02 -29.63
H62 NAG J . 7.37 25.62 -28.69
H81 NAG J . 2.52 32.98 -25.94
H82 NAG J . 1.15 32.55 -27.00
H83 NAG J . 1.64 31.46 -25.67
HN2 NAG J . 2.71 29.51 -26.48
HO3 NAG J . 2.37 29.48 -29.47
HO6 NAG J . 6.60 27.35 -30.63
C1 BMA K . 3.13 26.39 -31.25
C2 BMA K . 3.07 24.88 -31.06
C3 BMA K . 3.23 24.19 -32.42
C4 BMA K . 2.18 24.76 -33.38
C5 BMA K . 2.36 26.27 -33.46
C6 BMA K . 1.28 26.86 -34.35
O2 BMA K . 1.80 24.55 -30.56
O3 BMA K . 2.95 22.80 -32.29
O4 BMA K . 2.44 24.24 -34.66
O5 BMA K . 2.11 26.78 -32.15
O6 BMA K . 1.49 28.27 -34.33
H1 BMA K . 3.99 26.65 -31.61
H2 BMA K . 3.79 24.57 -30.46
H3 BMA K . 4.09 24.29 -32.77
H4 BMA K . 1.26 24.49 -33.16
H5 BMA K . 3.28 26.49 -33.73
H61 BMA K . 1.37 26.53 -35.27
H62 BMA K . 0.39 26.64 -33.99
HO2 BMA K . 1.44 25.26 -30.20
HO4 BMA K . 2.82 23.43 -34.59
C1 MAN K . 4.17 22.15 -31.91
C2 MAN K . 4.44 20.99 -32.86
C3 MAN K . 3.33 19.94 -32.68
C4 MAN K . 3.24 19.57 -31.20
C5 MAN K . 2.98 20.85 -30.39
C6 MAN K . 2.98 20.52 -28.90
O2 MAN K . 5.65 20.37 -32.50
O3 MAN K . 3.71 18.79 -33.37
O4 MAN K . 2.12 18.74 -31.01
O5 MAN K . 4.13 21.67 -30.60
O6 MAN K . 3.07 21.78 -28.24
H1 MAN K . 4.98 22.89 -32.01
H2 MAN K . 4.52 21.38 -33.88
H3 MAN K . 2.41 20.34 -33.11
H4 MAN K . 4.15 19.04 -30.92
H5 MAN K . 2.00 21.24 -30.66
H61 MAN K . 2.11 19.92 -28.66
H62 MAN K . 3.87 19.92 -28.67
HO2 MAN K . 6.03 20.83 -31.73
HO4 MAN K . 1.68 18.60 -31.88
S SO4 L . -24.31 -58.52 11.74
O1 SO4 L . -24.72 -59.81 11.18
O2 SO4 L . -25.39 -57.99 12.58
O3 SO4 L . -23.10 -58.70 12.54
O4 SO4 L . -24.03 -57.59 10.65
S SO4 M . 8.83 -4.73 -10.37
O1 SO4 M . 9.42 -5.90 -11.00
O2 SO4 M . 7.38 -4.88 -10.30
O3 SO4 M . 9.37 -4.56 -9.03
O4 SO4 M . 9.15 -3.54 -11.16
S SO4 N . 39.16 15.81 39.47
O1 SO4 N . 39.84 14.93 40.41
O2 SO4 N . 38.51 15.01 38.45
O3 SO4 N . 38.15 16.62 40.17
O4 SO4 N . 40.12 16.72 38.83
S SO4 O . 24.44 -23.23 9.58
O1 SO4 O . 24.80 -23.18 11.00
O2 SO4 O . 23.92 -24.56 9.26
O3 SO4 O . 23.41 -22.24 9.31
O4 SO4 O . 25.62 -22.92 8.79
S SO4 P . 21.80 7.24 -2.75
O1 SO4 P . 21.86 5.80 -2.45
O2 SO4 P . 20.69 7.51 -3.65
O3 SO4 P . 21.59 7.95 -1.49
O4 SO4 P . 23.05 7.66 -3.37
S SO4 Q . 28.22 -3.60 -7.21
O1 SO4 Q . 28.35 -3.77 -5.76
O2 SO4 Q . 26.87 -3.99 -7.62
O3 SO4 Q . 28.45 -2.20 -7.58
O4 SO4 Q . 29.22 -4.44 -7.88
S SO4 R . 22.38 2.11 30.03
O1 SO4 R . 23.01 0.83 30.35
O2 SO4 R . 21.02 2.13 30.58
O3 SO4 R . 23.15 3.20 30.62
O4 SO4 R . 22.30 2.29 28.58
S SO4 S . 18.10 -1.73 11.33
O1 SO4 S . 17.76 -2.68 12.39
O2 SO4 S . 16.96 -1.54 10.44
O3 SO4 S . 18.44 -0.45 11.94
O4 SO4 S . 19.23 -2.24 10.57
S SO4 T . -1.57 9.03 4.56
O1 SO4 T . -0.20 8.53 4.39
O2 SO4 T . -2.41 7.97 5.11
O3 SO4 T . -1.55 10.19 5.45
O4 SO4 T . -2.10 9.44 3.26
S SO4 U . -3.04 17.99 6.17
O1 SO4 U . -3.59 16.94 7.03
O2 SO4 U . -3.54 19.28 6.61
O3 SO4 U . -1.59 17.96 6.25
O4 SO4 U . -3.46 17.76 4.78
S SO4 V . -31.30 15.95 -2.48
O1 SO4 V . -30.69 15.67 -1.19
O2 SO4 V . -32.73 15.67 -2.40
O3 SO4 V . -31.09 17.35 -2.83
O4 SO4 V . -30.70 15.11 -3.51
S SO4 W . -14.86 -0.55 -10.16
O1 SO4 W . -14.44 -1.58 -9.21
O2 SO4 W . -16.30 -0.66 -10.38
O3 SO4 W . -14.57 0.78 -9.60
O4 SO4 W . -14.16 -0.73 -11.42
#